data_5M0H
# 
_entry.id   5M0H 
# 
_audit_conform.dict_name       mmcif_pdbx.dic 
_audit_conform.dict_version    5.383 
_audit_conform.dict_location   http://mmcif.pdb.org/dictionaries/ascii/mmcif_pdbx.dic 
# 
loop_
_database_2.database_id 
_database_2.database_code 
_database_2.pdbx_database_accession 
_database_2.pdbx_DOI 
PDB   5M0H         pdb_00005m0h 10.2210/pdb5m0h/pdb 
WWPDB D_1200001681 ?            ?                   
# 
loop_
_pdbx_audit_revision_history.ordinal 
_pdbx_audit_revision_history.data_content_type 
_pdbx_audit_revision_history.major_revision 
_pdbx_audit_revision_history.minor_revision 
_pdbx_audit_revision_history.revision_date 
1 'Structure model' 1 0 2017-01-18 
2 'Structure model' 1 1 2017-01-25 
3 'Structure model' 1 2 2017-02-15 
4 'Structure model' 1 3 2024-01-17 
# 
_pdbx_audit_revision_details.ordinal             1 
_pdbx_audit_revision_details.revision_ordinal    1 
_pdbx_audit_revision_details.data_content_type   'Structure model' 
_pdbx_audit_revision_details.provider            repository 
_pdbx_audit_revision_details.type                'Initial release' 
_pdbx_audit_revision_details.description         ? 
_pdbx_audit_revision_details.details             ? 
# 
loop_
_pdbx_audit_revision_group.ordinal 
_pdbx_audit_revision_group.revision_ordinal 
_pdbx_audit_revision_group.data_content_type 
_pdbx_audit_revision_group.group 
1 2 'Structure model' 'Database references'    
2 3 'Structure model' 'Database references'    
3 4 'Structure model' 'Data collection'        
4 4 'Structure model' 'Database references'    
5 4 'Structure model' 'Refinement description' 
# 
loop_
_pdbx_audit_revision_category.ordinal 
_pdbx_audit_revision_category.revision_ordinal 
_pdbx_audit_revision_category.data_content_type 
_pdbx_audit_revision_category.category 
1 4 'Structure model' chem_comp_atom                
2 4 'Structure model' chem_comp_bond                
3 4 'Structure model' database_2                    
4 4 'Structure model' pdbx_initial_refinement_model 
# 
loop_
_pdbx_audit_revision_item.ordinal 
_pdbx_audit_revision_item.revision_ordinal 
_pdbx_audit_revision_item.data_content_type 
_pdbx_audit_revision_item.item 
1 4 'Structure model' '_database_2.pdbx_DOI'                
2 4 'Structure model' '_database_2.pdbx_database_accession' 
# 
_pdbx_database_status.status_code                     REL 
_pdbx_database_status.status_code_sf                  REL 
_pdbx_database_status.status_code_mr                  ? 
_pdbx_database_status.entry_id                        5M0H 
_pdbx_database_status.recvd_initial_deposition_date   2016-10-05 
_pdbx_database_status.SG_entry                        N 
_pdbx_database_status.deposit_site                    PDBE 
_pdbx_database_status.process_site                    PDBE 
_pdbx_database_status.status_code_cs                  ? 
_pdbx_database_status.methods_development_category    ? 
_pdbx_database_status.pdb_format_compatible           Y 
_pdbx_database_status.status_code_nmr_data            ? 
# 
loop_
_audit_author.name 
_audit_author.pdbx_ordinal 
'Edelmann, F.T.' 1 
'Janowski, R.'   2 
'Niessing, D.'   3 
# 
_citation.abstract                  ? 
_citation.abstract_id_CAS           ? 
_citation.book_id_ISBN              ? 
_citation.book_publisher            ? 
_citation.book_publisher_city       ? 
_citation.book_title                ? 
_citation.coordinate_linkage        ? 
_citation.country                   US 
_citation.database_id_Medline       ? 
_citation.details                   ? 
_citation.id                        primary 
_citation.journal_abbrev            'Nat. Struct. Mol. Biol.' 
_citation.journal_id_ASTM           ? 
_citation.journal_id_CSD            ? 
_citation.journal_id_ISSN           1545-9985 
_citation.journal_full              ? 
_citation.journal_issue             ? 
_citation.journal_volume            24 
_citation.language                  ? 
_citation.page_first                152 
_citation.page_last                 161 
_citation.title                     'Molecular architecture and dynamics of ASH1 mRNA recognition by its mRNA-transport complex.' 
_citation.year                      2017 
_citation.database_id_CSD           ? 
_citation.pdbx_database_id_DOI      10.1038/nsmb.3351 
_citation.pdbx_database_id_PubMed   28092367 
_citation.unpublished_flag          ? 
# 
loop_
_citation_author.citation_id 
_citation_author.name 
_citation_author.ordinal 
_citation_author.identifier_ORCID 
primary 'Edelmann, F.T.'      1  ? 
primary 'Schlundt, A.'        2  ? 
primary 'Heym, R.G.'          3  ? 
primary 'Jenner, A.'          4  ? 
primary 'Niedner-Boblenz, A.' 5  ? 
primary 'Syed, M.I.'          6  ? 
primary 'Paillart, J.C.'      7  ? 
primary 'Stehle, R.'          8  ? 
primary 'Janowski, R.'        9  ? 
primary 'Sattler, M.'         10 ? 
primary 'Jansen, R.P.'        11 ? 
primary 'Niessing, D.'        12 ? 
# 
loop_
_entity.id 
_entity.type 
_entity.src_method 
_entity.pdbx_description 
_entity.formula_weight 
_entity.pdbx_number_of_molecules 
_entity.pdbx_ec 
_entity.pdbx_mutation 
_entity.pdbx_fragment 
_entity.details 
1 polymer     syn 'ASH1 E3 (42 nt-TL/TLR)' 13504.076 1  ? ? ? ? 
2 non-polymer syn 'SULFATE ION'            96.063    1  ? ? ? ? 
3 water       nat water                    18.015    10 ? ? ? ? 
# 
_entity_poly.entity_id                      1 
_entity_poly.type                           polyribonucleotide 
_entity_poly.nstd_linkage                   no 
_entity_poly.nstd_monomer                   no 
_entity_poly.pdbx_seq_one_letter_code       GAUAACUGAAUCGCUAAGGAUGAAAGUCUAUGCGACAUUAUC 
_entity_poly.pdbx_seq_one_letter_code_can   GAUAACUGAAUCGCUAAGGAUGAAAGUCUAUGCGACAUUAUC 
_entity_poly.pdbx_strand_id                 A 
_entity_poly.pdbx_target_identifier         ? 
# 
loop_
_pdbx_entity_nonpoly.entity_id 
_pdbx_entity_nonpoly.name 
_pdbx_entity_nonpoly.comp_id 
2 'SULFATE ION' SO4 
3 water         HOH 
# 
loop_
_entity_poly_seq.entity_id 
_entity_poly_seq.num 
_entity_poly_seq.mon_id 
_entity_poly_seq.hetero 
1 1  G n 
1 2  A n 
1 3  U n 
1 4  A n 
1 5  A n 
1 6  C n 
1 7  U n 
1 8  G n 
1 9  A n 
1 10 A n 
1 11 U n 
1 12 C n 
1 13 G n 
1 14 C n 
1 15 U n 
1 16 A n 
1 17 A n 
1 18 G n 
1 19 G n 
1 20 A n 
1 21 U n 
1 22 G n 
1 23 A n 
1 24 A n 
1 25 A n 
1 26 G n 
1 27 U n 
1 28 C n 
1 29 U n 
1 30 A n 
1 31 U n 
1 32 G n 
1 33 C n 
1 34 G n 
1 35 A n 
1 36 C n 
1 37 A n 
1 38 U n 
1 39 U n 
1 40 A n 
1 41 U n 
1 42 C n 
# 
_pdbx_entity_src_syn.entity_id              1 
_pdbx_entity_src_syn.pdbx_src_id            1 
_pdbx_entity_src_syn.pdbx_alt_source_flag   sample 
_pdbx_entity_src_syn.pdbx_beg_seq_num       1 
_pdbx_entity_src_syn.pdbx_end_seq_num       42 
_pdbx_entity_src_syn.organism_scientific    'Saccharomyces cerevisiae' 
_pdbx_entity_src_syn.organism_common_name   ? 
_pdbx_entity_src_syn.ncbi_taxonomy_id       4932 
_pdbx_entity_src_syn.details                ? 
# 
loop_
_chem_comp.id 
_chem_comp.type 
_chem_comp.mon_nstd_flag 
_chem_comp.name 
_chem_comp.pdbx_synonyms 
_chem_comp.formula 
_chem_comp.formula_weight 
A   'RNA linking' y "ADENOSINE-5'-MONOPHOSPHATE" ? 'C10 H14 N5 O7 P' 347.221 
C   'RNA linking' y "CYTIDINE-5'-MONOPHOSPHATE"  ? 'C9 H14 N3 O8 P'  323.197 
G   'RNA linking' y "GUANOSINE-5'-MONOPHOSPHATE" ? 'C10 H14 N5 O8 P' 363.221 
HOH non-polymer   . WATER                        ? 'H2 O'            18.015  
SO4 non-polymer   . 'SULFATE ION'                ? 'O4 S -2'         96.063  
U   'RNA linking' y "URIDINE-5'-MONOPHOSPHATE"   ? 'C9 H13 N2 O9 P'  324.181 
# 
loop_
_pdbx_poly_seq_scheme.asym_id 
_pdbx_poly_seq_scheme.entity_id 
_pdbx_poly_seq_scheme.seq_id 
_pdbx_poly_seq_scheme.mon_id 
_pdbx_poly_seq_scheme.ndb_seq_num 
_pdbx_poly_seq_scheme.pdb_seq_num 
_pdbx_poly_seq_scheme.auth_seq_num 
_pdbx_poly_seq_scheme.pdb_mon_id 
_pdbx_poly_seq_scheme.auth_mon_id 
_pdbx_poly_seq_scheme.pdb_strand_id 
_pdbx_poly_seq_scheme.pdb_ins_code 
_pdbx_poly_seq_scheme.hetero 
A 1 1  G 1  1  1  G G A . n 
A 1 2  A 2  2  2  A A A . n 
A 1 3  U 3  3  3  U U A . n 
A 1 4  A 4  4  4  A A A . n 
A 1 5  A 5  5  5  A A A . n 
A 1 6  C 6  6  6  C C A . n 
A 1 7  U 7  7  7  U U A . n 
A 1 8  G 8  8  8  G G A . n 
A 1 9  A 9  9  9  A A A . n 
A 1 10 A 10 10 10 A A A . n 
A 1 11 U 11 11 11 U U A . n 
A 1 12 C 12 12 12 C C A . n 
A 1 13 G 13 13 13 G G A . n 
A 1 14 C 14 14 14 C C A . n 
A 1 15 U 15 15 15 U U A . n 
A 1 16 A 16 16 16 A A A . n 
A 1 17 A 17 17 17 A A A . n 
A 1 18 G 18 18 18 G G A . n 
A 1 19 G 19 19 19 G G A . n 
A 1 20 A 20 20 20 A A A . n 
A 1 21 U 21 21 21 U U A . n 
A 1 22 G 22 22 22 G G A . n 
A 1 23 A 23 23 23 A A A . n 
A 1 24 A 24 24 24 A A A . n 
A 1 25 A 25 25 25 A A A . n 
A 1 26 G 26 26 26 G G A . n 
A 1 27 U 27 27 27 U U A . n 
A 1 28 C 28 28 28 C C A . n 
A 1 29 U 29 29 29 U U A . n 
A 1 30 A 30 30 30 A A A . n 
A 1 31 U 31 31 31 U U A . n 
A 1 32 G 32 32 32 G G A . n 
A 1 33 C 33 33 33 C C A . n 
A 1 34 G 34 34 34 G G A . n 
A 1 35 A 35 35 35 A A A . n 
A 1 36 C 36 36 36 C C A . n 
A 1 37 A 37 37 37 A A A . n 
A 1 38 U 38 38 38 U U A . n 
A 1 39 U 39 39 39 U U A . n 
A 1 40 A 40 40 40 A A A . n 
A 1 41 U 41 41 41 U U A . n 
A 1 42 C 42 42 42 C C A . n 
# 
loop_
_pdbx_nonpoly_scheme.asym_id 
_pdbx_nonpoly_scheme.entity_id 
_pdbx_nonpoly_scheme.mon_id 
_pdbx_nonpoly_scheme.ndb_seq_num 
_pdbx_nonpoly_scheme.pdb_seq_num 
_pdbx_nonpoly_scheme.auth_seq_num 
_pdbx_nonpoly_scheme.pdb_mon_id 
_pdbx_nonpoly_scheme.auth_mon_id 
_pdbx_nonpoly_scheme.pdb_strand_id 
_pdbx_nonpoly_scheme.pdb_ins_code 
B 2 SO4 1  101 1  SO4 SO4 A . 
C 3 HOH 1  201 10 HOH HOH A . 
C 3 HOH 2  202 14 HOH HOH A . 
C 3 HOH 3  203 13 HOH HOH A . 
C 3 HOH 4  204 9  HOH HOH A . 
C 3 HOH 5  205 15 HOH HOH A . 
C 3 HOH 6  206 3  HOH HOH A . 
C 3 HOH 7  207 6  HOH HOH A . 
C 3 HOH 8  208 8  HOH HOH A . 
C 3 HOH 9  209 5  HOH HOH A . 
C 3 HOH 10 210 1  HOH HOH A . 
# 
loop_
_pdbx_unobs_or_zero_occ_atoms.id 
_pdbx_unobs_or_zero_occ_atoms.PDB_model_num 
_pdbx_unobs_or_zero_occ_atoms.polymer_flag 
_pdbx_unobs_or_zero_occ_atoms.occupancy_flag 
_pdbx_unobs_or_zero_occ_atoms.auth_asym_id 
_pdbx_unobs_or_zero_occ_atoms.auth_comp_id 
_pdbx_unobs_or_zero_occ_atoms.auth_seq_id 
_pdbx_unobs_or_zero_occ_atoms.PDB_ins_code 
_pdbx_unobs_or_zero_occ_atoms.auth_atom_id 
_pdbx_unobs_or_zero_occ_atoms.label_alt_id 
_pdbx_unobs_or_zero_occ_atoms.label_asym_id 
_pdbx_unobs_or_zero_occ_atoms.label_comp_id 
_pdbx_unobs_or_zero_occ_atoms.label_seq_id 
_pdbx_unobs_or_zero_occ_atoms.label_atom_id 
1 1 Y 0 A G 8  ? P     ? A G 8  P     
2 1 Y 0 A G 8  ? "C4'" ? A G 8  "C4'" 
3 1 Y 0 A G 8  ? "C3'" ? A G 8  "C3'" 
4 1 Y 0 A G 8  ? "C2'" ? A G 8  "C2'" 
5 1 Y 0 A A 10 ? C5    ? A A 10 C5    
6 1 Y 0 A A 10 ? C2    ? A A 10 C2    
7 1 Y 0 A A 10 ? C4    ? A A 10 C4    
# 
loop_
_software.citation_id 
_software.classification 
_software.compiler_name 
_software.compiler_version 
_software.contact_author 
_software.contact_author_email 
_software.date 
_software.description 
_software.dependencies 
_software.hardware 
_software.language 
_software.location 
_software.mods 
_software.name 
_software.os 
_software.os_version 
_software.type 
_software.version 
_software.pdbx_ordinal 
? refinement       ? ? ? ? ? ? ? ? ? ? ? PHENIX ? ? ? '(1.10_2155: ???)' 1 
? 'data reduction' ? ? ? ? ? ? ? ? ? ? ? XDS    ? ? ? .                  2 
? 'data scaling'   ? ? ? ? ? ? ? ? ? ? ? XSCALE ? ? ? .                  3 
? phasing          ? ? ? ? ? ? ? ? ? ? ? PHASER ? ? ? .                  4 
# 
_cell.angle_alpha                  90.00 
_cell.angle_alpha_esd              ? 
_cell.angle_beta                   90.00 
_cell.angle_beta_esd               ? 
_cell.angle_gamma                  90.00 
_cell.angle_gamma_esd              ? 
_cell.entry_id                     5M0H 
_cell.details                      ? 
_cell.formula_units_Z              ? 
_cell.length_a                     64.320 
_cell.length_a_esd                 ? 
_cell.length_b                     64.320 
_cell.length_b_esd                 ? 
_cell.length_c                     75.190 
_cell.length_c_esd                 ? 
_cell.volume                       ? 
_cell.volume_esd                   ? 
_cell.Z_PDB                        8 
_cell.reciprocal_angle_alpha       ? 
_cell.reciprocal_angle_beta        ? 
_cell.reciprocal_angle_gamma       ? 
_cell.reciprocal_angle_alpha_esd   ? 
_cell.reciprocal_angle_beta_esd    ? 
_cell.reciprocal_angle_gamma_esd   ? 
_cell.reciprocal_length_a          ? 
_cell.reciprocal_length_b          ? 
_cell.reciprocal_length_c          ? 
_cell.reciprocal_length_a_esd      ? 
_cell.reciprocal_length_b_esd      ? 
_cell.reciprocal_length_c_esd      ? 
_cell.pdbx_unique_axis             ? 
# 
_symmetry.entry_id                         5M0H 
_symmetry.cell_setting                     ? 
_symmetry.Int_Tables_number                92 
_symmetry.space_group_name_Hall            ? 
_symmetry.space_group_name_H-M             'P 41 21 2' 
_symmetry.pdbx_full_space_group_name_H-M   ? 
# 
_exptl.absorpt_coefficient_mu     ? 
_exptl.absorpt_correction_T_max   ? 
_exptl.absorpt_correction_T_min   ? 
_exptl.absorpt_correction_type    ? 
_exptl.absorpt_process_details    ? 
_exptl.entry_id                   5M0H 
_exptl.crystals_number            1 
_exptl.details                    ? 
_exptl.method                     'X-RAY DIFFRACTION' 
_exptl.method_details             ? 
# 
_exptl_crystal.colour                      ? 
_exptl_crystal.density_diffrn              ? 
_exptl_crystal.density_Matthews            2.88 
_exptl_crystal.density_method              ? 
_exptl_crystal.density_percent_sol         57.28 
_exptl_crystal.description                 ? 
_exptl_crystal.F_000                       ? 
_exptl_crystal.id                          1 
_exptl_crystal.preparation                 ? 
_exptl_crystal.size_max                    ? 
_exptl_crystal.size_mid                    ? 
_exptl_crystal.size_min                    ? 
_exptl_crystal.size_rad                    ? 
_exptl_crystal.colour_lustre               ? 
_exptl_crystal.colour_modifier             ? 
_exptl_crystal.colour_primary              ? 
_exptl_crystal.density_meas                ? 
_exptl_crystal.density_meas_esd            ? 
_exptl_crystal.density_meas_gt             ? 
_exptl_crystal.density_meas_lt             ? 
_exptl_crystal.density_meas_temp           ? 
_exptl_crystal.density_meas_temp_esd       ? 
_exptl_crystal.density_meas_temp_gt        ? 
_exptl_crystal.density_meas_temp_lt        ? 
_exptl_crystal.pdbx_crystal_image_url      ? 
_exptl_crystal.pdbx_crystal_image_format   ? 
_exptl_crystal.pdbx_mosaicity              ? 
_exptl_crystal.pdbx_mosaicity_esd          ? 
# 
_exptl_crystal_grow.apparatus       ? 
_exptl_crystal_grow.atmosphere      ? 
_exptl_crystal_grow.crystal_id      1 
_exptl_crystal_grow.details         ? 
_exptl_crystal_grow.method          'VAPOR DIFFUSION, HANGING DROP' 
_exptl_crystal_grow.method_ref      ? 
_exptl_crystal_grow.pH              ? 
_exptl_crystal_grow.pressure        ? 
_exptl_crystal_grow.pressure_esd    ? 
_exptl_crystal_grow.seeding         ? 
_exptl_crystal_grow.seeding_ref     ? 
_exptl_crystal_grow.temp            294 
_exptl_crystal_grow.temp_details    ? 
_exptl_crystal_grow.temp_esd        ? 
_exptl_crystal_grow.time            ? 
_exptl_crystal_grow.pdbx_details    '50 mM MES, pH 6.0, 5 % (w/v) PEG 4000, 5 mM MgSO4' 
_exptl_crystal_grow.pdbx_pH_range   ? 
# 
_diffrn.ambient_environment    ? 
_diffrn.ambient_temp           100 
_diffrn.ambient_temp_details   ? 
_diffrn.ambient_temp_esd       ? 
_diffrn.crystal_id             1 
_diffrn.crystal_support        ? 
_diffrn.crystal_treatment      ? 
_diffrn.details                ? 
_diffrn.id                     1 
_diffrn.ambient_pressure       ? 
_diffrn.ambient_pressure_esd   ? 
_diffrn.ambient_pressure_gt    ? 
_diffrn.ambient_pressure_lt    ? 
_diffrn.ambient_temp_gt        ? 
_diffrn.ambient_temp_lt        ? 
# 
_diffrn_detector.details                      ? 
_diffrn_detector.detector                     CCD 
_diffrn_detector.diffrn_id                    1 
_diffrn_detector.type                         'MARMOSAIC 225 mm CCD' 
_diffrn_detector.area_resol_mean              ? 
_diffrn_detector.dtime                        ? 
_diffrn_detector.pdbx_frames_total            ? 
_diffrn_detector.pdbx_collection_time_total   ? 
_diffrn_detector.pdbx_collection_date         2015-02-01 
# 
_diffrn_radiation.collimation                      ? 
_diffrn_radiation.diffrn_id                        1 
_diffrn_radiation.filter_edge                      ? 
_diffrn_radiation.inhomogeneity                    ? 
_diffrn_radiation.monochromator                    ? 
_diffrn_radiation.polarisn_norm                    ? 
_diffrn_radiation.polarisn_ratio                   ? 
_diffrn_radiation.probe                            ? 
_diffrn_radiation.type                             ? 
_diffrn_radiation.xray_symbol                      ? 
_diffrn_radiation.wavelength_id                    1 
_diffrn_radiation.pdbx_monochromatic_or_laue_m_l   M 
_diffrn_radiation.pdbx_wavelength_list             ? 
_diffrn_radiation.pdbx_wavelength                  ? 
_diffrn_radiation.pdbx_diffrn_protocol             'SINGLE WAVELENGTH' 
_diffrn_radiation.pdbx_analyzer                    ? 
_diffrn_radiation.pdbx_scattering_type             x-ray 
# 
_diffrn_radiation_wavelength.id           1 
_diffrn_radiation_wavelength.wavelength   0.8726 
_diffrn_radiation_wavelength.wt           1.0 
# 
_diffrn_source.current                     ? 
_diffrn_source.details                     ? 
_diffrn_source.diffrn_id                   1 
_diffrn_source.power                       ? 
_diffrn_source.size                        ? 
_diffrn_source.source                      SYNCHROTRON 
_diffrn_source.target                      ? 
_diffrn_source.type                        'ESRF BEAMLINE ID23-2' 
_diffrn_source.voltage                     ? 
_diffrn_source.take-off_angle              ? 
_diffrn_source.pdbx_wavelength_list        0.8726 
_diffrn_source.pdbx_wavelength             ? 
_diffrn_source.pdbx_synchrotron_beamline   ID23-2 
_diffrn_source.pdbx_synchrotron_site       ESRF 
# 
_reflns.B_iso_Wilson_estimate            ? 
_reflns.entry_id                         5M0H 
_reflns.data_reduction_details           ? 
_reflns.data_reduction_method            ? 
_reflns.d_resolution_high                2.65 
_reflns.d_resolution_low                 50 
_reflns.details                          ? 
_reflns.limit_h_max                      ? 
_reflns.limit_h_min                      ? 
_reflns.limit_k_max                      ? 
_reflns.limit_k_min                      ? 
_reflns.limit_l_max                      ? 
_reflns.limit_l_min                      ? 
_reflns.number_all                       ? 
_reflns.number_obs                       4920 
_reflns.observed_criterion               ? 
_reflns.observed_criterion_F_max         ? 
_reflns.observed_criterion_F_min         ? 
_reflns.observed_criterion_I_max         ? 
_reflns.observed_criterion_I_min         ? 
_reflns.observed_criterion_sigma_F       0 
_reflns.observed_criterion_sigma_I       0 
_reflns.percent_possible_obs             99.6 
_reflns.R_free_details                   ? 
_reflns.Rmerge_F_all                     ? 
_reflns.Rmerge_F_obs                     ? 
_reflns.Friedel_coverage                 ? 
_reflns.number_gt                        ? 
_reflns.threshold_expression             ? 
_reflns.pdbx_redundancy                  7.24 
_reflns.pdbx_Rmerge_I_obs                0.073 
_reflns.pdbx_Rmerge_I_all                ? 
_reflns.pdbx_Rsym_value                  ? 
_reflns.pdbx_netI_over_av_sigmaI         ? 
_reflns.pdbx_netI_over_sigmaI            19.93 
_reflns.pdbx_res_netI_over_av_sigmaI_2   ? 
_reflns.pdbx_res_netI_over_sigmaI_2      ? 
_reflns.pdbx_chi_squared                 ? 
_reflns.pdbx_scaling_rejects             ? 
_reflns.pdbx_d_res_high_opt              ? 
_reflns.pdbx_d_res_low_opt               ? 
_reflns.pdbx_d_res_opt_method            ? 
_reflns.phase_calculation_details        ? 
_reflns.pdbx_Rrim_I_all                  ? 
_reflns.pdbx_Rpim_I_all                  ? 
_reflns.pdbx_d_opt                       ? 
_reflns.pdbx_number_measured_all         ? 
_reflns.pdbx_diffrn_id                   1 
_reflns.pdbx_ordinal                     1 
_reflns.pdbx_CC_half                     ? 
_reflns.pdbx_R_split                     ? 
# 
_reflns_shell.d_res_high                  2.65 
_reflns_shell.d_res_low                   2.72 
_reflns_shell.meanI_over_sigI_all         ? 
_reflns_shell.meanI_over_sigI_obs         2.27 
_reflns_shell.number_measured_all         ? 
_reflns_shell.number_measured_obs         ? 
_reflns_shell.number_possible             ? 
_reflns_shell.number_unique_all           ? 
_reflns_shell.number_unique_obs           ? 
_reflns_shell.percent_possible_all        100 
_reflns_shell.percent_possible_obs        ? 
_reflns_shell.Rmerge_F_all                ? 
_reflns_shell.Rmerge_F_obs                ? 
_reflns_shell.Rmerge_I_all                ? 
_reflns_shell.Rmerge_I_obs                0.8 
_reflns_shell.meanI_over_sigI_gt          ? 
_reflns_shell.meanI_over_uI_all           ? 
_reflns_shell.meanI_over_uI_gt            ? 
_reflns_shell.number_measured_gt          ? 
_reflns_shell.number_unique_gt            ? 
_reflns_shell.percent_possible_gt         ? 
_reflns_shell.Rmerge_F_gt                 ? 
_reflns_shell.Rmerge_I_gt                 ? 
_reflns_shell.pdbx_redundancy             7.5 
_reflns_shell.pdbx_Rsym_value             ? 
_reflns_shell.pdbx_chi_squared            ? 
_reflns_shell.pdbx_netI_over_sigmaI_all   ? 
_reflns_shell.pdbx_netI_over_sigmaI_obs   ? 
_reflns_shell.pdbx_Rrim_I_all             ? 
_reflns_shell.pdbx_Rpim_I_all             ? 
_reflns_shell.pdbx_rejects                ? 
_reflns_shell.pdbx_ordinal                1 
_reflns_shell.pdbx_diffrn_id              1 
_reflns_shell.pdbx_CC_half                ? 
_reflns_shell.pdbx_R_split                ? 
# 
_refine.aniso_B[1][1]                            ? 
_refine.aniso_B[1][2]                            ? 
_refine.aniso_B[1][3]                            ? 
_refine.aniso_B[2][2]                            ? 
_refine.aniso_B[2][3]                            ? 
_refine.aniso_B[3][3]                            ? 
_refine.B_iso_max                                ? 
_refine.B_iso_mean                               ? 
_refine.B_iso_min                                ? 
_refine.correlation_coeff_Fo_to_Fc               ? 
_refine.correlation_coeff_Fo_to_Fc_free          ? 
_refine.details                                  ? 
_refine.diff_density_max                         ? 
_refine.diff_density_max_esd                     ? 
_refine.diff_density_min                         ? 
_refine.diff_density_min_esd                     ? 
_refine.diff_density_rms                         ? 
_refine.diff_density_rms_esd                     ? 
_refine.entry_id                                 5M0H 
_refine.pdbx_refine_id                           'X-RAY DIFFRACTION' 
_refine.ls_abs_structure_details                 ? 
_refine.ls_abs_structure_Flack                   ? 
_refine.ls_abs_structure_Flack_esd               ? 
_refine.ls_abs_structure_Rogers                  ? 
_refine.ls_abs_structure_Rogers_esd              ? 
_refine.ls_d_res_high                            2.650 
_refine.ls_d_res_low                             45.481 
_refine.ls_extinction_coef                       ? 
_refine.ls_extinction_coef_esd                   ? 
_refine.ls_extinction_expression                 ? 
_refine.ls_extinction_method                     ? 
_refine.ls_goodness_of_fit_all                   ? 
_refine.ls_goodness_of_fit_all_esd               ? 
_refine.ls_goodness_of_fit_obs                   ? 
_refine.ls_goodness_of_fit_obs_esd               ? 
_refine.ls_hydrogen_treatment                    ? 
_refine.ls_matrix_type                           ? 
_refine.ls_number_constraints                    ? 
_refine.ls_number_parameters                     ? 
_refine.ls_number_reflns_all                     ? 
_refine.ls_number_reflns_obs                     4920 
_refine.ls_number_reflns_R_free                  227 
_refine.ls_number_reflns_R_work                  ? 
_refine.ls_number_restraints                     ? 
_refine.ls_percent_reflns_obs                    99.47 
_refine.ls_percent_reflns_R_free                 4.61 
_refine.ls_R_factor_all                          ? 
_refine.ls_R_factor_obs                          0.2125 
_refine.ls_R_factor_R_free                       0.2397 
_refine.ls_R_factor_R_free_error                 ? 
_refine.ls_R_factor_R_free_error_details         ? 
_refine.ls_R_factor_R_work                       0.2111 
_refine.ls_R_Fsqd_factor_obs                     ? 
_refine.ls_R_I_factor_obs                        ? 
_refine.ls_redundancy_reflns_all                 ? 
_refine.ls_redundancy_reflns_obs                 ? 
_refine.ls_restrained_S_all                      ? 
_refine.ls_restrained_S_obs                      ? 
_refine.ls_shift_over_esd_max                    ? 
_refine.ls_shift_over_esd_mean                   ? 
_refine.ls_structure_factor_coef                 ? 
_refine.ls_weighting_details                     ? 
_refine.ls_weighting_scheme                      ? 
_refine.ls_wR_factor_all                         ? 
_refine.ls_wR_factor_obs                         ? 
_refine.ls_wR_factor_R_free                      ? 
_refine.ls_wR_factor_R_work                      ? 
_refine.occupancy_max                            ? 
_refine.occupancy_min                            ? 
_refine.solvent_model_details                    ? 
_refine.solvent_model_param_bsol                 ? 
_refine.solvent_model_param_ksol                 ? 
_refine.ls_R_factor_gt                           ? 
_refine.ls_goodness_of_fit_gt                    ? 
_refine.ls_goodness_of_fit_ref                   ? 
_refine.ls_shift_over_su_max                     ? 
_refine.ls_shift_over_su_max_lt                  ? 
_refine.ls_shift_over_su_mean                    ? 
_refine.ls_shift_over_su_mean_lt                 ? 
_refine.pdbx_ls_sigma_I                          ? 
_refine.pdbx_ls_sigma_F                          1.35 
_refine.pdbx_ls_sigma_Fsqd                       ? 
_refine.pdbx_data_cutoff_high_absF               ? 
_refine.pdbx_data_cutoff_high_rms_absF           ? 
_refine.pdbx_data_cutoff_low_absF                ? 
_refine.pdbx_isotropic_thermal_model             ? 
_refine.pdbx_ls_cross_valid_method               'FREE R-VALUE' 
_refine.pdbx_method_to_determine_struct          'MOLECULAR REPLACEMENT' 
_refine.pdbx_starting_model                      4FNJ 
_refine.pdbx_stereochemistry_target_values       ? 
_refine.pdbx_R_Free_selection_details            ? 
_refine.pdbx_stereochem_target_val_spec_case     ? 
_refine.pdbx_overall_ESU_R                       ? 
_refine.pdbx_overall_ESU_R_Free                  ? 
_refine.pdbx_solvent_vdw_probe_radii             1.11 
_refine.pdbx_solvent_ion_probe_radii             ? 
_refine.pdbx_solvent_shrinkage_radii             0.90 
_refine.pdbx_real_space_R                        ? 
_refine.pdbx_density_correlation                 ? 
_refine.pdbx_pd_number_of_powder_patterns        ? 
_refine.pdbx_pd_number_of_points                 ? 
_refine.pdbx_pd_meas_number_of_points            ? 
_refine.pdbx_pd_proc_ls_prof_R_factor            ? 
_refine.pdbx_pd_proc_ls_prof_wR_factor           ? 
_refine.pdbx_pd_Marquardt_correlation_coeff      ? 
_refine.pdbx_pd_Fsqrd_R_factor                   ? 
_refine.pdbx_pd_ls_matrix_band_width             ? 
_refine.pdbx_overall_phase_error                 21.89 
_refine.pdbx_overall_SU_R_free_Cruickshank_DPI   ? 
_refine.pdbx_overall_SU_R_free_Blow_DPI          ? 
_refine.pdbx_overall_SU_R_Blow_DPI               ? 
_refine.pdbx_TLS_residual_ADP_flag               ? 
_refine.pdbx_diffrn_id                           1 
_refine.overall_SU_B                             ? 
_refine.overall_SU_ML                            0.25 
_refine.overall_SU_R_Cruickshank_DPI             ? 
_refine.overall_SU_R_free                        ? 
_refine.overall_FOM_free_R_set                   ? 
_refine.overall_FOM_work_R_set                   ? 
_refine.pdbx_average_fsc_overall                 ? 
_refine.pdbx_average_fsc_work                    ? 
_refine.pdbx_average_fsc_free                    ? 
# 
_refine_hist.pdbx_refine_id                   'X-RAY DIFFRACTION' 
_refine_hist.cycle_id                         LAST 
_refine_hist.pdbx_number_atoms_protein        0 
_refine_hist.pdbx_number_atoms_nucleic_acid   894 
_refine_hist.pdbx_number_atoms_ligand         5 
_refine_hist.number_atoms_solvent             10 
_refine_hist.number_atoms_total               909 
_refine_hist.d_res_high                       2.650 
_refine_hist.d_res_low                        45.481 
# 
loop_
_refine_ls_restr.pdbx_refine_id 
_refine_ls_restr.criterion 
_refine_ls_restr.dev_ideal 
_refine_ls_restr.dev_ideal_target 
_refine_ls_restr.number 
_refine_ls_restr.rejects 
_refine_ls_restr.type 
_refine_ls_restr.weight 
_refine_ls_restr.pdbx_restraint_function 
'X-RAY DIFFRACTION' ? 0.006  ? 1005 ? f_bond_d           ? ? 
'X-RAY DIFFRACTION' ? 1.206  ? 1564 ? f_angle_d          ? ? 
'X-RAY DIFFRACTION' ? 17.253 ? 500  ? f_dihedral_angle_d ? ? 
'X-RAY DIFFRACTION' ? 0.051  ? 209  ? f_chiral_restr     ? ? 
'X-RAY DIFFRACTION' ? 0.008  ? 42   ? f_plane_restr      ? ? 
# 
loop_
_refine_ls_shell.pdbx_refine_id 
_refine_ls_shell.d_res_high 
_refine_ls_shell.d_res_low 
_refine_ls_shell.number_reflns_all 
_refine_ls_shell.number_reflns_obs 
_refine_ls_shell.number_reflns_R_free 
_refine_ls_shell.number_reflns_R_work 
_refine_ls_shell.percent_reflns_obs 
_refine_ls_shell.percent_reflns_R_free 
_refine_ls_shell.R_factor_all 
_refine_ls_shell.R_factor_obs 
_refine_ls_shell.R_factor_R_free 
_refine_ls_shell.R_factor_R_free_error 
_refine_ls_shell.R_factor_R_work 
_refine_ls_shell.redundancy_reflns_all 
_refine_ls_shell.redundancy_reflns_obs 
_refine_ls_shell.wR_factor_all 
_refine_ls_shell.wR_factor_obs 
_refine_ls_shell.wR_factor_R_free 
_refine_ls_shell.wR_factor_R_work 
_refine_ls_shell.pdbx_total_number_of_bins_used 
_refine_ls_shell.pdbx_phase_error 
_refine_ls_shell.pdbx_fsc_work 
_refine_ls_shell.pdbx_fsc_free 
'X-RAY DIFFRACTION' 2.6504 3.3391  . . 107 2290 100.00 . . . 0.4070 . 0.3068 . . . . . . . . . . 
'X-RAY DIFFRACTION' 3.3391 45.4878 . . 120 2403 99.00  . . . 0.1982 . 0.1800 . . . . . . . . . . 
# 
_struct.entry_id                     5M0H 
_struct.title                        'Crystal structure of the central flexible region of ASH1 mRNA E3-localization element' 
_struct.pdbx_model_details           ? 
_struct.pdbx_formula_weight          ? 
_struct.pdbx_formula_weight_method   ? 
_struct.pdbx_model_type_details      ? 
_struct.pdbx_CASP_flag               N 
# 
_struct_keywords.entry_id        5M0H 
_struct_keywords.text            'She2p, She3p, ASH1-mRNA, mRNA transport, RNA' 
_struct_keywords.pdbx_keywords   RNA 
# 
loop_
_struct_asym.id 
_struct_asym.pdbx_blank_PDB_chainid_flag 
_struct_asym.pdbx_modified 
_struct_asym.entity_id 
_struct_asym.details 
A N N 1 ? 
B N N 2 ? 
C N N 3 ? 
# 
_struct_ref.id                         1 
_struct_ref.db_name                    PDB 
_struct_ref.db_code                    5M0H 
_struct_ref.pdbx_db_accession          5M0H 
_struct_ref.pdbx_db_isoform            ? 
_struct_ref.entity_id                  1 
_struct_ref.pdbx_seq_one_letter_code   ? 
_struct_ref.pdbx_align_begin           1 
# 
_struct_ref_seq.align_id                      1 
_struct_ref_seq.ref_id                        1 
_struct_ref_seq.pdbx_PDB_id_code              5M0H 
_struct_ref_seq.pdbx_strand_id                A 
_struct_ref_seq.seq_align_beg                 1 
_struct_ref_seq.pdbx_seq_align_beg_ins_code   ? 
_struct_ref_seq.seq_align_end                 42 
_struct_ref_seq.pdbx_seq_align_end_ins_code   ? 
_struct_ref_seq.pdbx_db_accession             5M0H 
_struct_ref_seq.db_align_beg                  1 
_struct_ref_seq.pdbx_db_align_beg_ins_code    ? 
_struct_ref_seq.db_align_end                  42 
_struct_ref_seq.pdbx_db_align_end_ins_code    ? 
_struct_ref_seq.pdbx_auth_seq_align_beg       1 
_struct_ref_seq.pdbx_auth_seq_align_end       42 
# 
_pdbx_struct_assembly.id                   1 
_pdbx_struct_assembly.details              author_and_software_defined_assembly 
_pdbx_struct_assembly.method_details       PISA 
_pdbx_struct_assembly.oligomeric_details   monomeric 
_pdbx_struct_assembly.oligomeric_count     1 
# 
loop_
_pdbx_struct_assembly_prop.biol_id 
_pdbx_struct_assembly_prop.type 
_pdbx_struct_assembly_prop.value 
_pdbx_struct_assembly_prop.details 
1 'ABSA (A^2)' 170  ? 
1 MORE         -14  ? 
1 'SSA (A^2)'  7800 ? 
# 
_pdbx_struct_assembly_gen.assembly_id       1 
_pdbx_struct_assembly_gen.oper_expression   1 
_pdbx_struct_assembly_gen.asym_id_list      A,B,C 
# 
_pdbx_struct_oper_list.id                   1 
_pdbx_struct_oper_list.type                 'identity operation' 
_pdbx_struct_oper_list.name                 1_555 
_pdbx_struct_oper_list.symmetry_operation   x,y,z 
_pdbx_struct_oper_list.matrix[1][1]         1.0000000000 
_pdbx_struct_oper_list.matrix[1][2]         0.0000000000 
_pdbx_struct_oper_list.matrix[1][3]         0.0000000000 
_pdbx_struct_oper_list.vector[1]            0.0000000000 
_pdbx_struct_oper_list.matrix[2][1]         0.0000000000 
_pdbx_struct_oper_list.matrix[2][2]         1.0000000000 
_pdbx_struct_oper_list.matrix[2][3]         0.0000000000 
_pdbx_struct_oper_list.vector[2]            0.0000000000 
_pdbx_struct_oper_list.matrix[3][1]         0.0000000000 
_pdbx_struct_oper_list.matrix[3][2]         0.0000000000 
_pdbx_struct_oper_list.matrix[3][3]         1.0000000000 
_pdbx_struct_oper_list.vector[3]            0.0000000000 
# 
loop_
_struct_conn.id 
_struct_conn.conn_type_id 
_struct_conn.pdbx_leaving_atom_flag 
_struct_conn.pdbx_PDB_id 
_struct_conn.ptnr1_label_asym_id 
_struct_conn.ptnr1_label_comp_id 
_struct_conn.ptnr1_label_seq_id 
_struct_conn.ptnr1_label_atom_id 
_struct_conn.pdbx_ptnr1_label_alt_id 
_struct_conn.pdbx_ptnr1_PDB_ins_code 
_struct_conn.pdbx_ptnr1_standard_comp_id 
_struct_conn.ptnr1_symmetry 
_struct_conn.ptnr2_label_asym_id 
_struct_conn.ptnr2_label_comp_id 
_struct_conn.ptnr2_label_seq_id 
_struct_conn.ptnr2_label_atom_id 
_struct_conn.pdbx_ptnr2_label_alt_id 
_struct_conn.pdbx_ptnr2_PDB_ins_code 
_struct_conn.ptnr1_auth_asym_id 
_struct_conn.ptnr1_auth_comp_id 
_struct_conn.ptnr1_auth_seq_id 
_struct_conn.ptnr2_auth_asym_id 
_struct_conn.ptnr2_auth_comp_id 
_struct_conn.ptnr2_auth_seq_id 
_struct_conn.ptnr2_symmetry 
_struct_conn.pdbx_ptnr3_label_atom_id 
_struct_conn.pdbx_ptnr3_label_seq_id 
_struct_conn.pdbx_ptnr3_label_comp_id 
_struct_conn.pdbx_ptnr3_label_asym_id 
_struct_conn.pdbx_ptnr3_label_alt_id 
_struct_conn.pdbx_ptnr3_PDB_ins_code 
_struct_conn.details 
_struct_conn.pdbx_dist_value 
_struct_conn.pdbx_value_order 
_struct_conn.pdbx_role 
hydrog1  hydrog ? ? A G 1  N1 ? ? ? 1_555 A C 42 N3 ? ? A G 1  A C 42 1_555 ? ? ? ? ? ? WATSON-CRICK         ? ? ? 
hydrog2  hydrog ? ? A G 1  N2 ? ? ? 1_555 A C 42 O2 ? ? A G 1  A C 42 1_555 ? ? ? ? ? ? WATSON-CRICK         ? ? ? 
hydrog3  hydrog ? ? A G 1  O6 ? ? ? 1_555 A C 42 N4 ? ? A G 1  A C 42 1_555 ? ? ? ? ? ? WATSON-CRICK         ? ? ? 
hydrog4  hydrog ? ? A A 2  N1 ? ? ? 1_555 A U 41 N3 ? ? A A 2  A U 41 1_555 ? ? ? ? ? ? 'A-U PAIR'           ? ? ? 
hydrog5  hydrog ? ? A U 3  N3 ? ? ? 1_555 A A 40 N1 ? ? A U 3  A A 40 1_555 ? ? ? ? ? ? 'U-A PAIR'           ? ? ? 
hydrog6  hydrog ? ? A A 4  N1 ? ? ? 1_555 A U 39 N3 ? ? A A 4  A U 39 1_555 ? ? ? ? ? ? WATSON-CRICK         ? ? ? 
hydrog7  hydrog ? ? A A 4  N6 ? ? ? 1_555 A U 39 O4 ? ? A A 4  A U 39 1_555 ? ? ? ? ? ? WATSON-CRICK         ? ? ? 
hydrog8  hydrog ? ? A A 5  N6 ? ? ? 1_555 A U 38 O4 ? ? A A 5  A U 38 1_555 ? ? ? ? ? ? 'A-U PAIR'           ? ? ? 
hydrog9  hydrog ? ? A U 7  N3 ? ? ? 1_555 A A 37 N1 ? ? A U 7  A A 37 1_555 ? ? ? ? ? ? WATSON-CRICK         ? ? ? 
hydrog10 hydrog ? ? A U 7  O4 ? ? ? 1_555 A A 37 N6 ? ? A U 7  A A 37 1_555 ? ? ? ? ? ? WATSON-CRICK         ? ? ? 
hydrog11 hydrog ? ? A G 8  N2 ? ? ? 1_555 A U 11 O4 ? ? A G 8  A U 11 1_555 ? ? ? ? ? ? 'G-U MISPAIR'        ? ? ? 
hydrog12 hydrog ? ? A G 8  N2 ? ? ? 1_555 A C 36 O2 ? ? A G 8  A C 36 1_555 ? ? ? ? ? ? 'G-C PAIR'           ? ? ? 
hydrog13 hydrog ? ? A U 11 N3 ? ? ? 1_555 A A 35 N1 ? ? A U 11 A A 35 1_555 ? ? ? ? ? ? WATSON-CRICK         ? ? ? 
hydrog14 hydrog ? ? A U 11 O4 ? ? ? 1_555 A A 35 N6 ? ? A U 11 A A 35 1_555 ? ? ? ? ? ? WATSON-CRICK         ? ? ? 
hydrog15 hydrog ? ? A C 12 N3 ? ? ? 1_555 A G 34 N1 ? ? A C 12 A G 34 1_555 ? ? ? ? ? ? WATSON-CRICK         ? ? ? 
hydrog16 hydrog ? ? A C 12 N4 ? ? ? 1_555 A G 34 O6 ? ? A C 12 A G 34 1_555 ? ? ? ? ? ? WATSON-CRICK         ? ? ? 
hydrog17 hydrog ? ? A C 12 O2 ? ? ? 1_555 A G 34 N2 ? ? A C 12 A G 34 1_555 ? ? ? ? ? ? WATSON-CRICK         ? ? ? 
hydrog18 hydrog ? ? A G 13 N1 ? ? ? 1_555 A C 33 N3 ? ? A G 13 A C 33 1_555 ? ? ? ? ? ? WATSON-CRICK         ? ? ? 
hydrog19 hydrog ? ? A G 13 N2 ? ? ? 1_555 A C 33 O2 ? ? A G 13 A C 33 1_555 ? ? ? ? ? ? WATSON-CRICK         ? ? ? 
hydrog20 hydrog ? ? A G 13 O6 ? ? ? 1_555 A C 33 N4 ? ? A G 13 A C 33 1_555 ? ? ? ? ? ? WATSON-CRICK         ? ? ? 
hydrog21 hydrog ? ? A C 14 N3 ? ? ? 1_555 A G 32 N1 ? ? A C 14 A G 32 1_555 ? ? ? ? ? ? WATSON-CRICK         ? ? ? 
hydrog22 hydrog ? ? A C 14 N4 ? ? ? 1_555 A G 32 O6 ? ? A C 14 A G 32 1_555 ? ? ? ? ? ? WATSON-CRICK         ? ? ? 
hydrog23 hydrog ? ? A C 14 O2 ? ? ? 1_555 A G 32 N2 ? ? A C 14 A G 32 1_555 ? ? ? ? ? ? WATSON-CRICK         ? ? ? 
hydrog24 hydrog ? ? A U 15 N3 ? ? ? 1_555 A A 30 N7 ? ? A U 15 A A 30 1_555 ? ? ? ? ? ? 'REVERSED HOOGSTEEN' ? ? ? 
hydrog25 hydrog ? ? A U 15 O2 ? ? ? 1_555 A A 30 N6 ? ? A U 15 A A 30 1_555 ? ? ? ? ? ? 'REVERSED HOOGSTEEN' ? ? ? 
hydrog26 hydrog ? ? A G 18 N1 ? ? ? 1_555 A U 29 O2 ? ? A G 18 A U 29 1_555 ? ? ? ? ? ? TYPE_28_PAIR         ? ? ? 
hydrog27 hydrog ? ? A G 18 O6 ? ? ? 1_555 A U 29 N3 ? ? A G 18 A U 29 1_555 ? ? ? ? ? ? TYPE_28_PAIR         ? ? ? 
hydrog28 hydrog ? ? A G 19 N1 ? ? ? 1_555 A C 28 N3 ? ? A G 19 A C 28 1_555 ? ? ? ? ? ? WATSON-CRICK         ? ? ? 
hydrog29 hydrog ? ? A G 19 N2 ? ? ? 1_555 A C 28 O2 ? ? A G 19 A C 28 1_555 ? ? ? ? ? ? WATSON-CRICK         ? ? ? 
hydrog30 hydrog ? ? A G 19 O6 ? ? ? 1_555 A C 28 N4 ? ? A G 19 A C 28 1_555 ? ? ? ? ? ? WATSON-CRICK         ? ? ? 
hydrog31 hydrog ? ? A A 20 N1 ? ? ? 1_555 A U 27 N3 ? ? A A 20 A U 27 1_555 ? ? ? ? ? ? WATSON-CRICK         ? ? ? 
hydrog32 hydrog ? ? A A 20 N6 ? ? ? 1_555 A U 27 O4 ? ? A A 20 A U 27 1_555 ? ? ? ? ? ? WATSON-CRICK         ? ? ? 
hydrog33 hydrog ? ? A U 21 N3 ? ? ? 1_555 A G 26 O6 ? ? A U 21 A G 26 1_555 ? ? ? ? ? ? TYPE_28_PAIR         ? ? ? 
hydrog34 hydrog ? ? A U 21 O2 ? ? ? 1_555 A G 26 N1 ? ? A U 21 A G 26 1_555 ? ? ? ? ? ? TYPE_28_PAIR         ? ? ? 
hydrog35 hydrog ? ? A G 22 N2 ? ? ? 1_555 A A 25 N7 ? ? A G 22 A A 25 1_555 ? ? ? ? ? ? 'G-A MISPAIR'        ? ? ? 
# 
_struct_conn_type.id          hydrog 
_struct_conn_type.criteria    ? 
_struct_conn_type.reference   ? 
# 
_struct_site.id                   AC1 
_struct_site.pdbx_evidence_code   Software 
_struct_site.pdbx_auth_asym_id    A 
_struct_site.pdbx_auth_comp_id    SO4 
_struct_site.pdbx_auth_seq_id     101 
_struct_site.pdbx_auth_ins_code   ? 
_struct_site.pdbx_num_residues    3 
_struct_site.details              'binding site for residue SO4 A 101' 
# 
loop_
_struct_site_gen.id 
_struct_site_gen.site_id 
_struct_site_gen.pdbx_num_res 
_struct_site_gen.label_comp_id 
_struct_site_gen.label_asym_id 
_struct_site_gen.label_seq_id 
_struct_site_gen.pdbx_auth_ins_code 
_struct_site_gen.auth_comp_id 
_struct_site_gen.auth_asym_id 
_struct_site_gen.auth_seq_id 
_struct_site_gen.label_atom_id 
_struct_site_gen.label_alt_id 
_struct_site_gen.symmetry 
_struct_site_gen.details 
1 AC1 3 A A 25 ? A A 25 . ? 1_555 ? 
2 AC1 3 G A 26 ? G A 26 . ? 1_555 ? 
3 AC1 3 U A 27 ? U A 27 . ? 1_555 ? 
# 
loop_
_pdbx_validate_rmsd_angle.id 
_pdbx_validate_rmsd_angle.PDB_model_num 
_pdbx_validate_rmsd_angle.auth_atom_id_1 
_pdbx_validate_rmsd_angle.auth_asym_id_1 
_pdbx_validate_rmsd_angle.auth_comp_id_1 
_pdbx_validate_rmsd_angle.auth_seq_id_1 
_pdbx_validate_rmsd_angle.PDB_ins_code_1 
_pdbx_validate_rmsd_angle.label_alt_id_1 
_pdbx_validate_rmsd_angle.auth_atom_id_2 
_pdbx_validate_rmsd_angle.auth_asym_id_2 
_pdbx_validate_rmsd_angle.auth_comp_id_2 
_pdbx_validate_rmsd_angle.auth_seq_id_2 
_pdbx_validate_rmsd_angle.PDB_ins_code_2 
_pdbx_validate_rmsd_angle.label_alt_id_2 
_pdbx_validate_rmsd_angle.auth_atom_id_3 
_pdbx_validate_rmsd_angle.auth_asym_id_3 
_pdbx_validate_rmsd_angle.auth_comp_id_3 
_pdbx_validate_rmsd_angle.auth_seq_id_3 
_pdbx_validate_rmsd_angle.PDB_ins_code_3 
_pdbx_validate_rmsd_angle.label_alt_id_3 
_pdbx_validate_rmsd_angle.angle_value 
_pdbx_validate_rmsd_angle.angle_target_value 
_pdbx_validate_rmsd_angle.angle_deviation 
_pdbx_validate_rmsd_angle.angle_standard_deviation 
_pdbx_validate_rmsd_angle.linker_flag 
1 1 N1 A C 6 ? ? C2 A C 6 ? ? O2    A C 6 ? ? 123.07 118.90 4.17 0.60 N 
2 1 C2 A C 6 ? ? N1 A C 6 ? ? "C1'" A C 6 ? ? 126.72 118.80 7.92 1.10 N 
# 
loop_
_chem_comp_atom.comp_id 
_chem_comp_atom.atom_id 
_chem_comp_atom.type_symbol 
_chem_comp_atom.pdbx_aromatic_flag 
_chem_comp_atom.pdbx_stereo_config 
_chem_comp_atom.pdbx_ordinal 
A   OP3    O N N 1   
A   P      P N N 2   
A   OP1    O N N 3   
A   OP2    O N N 4   
A   "O5'"  O N N 5   
A   "C5'"  C N N 6   
A   "C4'"  C N R 7   
A   "O4'"  O N N 8   
A   "C3'"  C N S 9   
A   "O3'"  O N N 10  
A   "C2'"  C N R 11  
A   "O2'"  O N N 12  
A   "C1'"  C N R 13  
A   N9     N Y N 14  
A   C8     C Y N 15  
A   N7     N Y N 16  
A   C5     C Y N 17  
A   C6     C Y N 18  
A   N6     N N N 19  
A   N1     N Y N 20  
A   C2     C Y N 21  
A   N3     N Y N 22  
A   C4     C Y N 23  
A   HOP3   H N N 24  
A   HOP2   H N N 25  
A   "H5'"  H N N 26  
A   "H5''" H N N 27  
A   "H4'"  H N N 28  
A   "H3'"  H N N 29  
A   "HO3'" H N N 30  
A   "H2'"  H N N 31  
A   "HO2'" H N N 32  
A   "H1'"  H N N 33  
A   H8     H N N 34  
A   H61    H N N 35  
A   H62    H N N 36  
A   H2     H N N 37  
C   OP3    O N N 38  
C   P      P N N 39  
C   OP1    O N N 40  
C   OP2    O N N 41  
C   "O5'"  O N N 42  
C   "C5'"  C N N 43  
C   "C4'"  C N R 44  
C   "O4'"  O N N 45  
C   "C3'"  C N S 46  
C   "O3'"  O N N 47  
C   "C2'"  C N R 48  
C   "O2'"  O N N 49  
C   "C1'"  C N R 50  
C   N1     N N N 51  
C   C2     C N N 52  
C   O2     O N N 53  
C   N3     N N N 54  
C   C4     C N N 55  
C   N4     N N N 56  
C   C5     C N N 57  
C   C6     C N N 58  
C   HOP3   H N N 59  
C   HOP2   H N N 60  
C   "H5'"  H N N 61  
C   "H5''" H N N 62  
C   "H4'"  H N N 63  
C   "H3'"  H N N 64  
C   "HO3'" H N N 65  
C   "H2'"  H N N 66  
C   "HO2'" H N N 67  
C   "H1'"  H N N 68  
C   H41    H N N 69  
C   H42    H N N 70  
C   H5     H N N 71  
C   H6     H N N 72  
G   OP3    O N N 73  
G   P      P N N 74  
G   OP1    O N N 75  
G   OP2    O N N 76  
G   "O5'"  O N N 77  
G   "C5'"  C N N 78  
G   "C4'"  C N R 79  
G   "O4'"  O N N 80  
G   "C3'"  C N S 81  
G   "O3'"  O N N 82  
G   "C2'"  C N R 83  
G   "O2'"  O N N 84  
G   "C1'"  C N R 85  
G   N9     N Y N 86  
G   C8     C Y N 87  
G   N7     N Y N 88  
G   C5     C Y N 89  
G   C6     C N N 90  
G   O6     O N N 91  
G   N1     N N N 92  
G   C2     C N N 93  
G   N2     N N N 94  
G   N3     N N N 95  
G   C4     C Y N 96  
G   HOP3   H N N 97  
G   HOP2   H N N 98  
G   "H5'"  H N N 99  
G   "H5''" H N N 100 
G   "H4'"  H N N 101 
G   "H3'"  H N N 102 
G   "HO3'" H N N 103 
G   "H2'"  H N N 104 
G   "HO2'" H N N 105 
G   "H1'"  H N N 106 
G   H8     H N N 107 
G   H1     H N N 108 
G   H21    H N N 109 
G   H22    H N N 110 
HOH O      O N N 111 
HOH H1     H N N 112 
HOH H2     H N N 113 
SO4 S      S N N 114 
SO4 O1     O N N 115 
SO4 O2     O N N 116 
SO4 O3     O N N 117 
SO4 O4     O N N 118 
U   OP3    O N N 119 
U   P      P N N 120 
U   OP1    O N N 121 
U   OP2    O N N 122 
U   "O5'"  O N N 123 
U   "C5'"  C N N 124 
U   "C4'"  C N R 125 
U   "O4'"  O N N 126 
U   "C3'"  C N S 127 
U   "O3'"  O N N 128 
U   "C2'"  C N R 129 
U   "O2'"  O N N 130 
U   "C1'"  C N R 131 
U   N1     N N N 132 
U   C2     C N N 133 
U   O2     O N N 134 
U   N3     N N N 135 
U   C4     C N N 136 
U   O4     O N N 137 
U   C5     C N N 138 
U   C6     C N N 139 
U   HOP3   H N N 140 
U   HOP2   H N N 141 
U   "H5'"  H N N 142 
U   "H5''" H N N 143 
U   "H4'"  H N N 144 
U   "H3'"  H N N 145 
U   "HO3'" H N N 146 
U   "H2'"  H N N 147 
U   "HO2'" H N N 148 
U   "H1'"  H N N 149 
U   H3     H N N 150 
U   H5     H N N 151 
U   H6     H N N 152 
# 
loop_
_chem_comp_bond.comp_id 
_chem_comp_bond.atom_id_1 
_chem_comp_bond.atom_id_2 
_chem_comp_bond.value_order 
_chem_comp_bond.pdbx_aromatic_flag 
_chem_comp_bond.pdbx_stereo_config 
_chem_comp_bond.pdbx_ordinal 
A   OP3   P      sing N N 1   
A   OP3   HOP3   sing N N 2   
A   P     OP1    doub N N 3   
A   P     OP2    sing N N 4   
A   P     "O5'"  sing N N 5   
A   OP2   HOP2   sing N N 6   
A   "O5'" "C5'"  sing N N 7   
A   "C5'" "C4'"  sing N N 8   
A   "C5'" "H5'"  sing N N 9   
A   "C5'" "H5''" sing N N 10  
A   "C4'" "O4'"  sing N N 11  
A   "C4'" "C3'"  sing N N 12  
A   "C4'" "H4'"  sing N N 13  
A   "O4'" "C1'"  sing N N 14  
A   "C3'" "O3'"  sing N N 15  
A   "C3'" "C2'"  sing N N 16  
A   "C3'" "H3'"  sing N N 17  
A   "O3'" "HO3'" sing N N 18  
A   "C2'" "O2'"  sing N N 19  
A   "C2'" "C1'"  sing N N 20  
A   "C2'" "H2'"  sing N N 21  
A   "O2'" "HO2'" sing N N 22  
A   "C1'" N9     sing N N 23  
A   "C1'" "H1'"  sing N N 24  
A   N9    C8     sing Y N 25  
A   N9    C4     sing Y N 26  
A   C8    N7     doub Y N 27  
A   C8    H8     sing N N 28  
A   N7    C5     sing Y N 29  
A   C5    C6     sing Y N 30  
A   C5    C4     doub Y N 31  
A   C6    N6     sing N N 32  
A   C6    N1     doub Y N 33  
A   N6    H61    sing N N 34  
A   N6    H62    sing N N 35  
A   N1    C2     sing Y N 36  
A   C2    N3     doub Y N 37  
A   C2    H2     sing N N 38  
A   N3    C4     sing Y N 39  
C   OP3   P      sing N N 40  
C   OP3   HOP3   sing N N 41  
C   P     OP1    doub N N 42  
C   P     OP2    sing N N 43  
C   P     "O5'"  sing N N 44  
C   OP2   HOP2   sing N N 45  
C   "O5'" "C5'"  sing N N 46  
C   "C5'" "C4'"  sing N N 47  
C   "C5'" "H5'"  sing N N 48  
C   "C5'" "H5''" sing N N 49  
C   "C4'" "O4'"  sing N N 50  
C   "C4'" "C3'"  sing N N 51  
C   "C4'" "H4'"  sing N N 52  
C   "O4'" "C1'"  sing N N 53  
C   "C3'" "O3'"  sing N N 54  
C   "C3'" "C2'"  sing N N 55  
C   "C3'" "H3'"  sing N N 56  
C   "O3'" "HO3'" sing N N 57  
C   "C2'" "O2'"  sing N N 58  
C   "C2'" "C1'"  sing N N 59  
C   "C2'" "H2'"  sing N N 60  
C   "O2'" "HO2'" sing N N 61  
C   "C1'" N1     sing N N 62  
C   "C1'" "H1'"  sing N N 63  
C   N1    C2     sing N N 64  
C   N1    C6     sing N N 65  
C   C2    O2     doub N N 66  
C   C2    N3     sing N N 67  
C   N3    C4     doub N N 68  
C   C4    N4     sing N N 69  
C   C4    C5     sing N N 70  
C   N4    H41    sing N N 71  
C   N4    H42    sing N N 72  
C   C5    C6     doub N N 73  
C   C5    H5     sing N N 74  
C   C6    H6     sing N N 75  
G   OP3   P      sing N N 76  
G   OP3   HOP3   sing N N 77  
G   P     OP1    doub N N 78  
G   P     OP2    sing N N 79  
G   P     "O5'"  sing N N 80  
G   OP2   HOP2   sing N N 81  
G   "O5'" "C5'"  sing N N 82  
G   "C5'" "C4'"  sing N N 83  
G   "C5'" "H5'"  sing N N 84  
G   "C5'" "H5''" sing N N 85  
G   "C4'" "O4'"  sing N N 86  
G   "C4'" "C3'"  sing N N 87  
G   "C4'" "H4'"  sing N N 88  
G   "O4'" "C1'"  sing N N 89  
G   "C3'" "O3'"  sing N N 90  
G   "C3'" "C2'"  sing N N 91  
G   "C3'" "H3'"  sing N N 92  
G   "O3'" "HO3'" sing N N 93  
G   "C2'" "O2'"  sing N N 94  
G   "C2'" "C1'"  sing N N 95  
G   "C2'" "H2'"  sing N N 96  
G   "O2'" "HO2'" sing N N 97  
G   "C1'" N9     sing N N 98  
G   "C1'" "H1'"  sing N N 99  
G   N9    C8     sing Y N 100 
G   N9    C4     sing Y N 101 
G   C8    N7     doub Y N 102 
G   C8    H8     sing N N 103 
G   N7    C5     sing Y N 104 
G   C5    C6     sing N N 105 
G   C5    C4     doub Y N 106 
G   C6    O6     doub N N 107 
G   C6    N1     sing N N 108 
G   N1    C2     sing N N 109 
G   N1    H1     sing N N 110 
G   C2    N2     sing N N 111 
G   C2    N3     doub N N 112 
G   N2    H21    sing N N 113 
G   N2    H22    sing N N 114 
G   N3    C4     sing N N 115 
HOH O     H1     sing N N 116 
HOH O     H2     sing N N 117 
SO4 S     O1     doub N N 118 
SO4 S     O2     doub N N 119 
SO4 S     O3     sing N N 120 
SO4 S     O4     sing N N 121 
U   OP3   P      sing N N 122 
U   OP3   HOP3   sing N N 123 
U   P     OP1    doub N N 124 
U   P     OP2    sing N N 125 
U   P     "O5'"  sing N N 126 
U   OP2   HOP2   sing N N 127 
U   "O5'" "C5'"  sing N N 128 
U   "C5'" "C4'"  sing N N 129 
U   "C5'" "H5'"  sing N N 130 
U   "C5'" "H5''" sing N N 131 
U   "C4'" "O4'"  sing N N 132 
U   "C4'" "C3'"  sing N N 133 
U   "C4'" "H4'"  sing N N 134 
U   "O4'" "C1'"  sing N N 135 
U   "C3'" "O3'"  sing N N 136 
U   "C3'" "C2'"  sing N N 137 
U   "C3'" "H3'"  sing N N 138 
U   "O3'" "HO3'" sing N N 139 
U   "C2'" "O2'"  sing N N 140 
U   "C2'" "C1'"  sing N N 141 
U   "C2'" "H2'"  sing N N 142 
U   "O2'" "HO2'" sing N N 143 
U   "C1'" N1     sing N N 144 
U   "C1'" "H1'"  sing N N 145 
U   N1    C2     sing N N 146 
U   N1    C6     sing N N 147 
U   C2    O2     doub N N 148 
U   C2    N3     sing N N 149 
U   N3    C4     sing N N 150 
U   N3    H3     sing N N 151 
U   C4    O4     doub N N 152 
U   C4    C5     sing N N 153 
U   C5    C6     doub N N 154 
U   C5    H5     sing N N 155 
U   C6    H6     sing N N 156 
# 
loop_
_ndb_struct_conf_na.entry_id 
_ndb_struct_conf_na.feature 
5M0H 'double helix'         
5M0H 'a-form double helix'  
5M0H 'hairpin loop'         
5M0H tetraloop              
5M0H 'bulge loop'           
5M0H 'mismatched base pair' 
5M0H 'internal loop'        
# 
loop_
_ndb_struct_na_base_pair.model_number 
_ndb_struct_na_base_pair.i_label_asym_id 
_ndb_struct_na_base_pair.i_label_comp_id 
_ndb_struct_na_base_pair.i_label_seq_id 
_ndb_struct_na_base_pair.i_symmetry 
_ndb_struct_na_base_pair.j_label_asym_id 
_ndb_struct_na_base_pair.j_label_comp_id 
_ndb_struct_na_base_pair.j_label_seq_id 
_ndb_struct_na_base_pair.j_symmetry 
_ndb_struct_na_base_pair.shear 
_ndb_struct_na_base_pair.stretch 
_ndb_struct_na_base_pair.stagger 
_ndb_struct_na_base_pair.buckle 
_ndb_struct_na_base_pair.propeller 
_ndb_struct_na_base_pair.opening 
_ndb_struct_na_base_pair.pair_number 
_ndb_struct_na_base_pair.pair_name 
_ndb_struct_na_base_pair.i_auth_asym_id 
_ndb_struct_na_base_pair.i_auth_seq_id 
_ndb_struct_na_base_pair.i_PDB_ins_code 
_ndb_struct_na_base_pair.j_auth_asym_id 
_ndb_struct_na_base_pair.j_auth_seq_id 
_ndb_struct_na_base_pair.j_PDB_ins_code 
_ndb_struct_na_base_pair.hbond_type_28 
_ndb_struct_na_base_pair.hbond_type_12 
1 A G 1  1_555 A C 42 1_555 -0.896 0.116  -0.104 -11.448 -14.693 0.964   1  A_G1:C42_A  A 1  ? A 42 ? 19 1 
1 A A 2  1_555 A U 41 1_555 0.054  0.466  0.912  0.779   -12.833 7.102   2  A_A2:U41_A  A 2  ? A 41 ? ?  ? 
1 A U 3  1_555 A A 40 1_555 -0.264 0.181  0.864  4.676   -9.466  18.030  3  A_U3:A40_A  A 3  ? A 40 ? ?  1 
1 A A 4  1_555 A U 39 1_555 1.244  0.077  -0.200 -16.706 -25.495 2.608   4  A_A4:U39_A  A 4  ? A 39 ? 20 1 
1 A A 5  1_555 A U 38 1_555 -0.508 0.679  -0.524 4.340   -18.479 -35.000 5  A_A5:U38_A  A 5  ? A 38 ? ?  ? 
1 A U 7  1_555 A A 37 1_555 0.582  -0.016 0.762  -18.041 -4.652  7.936   6  A_U7:A37_A  A 7  ? A 37 ? 20 1 
1 A G 8  1_555 A C 36 1_555 1.561  0.517  0.041  0.087   -13.664 6.674   7  A_G8:C36_A  A 8  ? A 36 ? ?  1 
1 A U 11 1_555 A A 35 1_555 -1.485 -0.223 -1.927 34.240  -25.706 -9.484  8  A_U11:A35_A A 11 ? A 35 ? 20 1 
1 A C 12 1_555 A G 34 1_555 0.472  -0.063 -0.211 8.478   -13.834 1.529   9  A_C12:G34_A A 12 ? A 34 ? 19 1 
1 A G 13 1_555 A C 33 1_555 -0.243 -0.200 -0.133 -4.743  -14.473 2.435   10 A_G13:C33_A A 13 ? A 33 ? 19 1 
1 A C 14 1_555 A G 32 1_555 0.178  -0.152 -0.201 3.200   -8.697  -0.530  11 A_C14:G32_A A 14 ? A 32 ? 19 1 
1 A U 15 1_555 A A 30 1_555 4.265  -2.496 -0.446 -17.486 0.752   -88.554 12 A_U15:A30_A A 15 ? A 30 ? 24 4 
1 A G 18 1_555 A U 29 1_555 -2.439 -0.606 -0.056 -3.287  -12.912 -2.484  13 A_G18:U29_A A 18 ? A 29 ? 28 1 
1 A G 19 1_555 A C 28 1_555 -0.003 -0.023 -0.129 -6.284  -7.949  3.891   14 A_G19:C28_A A 19 ? A 28 ? 19 1 
1 A A 20 1_555 A U 27 1_555 0.504  -0.060 -0.030 -12.372 -8.448  5.788   15 A_A20:U27_A A 20 ? A 27 ? 20 1 
1 A U 21 1_555 A G 26 1_555 2.437  -0.530 -0.017 -3.388  6.587   3.949   16 A_U21:G26_A A 21 ? A 26 ? 28 1 
1 A G 22 1_555 A A 25 1_555 6.989  -4.844 0.985  13.587  -4.511  -12.335 17 A_G22:A25_A A 22 ? A 25 ? ?  ? 
# 
loop_
_ndb_struct_na_base_pair_step.model_number 
_ndb_struct_na_base_pair_step.i_label_asym_id_1 
_ndb_struct_na_base_pair_step.i_label_comp_id_1 
_ndb_struct_na_base_pair_step.i_label_seq_id_1 
_ndb_struct_na_base_pair_step.i_symmetry_1 
_ndb_struct_na_base_pair_step.j_label_asym_id_1 
_ndb_struct_na_base_pair_step.j_label_comp_id_1 
_ndb_struct_na_base_pair_step.j_label_seq_id_1 
_ndb_struct_na_base_pair_step.j_symmetry_1 
_ndb_struct_na_base_pair_step.i_label_asym_id_2 
_ndb_struct_na_base_pair_step.i_label_comp_id_2 
_ndb_struct_na_base_pair_step.i_label_seq_id_2 
_ndb_struct_na_base_pair_step.i_symmetry_2 
_ndb_struct_na_base_pair_step.j_label_asym_id_2 
_ndb_struct_na_base_pair_step.j_label_comp_id_2 
_ndb_struct_na_base_pair_step.j_label_seq_id_2 
_ndb_struct_na_base_pair_step.j_symmetry_2 
_ndb_struct_na_base_pair_step.shift 
_ndb_struct_na_base_pair_step.slide 
_ndb_struct_na_base_pair_step.rise 
_ndb_struct_na_base_pair_step.tilt 
_ndb_struct_na_base_pair_step.roll 
_ndb_struct_na_base_pair_step.twist 
_ndb_struct_na_base_pair_step.x_displacement 
_ndb_struct_na_base_pair_step.y_displacement 
_ndb_struct_na_base_pair_step.helical_rise 
_ndb_struct_na_base_pair_step.inclination 
_ndb_struct_na_base_pair_step.tip 
_ndb_struct_na_base_pair_step.helical_twist 
_ndb_struct_na_base_pair_step.step_number 
_ndb_struct_na_base_pair_step.step_name 
_ndb_struct_na_base_pair_step.i_auth_asym_id_1 
_ndb_struct_na_base_pair_step.i_auth_seq_id_1 
_ndb_struct_na_base_pair_step.i_PDB_ins_code_1 
_ndb_struct_na_base_pair_step.j_auth_asym_id_1 
_ndb_struct_na_base_pair_step.j_auth_seq_id_1 
_ndb_struct_na_base_pair_step.j_PDB_ins_code_1 
_ndb_struct_na_base_pair_step.i_auth_asym_id_2 
_ndb_struct_na_base_pair_step.i_auth_seq_id_2 
_ndb_struct_na_base_pair_step.i_PDB_ins_code_2 
_ndb_struct_na_base_pair_step.j_auth_asym_id_2 
_ndb_struct_na_base_pair_step.j_auth_seq_id_2 
_ndb_struct_na_base_pair_step.j_PDB_ins_code_2 
1 A G 1  1_555 A C 42 1_555 A A 2  1_555 A U 41 1_555 -0.162 -1.252 2.625 -10.601 7.353  36.363 -2.606 -0.773 2.296 11.352  16.366 
38.511 1  AA_G1A2:U41C42_AA   A 1  ? A 42 ? A 2  ? A 41 ? 
1 A A 2  1_555 A U 41 1_555 A U 3  1_555 A A 40 1_555 0.165  -1.469 3.125 -2.663  2.088  29.480 -3.282 -0.849 2.990 4.086   5.212 
29.670 2  AA_A2U3:A40U41_AA   A 2  ? A 41 ? A 3  ? A 40 ? 
1 A U 3  1_555 A A 40 1_555 A A 4  1_555 A U 39 1_555 -0.287 -1.158 3.528 10.507  19.084 43.452 -2.911 1.175  2.694 24.062  
-13.248 48.370 3  AA_U3A4:U39A40_AA   A 3  ? A 40 ? A 4  ? A 39 ? 
1 A A 4  1_555 A U 39 1_555 A A 5  1_555 A U 38 1_555 -1.934 -0.728 2.704 -4.278  10.435 17.591 -5.736 3.812  2.315 30.396  12.462 
20.872 4  AA_A4A5:U38U39_AA   A 4  ? A 39 ? A 5  ? A 38 ? 
1 A A 5  1_555 A U 38 1_555 A U 7  1_555 A A 37 1_555 0.575  -2.496 3.580 -12.484 17.755 54.099 -3.496 -1.242 2.538 18.699  13.148 
57.984 5  AA_A5U7:A37U38_AA   A 5  ? A 38 ? A 7  ? A 37 ? 
1 A U 7  1_555 A A 37 1_555 A G 8  1_555 A C 36 1_555 -1.753 -1.114 3.018 7.031   -5.833 30.079 -1.078 4.421  2.713 -10.926 
-13.170 31.405 6  AA_U7G8:C36A37_AA   A 7  ? A 37 ? A 8  ? A 36 ? 
1 A G 8  1_555 A C 36 1_555 A U 11 1_555 A A 35 1_555 -2.844 -0.845 2.375 13.178  6.846  29.365 -2.107 6.210  0.841 12.544  
-24.147 32.833 7  AA_G8U11:A35C36_AA  A 8  ? A 36 ? A 11 ? A 35 ? 
1 A U 11 1_555 A A 35 1_555 A C 12 1_555 A G 34 1_555 0.931  -1.194 4.289 -11.284 12.208 43.395 -2.801 -2.369 3.516 15.835  14.636 
46.326 8  AA_U11C12:G34A35_AA A 11 ? A 35 ? A 12 ? A 34 ? 
1 A C 12 1_555 A G 34 1_555 A G 13 1_555 A C 33 1_555 0.582  -1.878 3.505 -1.528  12.946 28.198 -5.875 -1.367 2.398 24.955  2.945 
31.010 9  AA_C12G13:C33G34_AA A 12 ? A 34 ? A 13 ? A 33 ? 
1 A G 13 1_555 A C 33 1_555 A C 14 1_555 A G 32 1_555 -1.030 -2.197 3.062 -1.209  -0.343 30.082 -4.163 1.749  3.124 -0.661  2.329 
30.108 10 AA_G13C14:G32C33_AA A 13 ? A 33 ? A 14 ? A 32 ? 
1 A C 14 1_555 A G 32 1_555 A U 15 1_555 A A 30 1_555 -2.515 -2.015 3.864 10.159  8.646  73.978 -1.948 2.410  3.328 7.129   -8.376 
75.002 11 AA_C14U15:A30G32_AA A 14 ? A 32 ? A 15 ? A 30 ? 
1 A U 15 1_555 A A 30 1_555 A G 18 1_555 A U 29 1_555 -0.404 -0.545 6.572 6.894   -1.086 47.390 -0.499 1.593  6.466 -1.342  -8.524 
47.872 12 AA_U15G18:U29A30_AA A 15 ? A 30 ? A 18 ? A 29 ? 
1 A G 18 1_555 A U 29 1_555 A G 19 1_555 A C 28 1_555 0.132  -1.515 3.330 -2.483  6.372  40.357 -2.853 -0.455 3.053 9.157   3.568 
40.908 13 AA_G18G19:C28U29_AA A 18 ? A 29 ? A 19 ? A 28 ? 
1 A G 19 1_555 A C 28 1_555 A A 20 1_555 A U 27 1_555 0.262  -1.779 3.413 1.894   8.160  34.486 -4.101 -0.156 2.938 13.519  -3.138 
35.459 14 AA_G19A20:U27C28_AA A 19 ? A 28 ? A 20 ? A 27 ? 
1 A A 20 1_555 A U 27 1_555 A U 21 1_555 A G 26 1_555 0.349  -1.351 3.042 1.913   7.219  37.021 -2.924 -0.318 2.753 11.229  -2.976 
37.741 15 AA_A20U21:G26U27_AA A 20 ? A 27 ? A 21 ? A 26 ? 
1 A U 21 1_555 A G 26 1_555 A G 22 1_555 A A 25 1_555 -1.891 -0.996 2.748 0.964   12.267 44.233 -2.128 2.495  2.366 15.928  -1.252 
45.830 16 AA_U21G22:A25G26_AA A 21 ? A 26 ? A 22 ? A 25 ? 
# 
_pdbx_initial_refinement_model.id               1 
_pdbx_initial_refinement_model.entity_id_list   ? 
_pdbx_initial_refinement_model.type             'experimental model' 
_pdbx_initial_refinement_model.source_name      PDB 
_pdbx_initial_refinement_model.accession_code   4FNJ 
_pdbx_initial_refinement_model.details          ? 
# 
_atom_sites.entry_id                    5M0H 
_atom_sites.fract_transf_matrix[1][1]   -0.01490330 
_atom_sites.fract_transf_matrix[1][2]   -0.00440782 
_atom_sites.fract_transf_matrix[1][3]   0.00041460 
_atom_sites.fract_transf_matrix[2][1]   -0.00065287 
_atom_sites.fract_transf_matrix[2][2]   0.00074805 
_atom_sites.fract_transf_matrix[2][3]   -0.01551526 
_atom_sites.fract_transf_matrix[3][1]   0.00374600 
_atom_sites.fract_transf_matrix[3][2]   -0.01273820 
_atom_sites.fract_transf_matrix[3][3]   -0.00077179 
_atom_sites.fract_transf_vector[1]      0.081259 
_atom_sites.fract_transf_vector[2]      0.218587 
_atom_sites.fract_transf_vector[3]      0.161594 
# 
loop_
_atom_type.symbol 
C 
N 
O 
P 
S 
# 
loop_
_atom_site.group_PDB 
_atom_site.id 
_atom_site.type_symbol 
_atom_site.label_atom_id 
_atom_site.label_alt_id 
_atom_site.label_comp_id 
_atom_site.label_asym_id 
_atom_site.label_entity_id 
_atom_site.label_seq_id 
_atom_site.pdbx_PDB_ins_code 
_atom_site.Cartn_x 
_atom_site.Cartn_y 
_atom_site.Cartn_z 
_atom_site.occupancy 
_atom_site.B_iso_or_equiv 
_atom_site.pdbx_formal_charge 
_atom_site.auth_seq_id 
_atom_site.auth_comp_id 
_atom_site.auth_asym_id 
_atom_site.auth_atom_id 
_atom_site.pdbx_PDB_model_num 
ATOM   1   O "O5'" . G   A 1 1  ? 2.362   -22.698 -6.727  1.00 138.65 ? 1   G   A "O5'" 1 
ATOM   2   C "C5'" . G   A 1 1  ? 1.075   -22.171 -6.444  1.00 138.49 ? 1   G   A "C5'" 1 
ATOM   3   C "C4'" . G   A 1 1  ? -0.015  -23.163 -6.772  1.00 139.39 ? 1   G   A "C4'" 1 
ATOM   4   O "O4'" . G   A 1 1  ? 0.202   -24.401 -6.045  1.00 139.97 ? 1   G   A "O4'" 1 
ATOM   5   C "C3'" . G   A 1 1  ? -1.424  -22.750 -6.382  1.00 138.22 ? 1   G   A "C3'" 1 
ATOM   6   O "O3'" . G   A 1 1  ? -2.017  -21.874 -7.320  1.00 143.56 ? 1   G   A "O3'" 1 
ATOM   7   C "C2'" . G   A 1 1  ? -2.140  -24.084 -6.265  1.00 134.62 ? 1   G   A "C2'" 1 
ATOM   8   O "O2'" . G   A 1 1  ? -2.467  -24.585 -7.551  1.00 131.55 ? 1   G   A "O2'" 1 
ATOM   9   C "C1'" . G   A 1 1  ? -1.038  -24.962 -5.670  1.00 137.54 ? 1   G   A "C1'" 1 
ATOM   10  N N9    . G   A 1 1  ? -1.098  -25.027 -4.195  1.00 136.00 ? 1   G   A N9    1 
ATOM   11  C C8    . G   A 1 1  ? -0.061  -24.799 -3.321  1.00 136.85 ? 1   G   A C8    1 
ATOM   12  N N7    . G   A 1 1  ? -0.400  -24.927 -2.067  1.00 137.03 ? 1   G   A N7    1 
ATOM   13  C C5    . G   A 1 1  ? -1.744  -25.266 -2.110  1.00 136.61 ? 1   G   A C5    1 
ATOM   14  C C6    . G   A 1 1  ? -2.657  -25.538 -1.056  1.00 137.74 ? 1   G   A C6    1 
ATOM   15  O O6    . G   A 1 1  ? -2.458  -25.529 0.168   1.00 137.68 ? 1   G   A O6    1 
ATOM   16  N N1    . G   A 1 1  ? -3.922  -25.842 -1.546  1.00 136.88 ? 1   G   A N1    1 
ATOM   17  C C2    . G   A 1 1  ? -4.267  -25.881 -2.875  1.00 136.50 ? 1   G   A C2    1 
ATOM   18  N N2    . G   A 1 1  ? -5.539  -26.191 -3.156  1.00 134.88 ? 1   G   A N2    1 
ATOM   19  N N3    . G   A 1 1  ? -3.428  -25.634 -3.862  1.00 135.63 ? 1   G   A N3    1 
ATOM   20  C C4    . G   A 1 1  ? -2.188  -25.338 -3.414  1.00 135.90 ? 1   G   A C4    1 
ATOM   21  P P     . A   A 1 2  ? -2.187  -20.312 -6.978  1.00 152.73 ? 2   A   A P     1 
ATOM   22  O OP1   . A   A 1 2  ? -1.839  -19.571 -8.218  1.00 152.61 ? 2   A   A OP1   1 
ATOM   23  O OP2   . A   A 1 2  ? -1.447  -20.006 -5.723  1.00 146.08 ? 2   A   A OP2   1 
ATOM   24  O "O5'" . A   A 1 2  ? -3.748  -20.152 -6.681  1.00 142.34 ? 2   A   A "O5'" 1 
ATOM   25  C "C5'" . A   A 1 2  ? -4.721  -20.721 -7.545  1.00 137.90 ? 2   A   A "C5'" 1 
ATOM   26  C "C4'" . A   A 1 2  ? -5.835  -21.385 -6.772  1.00 139.28 ? 2   A   A "C4'" 1 
ATOM   27  O "O4'" . A   A 1 2  ? -5.323  -22.531 -6.045  1.00 137.41 ? 2   A   A "O4'" 1 
ATOM   28  C "C3'" . A   A 1 2  ? -6.509  -20.544 -5.699  1.00 144.38 ? 2   A   A "C3'" 1 
ATOM   29  O "O3'" . A   A 1 2  ? -7.466  -19.633 -6.221  1.00 145.48 ? 2   A   A "O3'" 1 
ATOM   30  C "C2'" . A   A 1 2  ? -7.112  -21.602 -4.779  1.00 141.49 ? 2   A   A "C2'" 1 
ATOM   31  O "O2'" . A   A 1 2  ? -8.327  -22.109 -5.312  1.00 142.09 ? 2   A   A "O2'" 1 
ATOM   32  C "C1'" . A   A 1 2  ? -6.056  -22.706 -4.849  1.00 138.25 ? 2   A   A "C1'" 1 
ATOM   33  N N9    . A   A 1 2  ? -5.128  -22.669 -3.703  1.00 139.89 ? 2   A   A N9    1 
ATOM   34  C C8    . A   A 1 2  ? -3.772  -22.459 -3.719  1.00 140.76 ? 2   A   A C8    1 
ATOM   35  N N7    . A   A 1 2  ? -3.210  -22.490 -2.534  1.00 140.83 ? 2   A   A N7    1 
ATOM   36  C C5    . A   A 1 2  ? -4.272  -22.739 -1.679  1.00 139.97 ? 2   A   A C5    1 
ATOM   37  C C6    . A   A 1 2  ? -4.335  -22.889 -0.287  1.00 140.11 ? 2   A   A C6    1 
ATOM   38  N N6    . A   A 1 2  ? -3.269  -22.805 0.513   1.00 141.22 ? 2   A   A N6    1 
ATOM   39  N N1    . A   A 1 2  ? -5.544  -23.132 0.260   1.00 140.90 ? 2   A   A N1    1 
ATOM   40  C C2    . A   A 1 2  ? -6.609  -23.217 -0.547  1.00 141.03 ? 2   A   A C2    1 
ATOM   41  N N3    . A   A 1 2  ? -6.676  -23.095 -1.870  1.00 141.25 ? 2   A   A N3    1 
ATOM   42  C C4    . A   A 1 2  ? -5.458  -22.855 -2.383  1.00 140.94 ? 2   A   A C4    1 
ATOM   43  P P     . U   A 1 3  ? -7.469  -18.088 -5.767  1.00 139.98 ? 3   U   A P     1 
ATOM   44  O OP1   . U   A 1 3  ? -7.730  -17.270 -6.972  1.00 145.15 ? 3   U   A OP1   1 
ATOM   45  O OP2   . U   A 1 3  ? -6.251  -17.821 -4.960  1.00 144.88 ? 3   U   A OP2   1 
ATOM   46  O "O5'" . U   A 1 3  ? -8.730  -17.966 -4.804  1.00 139.99 ? 3   U   A "O5'" 1 
ATOM   47  C "C5'" . U   A 1 3  ? -9.701  -18.998 -4.737  1.00 143.83 ? 3   U   A "C5'" 1 
ATOM   48  C "C4'" . U   A 1 3  ? -10.239 -19.152 -3.336  1.00 149.36 ? 3   U   A "C4'" 1 
ATOM   49  O "O4'" . U   A 1 3  ? -9.568  -20.245 -2.653  1.00 146.94 ? 3   U   A "O4'" 1 
ATOM   50  C "C3'" . U   A 1 3  ? -10.036 -17.969 -2.405  1.00 152.96 ? 3   U   A "C3'" 1 
ATOM   51  O "O3'" . U   A 1 3  ? -10.959 -16.917 -2.620  1.00 154.73 ? 3   U   A "O3'" 1 
ATOM   52  C "C2'" . U   A 1 3  ? -10.148 -18.612 -1.031  1.00 151.21 ? 3   U   A "C2'" 1 
ATOM   53  O "O2'" . U   A 1 3  ? -11.508 -18.845 -0.699  1.00 152.11 ? 3   U   A "O2'" 1 
ATOM   54  C "C1'" . U   A 1 3  ? -9.466  -19.957 -1.273  1.00 147.59 ? 3   U   A "C1'" 1 
ATOM   55  N N1    . U   A 1 3  ? -8.036  -19.910 -0.894  1.00 149.49 ? 3   U   A N1    1 
ATOM   56  C C2    . U   A 1 3  ? -7.735  -20.070 0.445   1.00 151.19 ? 3   U   A C2    1 
ATOM   57  O O2    . U   A 1 3  ? -8.593  -20.259 1.293   1.00 150.05 ? 3   U   A O2    1 
ATOM   58  N N3    . U   A 1 3  ? -6.390  -20.008 0.743   1.00 150.65 ? 3   U   A N3    1 
ATOM   59  C C4    . U   A 1 3  ? -5.346  -19.799 -0.140  1.00 147.06 ? 3   U   A C4    1 
ATOM   60  O O4    . U   A 1 3  ? -4.190  -19.767 0.279   1.00 146.29 ? 3   U   A O4    1 
ATOM   61  C C5    . U   A 1 3  ? -5.743  -19.637 -1.504  1.00 145.59 ? 3   U   A C5    1 
ATOM   62  C C6    . U   A 1 3  ? -7.041  -19.694 -1.822  1.00 147.66 ? 3   U   A C6    1 
ATOM   63  P P     . A   A 1 4  ? -10.559 -15.416 -2.218  1.00 158.55 ? 4   A   A P     1 
ATOM   64  O OP1   . A   A 1 4  ? -11.639 -14.495 -2.644  1.00 165.82 ? 4   A   A OP1   1 
ATOM   65  O OP2   . A   A 1 4  ? -9.171  -15.175 -2.683  1.00 159.07 ? 4   A   A OP2   1 
ATOM   66  O "O5'" . A   A 1 4  ? -10.554 -15.443 -0.630  1.00 157.26 ? 4   A   A "O5'" 1 
ATOM   67  C "C5'" . A   A 1 4  ? -11.732 -15.749 0.095   1.00 160.39 ? 4   A   A "C5'" 1 
ATOM   68  C "C4'" . A   A 1 4  ? -11.421 -15.855 1.559   1.00 162.91 ? 4   A   A "C4'" 1 
ATOM   69  O "O4'" . A   A 1 4  ? -10.515 -16.964 1.771   1.00 162.14 ? 4   A   A "O4'" 1 
ATOM   70  C "C3'" . A   A 1 4  ? -10.688 -14.661 2.141   1.00 169.71 ? 4   A   A "C3'" 1 
ATOM   71  O "O3'" . A   A 1 4  ? -11.559 -13.598 2.483   1.00 177.54 ? 4   A   A "O3'" 1 
ATOM   72  C "C2'" . A   A 1 4  ? -9.944  -15.259 3.328   1.00 164.71 ? 4   A   A "C2'" 1 
ATOM   73  O "O2'" . A   A 1 4  ? -10.788 -15.369 4.464   1.00 163.37 ? 4   A   A "O2'" 1 
ATOM   74  C "C1'" . A   A 1 4  ? -9.609  -16.658 2.811   1.00 163.46 ? 4   A   A "C1'" 1 
ATOM   75  N N9    . A   A 1 4  ? -8.230  -16.747 2.288   1.00 160.84 ? 4   A   A N9    1 
ATOM   76  C C8    . A   A 1 4  ? -7.800  -16.599 0.991   1.00 157.12 ? 4   A   A C8    1 
ATOM   77  N N7    . A   A 1 4  ? -6.502  -16.741 0.847   1.00 155.28 ? 4   A   A N7    1 
ATOM   78  C C5    . A   A 1 4  ? -6.044  -17.000 2.135   1.00 157.01 ? 4   A   A C5    1 
ATOM   79  C C6    . A   A 1 4  ? -4.760  -17.247 2.664   1.00 154.74 ? 4   A   A C6    1 
ATOM   80  N N6    . A   A 1 4  ? -3.647  -17.274 1.927   1.00 151.81 ? 4   A   A N6    1 
ATOM   81  N N1    . A   A 1 4  ? -4.651  -17.468 3.995   1.00 152.38 ? 4   A   A N1    1 
ATOM   82  C C2    . A   A 1 4  ? -5.764  -17.443 4.739   1.00 153.84 ? 4   A   A C2    1 
ATOM   83  N N3    . A   A 1 4  ? -7.022  -17.224 4.360   1.00 156.65 ? 4   A   A N3    1 
ATOM   84  C C4    . A   A 1 4  ? -7.099  -17.006 3.033   1.00 159.05 ? 4   A   A C4    1 
ATOM   85  P P     . A   A 1 5  ? -11.600 -12.263 1.585   1.00 189.13 ? 5   A   A P     1 
ATOM   86  O OP1   . A   A 1 5  ? -12.654 -11.381 2.150   1.00 191.49 ? 5   A   A OP1   1 
ATOM   87  O OP2   . A   A 1 5  ? -11.640 -12.628 0.144   1.00 183.81 ? 5   A   A OP2   1 
ATOM   88  O "O5'" . A   A 1 5  ? -10.191 -11.580 1.869   1.00 181.46 ? 5   A   A "O5'" 1 
ATOM   89  C "C5'" . A   A 1 5  ? -10.093 -10.473 2.748   1.00 182.50 ? 5   A   A "C5'" 1 
ATOM   90  C "C4'" . A   A 1 5  ? -10.176 -10.898 4.191   1.00 178.11 ? 5   A   A "C4'" 1 
ATOM   91  O "O4'" . A   A 1 5  ? -9.934  -12.327 4.297   1.00 164.34 ? 5   A   A "O4'" 1 
ATOM   92  C "C3'" . A   A 1 5  ? -9.140  -10.274 5.112   1.00 179.86 ? 5   A   A "C3'" 1 
ATOM   93  O "O3'" . A   A 1 5  ? -9.484  -8.960  5.543   1.00 190.52 ? 5   A   A "O3'" 1 
ATOM   94  C "C2'" . A   A 1 5  ? -9.028  -11.308 6.227   1.00 175.07 ? 5   A   A "C2'" 1 
ATOM   95  O "O2'" . A   A 1 5  ? -10.145 -11.234 7.104   1.00 175.85 ? 5   A   A "O2'" 1 
ATOM   96  C "C1'" . A   A 1 5  ? -9.146  -12.604 5.430   1.00 166.96 ? 5   A   A "C1'" 1 
ATOM   97  N N9    . A   A 1 5  ? -7.838  -13.097 4.953   1.00 166.62 ? 5   A   A N9    1 
ATOM   98  C C8    . A   A 1 5  ? -7.435  -13.221 3.643   1.00 163.22 ? 5   A   A C8    1 
ATOM   99  N N7    . A   A 1 5  ? -6.221  -13.697 3.490   1.00 160.17 ? 5   A   A N7    1 
ATOM   100 C C5    . A   A 1 5  ? -5.778  -13.904 4.792   1.00 161.60 ? 5   A   A C5    1 
ATOM   101 C C6    . A   A 1 5  ? -4.561  -14.396 5.317   1.00 155.54 ? 5   A   A C6    1 
ATOM   102 N N6    . A   A 1 5  ? -3.521  -14.784 4.575   1.00 150.16 ? 5   A   A N6    1 
ATOM   103 N N1    . A   A 1 5  ? -4.438  -14.475 6.661   1.00 156.00 ? 5   A   A N1    1 
ATOM   104 C C2    . A   A 1 5  ? -5.476  -14.086 7.419   1.00 161.01 ? 5   A   A C2    1 
ATOM   105 N N3    . A   A 1 5  ? -6.666  -13.607 7.047   1.00 166.74 ? 5   A   A N3    1 
ATOM   106 C C4    . A   A 1 5  ? -6.764  -13.540 5.704   1.00 166.73 ? 5   A   A C4    1 
ATOM   107 P P     . C   A 1 6  ? -8.887  -7.658  4.790   0.56 191.59 ? 6   C   A P     1 
ATOM   108 O OP1   . C   A 1 6  ? -9.619  -7.483  3.508   0.56 188.22 ? 6   C   A OP1   1 
ATOM   109 O OP2   . C   A 1 6  ? -7.404  -7.736  4.765   0.56 186.91 ? 6   C   A OP2   1 
ATOM   110 O "O5'" . C   A 1 6  ? -9.303  -6.431  5.725   0.56 187.71 ? 6   C   A "O5'" 1 
ATOM   111 C "C5'" . C   A 1 6  ? -8.502  -6.025  6.830   0.56 180.75 ? 6   C   A "C5'" 1 
ATOM   112 C "C4'" . C   A 1 6  ? -9.191  -6.330  8.138   0.56 182.47 ? 6   C   A "C4'" 1 
ATOM   113 O "O4'" . C   A 1 6  ? -10.602 -5.980  8.028   0.56 181.78 ? 6   C   A "O4'" 1 
ATOM   114 C "C3'" . C   A 1 6  ? -9.189  -7.802  8.541   0.56 181.98 ? 6   C   A "C3'" 1 
ATOM   115 O "O3'" . C   A 1 6  ? -8.021  -8.186  9.257   0.56 181.54 ? 6   C   A "O3'" 1 
ATOM   116 C "C2'" . C   A 1 6  ? -10.474 -7.936  9.345   0.56 180.04 ? 6   C   A "C2'" 1 
ATOM   117 O "O2'" . C   A 1 6  ? -10.308 -7.407  10.653  0.56 175.33 ? 6   C   A "O2'" 1 
ATOM   118 C "C1'" . C   A 1 6  ? -11.402 -7.004  8.573   0.56 181.09 ? 6   C   A "C1'" 1 
ATOM   119 N N1    . C   A 1 6  ? -12.097 -7.657  7.431   0.56 183.95 ? 6   C   A N1    1 
ATOM   120 C C2    . C   A 1 6  ? -12.548 -8.997  7.370   0.56 183.08 ? 6   C   A C2    1 
ATOM   121 O O2    . C   A 1 6  ? -12.386 -9.809  8.295   0.56 180.23 ? 6   C   A O2    1 
ATOM   122 N N3    . C   A 1 6  ? -13.167 -9.419  6.239   0.56 184.01 ? 6   C   A N3    1 
ATOM   123 C C4    . C   A 1 6  ? -13.371 -8.598  5.209   0.56 187.08 ? 6   C   A C4    1 
ATOM   124 N N4    . C   A 1 6  ? -13.992 -9.076  4.129   0.56 194.05 ? 6   C   A N4    1 
ATOM   125 C C5    . C   A 1 6  ? -12.943 -7.245  5.243   0.56 187.98 ? 6   C   A C5    1 
ATOM   126 C C6    . C   A 1 6  ? -12.330 -6.837  6.359   0.56 185.20 ? 6   C   A C6    1 
ATOM   127 P P     . U   A 1 7  ? -6.953  -9.214  8.618   1.00 174.26 ? 7   U   A P     1 
ATOM   128 O OP1   . U   A 1 7  ? -6.878  -8.974  7.158   1.00 177.34 ? 7   U   A OP1   1 
ATOM   129 O OP2   . U   A 1 7  ? -7.205  -10.585 9.132   1.00 170.22 ? 7   U   A OP2   1 
ATOM   130 O "O5'" . U   A 1 7  ? -5.559  -8.711  9.189   1.00 171.63 ? 7   U   A "O5'" 1 
ATOM   131 C "C5'" . U   A 1 7  ? -5.141  -9.015  10.509  1.00 170.91 ? 7   U   A "C5'" 1 
ATOM   132 C "C4'" . U   A 1 7  ? -3.645  -9.162  10.553  1.00 168.67 ? 7   U   A "C4'" 1 
ATOM   133 O "O4'" . U   A 1 7  ? -3.291  -10.493 10.083  1.00 165.24 ? 7   U   A "O4'" 1 
ATOM   134 C "C3'" . U   A 1 7  ? -2.884  -8.234  9.614   1.00 167.09 ? 7   U   A "C3'" 1 
ATOM   135 O "O3'" . U   A 1 7  ? -2.779  -6.876  10.046  1.00 162.56 ? 7   U   A "O3'" 1 
ATOM   136 C "C2'" . U   A 1 7  ? -1.587  -8.999  9.366   1.00 164.39 ? 7   U   A "C2'" 1 
ATOM   137 O "O2'" . U   A 1 7  ? -0.690  -8.912  10.464  1.00 167.01 ? 7   U   A "O2'" 1 
ATOM   138 C "C1'" . U   A 1 7  ? -2.115  -10.435 9.296   1.00 162.78 ? 7   U   A "C1'" 1 
ATOM   139 N N1    . U   A 1 7  ? -2.456  -10.824 7.907   1.00 158.81 ? 7   U   A N1    1 
ATOM   140 C C2    . U   A 1 7  ? -1.405  -11.056 7.034   1.00 151.49 ? 7   U   A C2    1 
ATOM   141 O O2    . U   A 1 7  ? -0.234  -10.962 7.367   1.00 148.57 ? 7   U   A O2    1 
ATOM   142 N N3    . U   A 1 7  ? -1.770  -11.400 5.754   1.00 147.26 ? 7   U   A N3    1 
ATOM   143 C C4    . U   A 1 7  ? -3.051  -11.529 5.269   1.00 149.23 ? 7   U   A C4    1 
ATOM   144 O O4    . U   A 1 7  ? -3.215  -11.846 4.090   1.00 147.63 ? 7   U   A O4    1 
ATOM   145 C C5    . U   A 1 7  ? -4.083  -11.269 6.230   1.00 157.25 ? 7   U   A C5    1 
ATOM   146 C C6    . U   A 1 7  ? -3.764  -10.936 7.485   1.00 157.72 ? 7   U   A C6    1 
ATOM   147 P P     . G   A 1 8  ? -1.742  -6.382  11.171  0.00 165.78 ? 8   G   A P     1 
ATOM   148 O OP1   . G   A 1 8  ? -1.621  -7.408  12.232  0.93 164.99 ? 8   G   A OP1   1 
ATOM   149 O OP2   . G   A 1 8  ? -2.139  -5.002  11.547  0.74 170.57 ? 8   G   A OP2   1 
ATOM   150 O "O5'" . G   A 1 8  ? -0.343  -6.313  10.412  1.00 160.49 ? 8   G   A "O5'" 1 
ATOM   151 C "C5'" . G   A 1 8  ? 0.835   -5.974  11.123  0.43 162.88 ? 8   G   A "C5'" 1 
ATOM   152 C "C4'" . G   A 1 8  ? 2.089   -6.320  10.358  0.00 164.75 ? 8   G   A "C4'" 1 
ATOM   153 O "O4'" . G   A 1 8  ? 1.930   -7.594  9.680   0.88 165.49 ? 8   G   A "O4'" 1 
ATOM   154 C "C3'" . G   A 1 8  ? 2.484   -5.381  9.236   0.00 161.93 ? 8   G   A "C3'" 1 
ATOM   155 O "O3'" . G   A 1 8  ? 3.037   -4.151  9.670   1.00 168.12 ? 8   G   A "O3'" 1 
ATOM   156 C "C2'" . G   A 1 8  ? 3.423   -6.250  8.414   0.00 160.87 ? 8   G   A "C2'" 1 
ATOM   157 O "O2'" . G   A 1 8  ? 4.679   -6.394  9.067   1.00 154.95 ? 8   G   A "O2'" 1 
ATOM   158 C "C1'" . G   A 1 8  ? 2.688   -7.589  8.483   0.23 158.56 ? 8   G   A "C1'" 1 
ATOM   159 N N9    . G   A 1 8  ? 1.772   -7.754  7.341   1.00 152.41 ? 8   G   A N9    1 
ATOM   160 C C8    . G   A 1 8  ? 0.492   -7.272  7.250   1.00 154.81 ? 8   G   A C8    1 
ATOM   161 N N7    . G   A 1 8  ? -0.075  -7.557  6.112   1.00 154.99 ? 8   G   A N7    1 
ATOM   162 C C5    . G   A 1 8  ? 0.886   -8.262  5.405   1.00 145.09 ? 8   G   A C5    1 
ATOM   163 C C6    . G   A 1 8  ? 0.828   -8.826  4.102   1.00 139.61 ? 8   G   A C6    1 
ATOM   164 O O6    . G   A 1 8  ? -0.116  -8.807  3.298   1.00 144.64 ? 8   G   A O6    1 
ATOM   165 N N1    . G   A 1 8  ? 2.025   -9.458  3.768   1.00 130.95 ? 8   G   A N1    1 
ATOM   166 C C2    . G   A 1 8  ? 3.136   -9.530  4.584   1.00 131.40 ? 8   G   A C2    1 
ATOM   167 N N2    . G   A 1 8  ? 4.201   -10.186 4.085   1.00 120.69 ? 8   G   A N2    1 
ATOM   168 N N3    . G   A 1 8  ? 3.193   -9.007  5.804   1.00 139.69 ? 8   G   A N3    1 
ATOM   169 C C4    . G   A 1 8  ? 2.041   -8.389  6.148   1.00 145.10 ? 8   G   A C4    1 
ATOM   170 P P     . A   A 1 9  ? 2.326   -2.794  9.189   0.53 171.66 ? 9   A   A P     1 
ATOM   171 O OP1   . A   A 1 9  ? 0.869   -2.943  9.449   0.53 169.70 ? 9   A   A OP1   1 
ATOM   172 O OP2   . A   A 1 9  ? 2.780   -2.508  7.802   0.53 162.75 ? 9   A   A OP2   1 
ATOM   173 O "O5'" . A   A 1 9  ? 2.875   -1.665  10.171  0.53 168.89 ? 9   A   A "O5'" 1 
ATOM   174 C "C5'" . A   A 1 9  ? 2.754   -0.298  9.806   0.53 169.01 ? 9   A   A "C5'" 1 
ATOM   175 C "C4'" . A   A 1 9  ? 2.354   0.589   10.962  0.53 167.68 ? 9   A   A "C4'" 1 
ATOM   176 O "O4'" . A   A 1 9  ? 0.951   0.398   11.315  0.53 168.80 ? 9   A   A "O4'" 1 
ATOM   177 C "C3'" . A   A 1 9  ? 3.061   0.357   12.279  0.53 166.34 ? 9   A   A "C3'" 1 
ATOM   178 O "O3'" . A   A 1 9  ? 4.404   0.764   12.327  0.53 162.54 ? 9   A   A "O3'" 1 
ATOM   179 C "C2'" . A   A 1 9  ? 2.136   1.073   13.239  0.53 165.90 ? 9   A   A "C2'" 1 
ATOM   180 O "O2'" . A   A 1 9  ? 2.183   2.477   13.028  0.53 158.62 ? 9   A   A "O2'" 1 
ATOM   181 C "C1'" . A   A 1 9  ? 0.803   0.551   12.720  0.53 169.10 ? 9   A   A "C1'" 1 
ATOM   182 N N9    . A   A 1 9  ? 0.546   -0.785  13.296  0.53 167.44 ? 9   A   A N9    1 
ATOM   183 C C8    . A   A 1 9  ? 0.167   -1.925  12.629  0.53 167.96 ? 9   A   A C8    1 
ATOM   184 N N7    . A   A 1 9  ? 0.041   -2.975  13.404  0.53 167.50 ? 9   A   A N7    1 
ATOM   185 C C5    . A   A 1 9  ? 0.374   -2.506  14.670  0.53 168.04 ? 9   A   A C5    1 
ATOM   186 C C6    . A   A 1 9  ? 0.434   -3.136  15.931  0.53 172.14 ? 9   A   A C6    1 
ATOM   187 N N6    . A   A 1 9  ? 0.149   -4.427  16.122  0.53 173.96 ? 9   A   A N6    1 
ATOM   188 N N1    . A   A 1 9  ? 0.799   -2.397  17.005  0.53 168.79 ? 9   A   A N1    1 
ATOM   189 C C2    . A   A 1 9  ? 1.083   -1.104  16.816  0.53 168.70 ? 9   A   A C2    1 
ATOM   190 N N3    . A   A 1 9  ? 1.059   -0.403  15.685  0.53 171.76 ? 9   A   A N3    1 
ATOM   191 C C4    . A   A 1 9  ? 0.694   -1.160  14.625  0.53 168.02 ? 9   A   A C4    1 
ATOM   192 P P     . A   A 1 10 ? 5.468   -0.280  12.913  1.00 164.21 ? 10  A   A P     1 
ATOM   193 O OP1   . A   A 1 10 ? 5.008   -1.660  12.585  1.00 157.28 ? 10  A   A OP1   1 
ATOM   194 O OP2   . A   A 1 10 ? 5.745   0.097   14.320  1.00 168.60 ? 10  A   A OP2   1 
ATOM   195 O "O5'" . A   A 1 10 ? 6.772   0.011   12.071  1.00 149.48 ? 10  A   A "O5'" 1 
ATOM   196 C "C5'" . A   A 1 10 ? 6.719   0.148   10.664  1.00 149.59 ? 10  A   A "C5'" 1 
ATOM   197 C "C4'" . A   A 1 10 ? 8.107   0.028   10.118  1.00 144.99 ? 10  A   A "C4'" 1 
ATOM   198 O "O4'" . A   A 1 10 ? 8.975   0.842   10.944  1.00 144.20 ? 10  A   A "O4'" 1 
ATOM   199 C "C3'" . A   A 1 10 ? 8.684   -1.377  10.196  1.00 143.15 ? 10  A   A "C3'" 1 
ATOM   200 O "O3'" . A   A 1 10 ? 8.418   -2.092  8.998   1.00 144.38 ? 10  A   A "O3'" 1 
ATOM   201 C "C2'" . A   A 1 10 ? 10.169  -1.142  10.443  1.00 134.42 ? 10  A   A "C2'" 1 
ATOM   202 O "O2'" . A   A 1 10 ? 10.825  -0.877  9.215   1.00 129.74 ? 10  A   A "O2'" 1 
ATOM   203 C "C1'" . A   A 1 10 ? 10.156  0.151   11.255  1.00 140.84 ? 10  A   A "C1'" 1 
ATOM   204 N N9    . A   A 1 10 ? 10.174  -0.047  12.720  0.89 145.21 ? 10  A   A N9    1 
ATOM   205 C C8    . A   A 1 10 ? 9.184   0.350   13.590  0.65 147.07 ? 10  A   A C8    1 
ATOM   206 N N7    . A   A 1 10 ? 9.428   0.100   14.850  1.00 149.54 ? 10  A   A N7    1 
ATOM   207 C C5    . A   A 1 10 ? 10.685  -0.485  14.814  0.00 146.72 ? 10  A   A C5    1 
ATOM   208 C C6    . A   A 1 10 ? 11.504  -0.976  15.838  0.22 145.64 ? 10  A   A C6    1 
ATOM   209 N N6    . A   A 1 10 ? 11.146  -0.942  17.121  1.00 147.03 ? 10  A   A N6    1 
ATOM   210 N N1    . A   A 1 10 ? 12.698  -1.499  15.491  1.00 136.23 ? 10  A   A N1    1 
ATOM   211 C C2    . A   A 1 10 ? 13.024  -1.516  14.193  0.00 134.56 ? 10  A   A C2    1 
ATOM   212 N N3    . A   A 1 10 ? 12.344  -1.081  13.134  1.00 133.70 ? 10  A   A N3    1 
ATOM   213 C C4    . A   A 1 10 ? 11.164  -0.570  13.516  0.00 142.82 ? 10  A   A C4    1 
ATOM   214 P P     . U   A 1 11 ? 7.696   -3.535  8.987   1.00 144.76 ? 11  U   A P     1 
ATOM   215 O OP1   . U   A 1 11 ? 6.243   -3.324  8.733   1.00 141.09 ? 11  U   A OP1   1 
ATOM   216 O OP2   . U   A 1 11 ? 8.103   -4.308  10.189  1.00 145.76 ? 11  U   A OP2   1 
ATOM   217 O "O5'" . U   A 1 11 ? 8.388   -4.230  7.729   1.00 131.89 ? 11  U   A "O5'" 1 
ATOM   218 C "C5'" . U   A 1 11 ? 9.493   -3.584  7.102   1.00 120.99 ? 11  U   A "C5'" 1 
ATOM   219 C "C4'" . U   A 1 11 ? 10.278  -4.488  6.179   1.00 117.71 ? 11  U   A "C4'" 1 
ATOM   220 O "O4'" . U   A 1 11 ? 9.633   -5.775  6.055   1.00 123.76 ? 11  U   A "O4'" 1 
ATOM   221 C "C3'" . U   A 1 11 ? 10.413  -3.984  4.755   1.00 105.65 ? 11  U   A "C3'" 1 
ATOM   222 O "O3'" . U   A 1 11 ? 11.491  -3.088  4.619   1.00 105.55 ? 11  U   A "O3'" 1 
ATOM   223 C "C2'" . U   A 1 11 ? 10.577  -5.253  3.927   1.00 101.47 ? 11  U   A "C2'" 1 
ATOM   224 O "O2'" . U   A 1 11 ? 11.938  -5.633  3.835   1.00 96.66  ? 11  U   A "O2'" 1 
ATOM   225 C "C1'" . U   A 1 11 ? 9.795   -6.284  4.748   1.00 116.18 ? 11  U   A "C1'" 1 
ATOM   226 N N1    . U   A 1 11 ? 8.446   -6.563  4.195   1.00 119.88 ? 11  U   A N1    1 
ATOM   227 C C2    . U   A 1 11 ? 8.264   -7.729  3.474   1.00 113.86 ? 11  U   A C2    1 
ATOM   228 O O2    . U   A 1 11 ? 9.174   -8.519  3.272   1.00 117.37 ? 11  U   A O2    1 
ATOM   229 N N3    . U   A 1 11 ? 6.982   -7.919  3.009   1.00 104.92 ? 11  U   A N3    1 
ATOM   230 C C4    . U   A 1 11 ? 5.899   -7.079  3.196   1.00 105.88 ? 11  U   A C4    1 
ATOM   231 O O4    . U   A 1 11 ? 4.801   -7.363  2.731   1.00 104.31 ? 11  U   A O4    1 
ATOM   232 C C5    . U   A 1 11 ? 6.164   -5.903  3.953   1.00 106.53 ? 11  U   A C5    1 
ATOM   233 C C6    . U   A 1 11 ? 7.397   -5.693  4.411   1.00 110.81 ? 11  U   A C6    1 
ATOM   234 P P     . C   A 1 12 ? 11.309  -1.804  3.689   1.00 114.13 ? 12  C   A P     1 
ATOM   235 O OP1   . C   A 1 12 ? 12.488  -0.905  3.828   1.00 106.62 ? 12  C   A OP1   1 
ATOM   236 O OP2   . C   A 1 12 ? 9.975   -1.250  4.051   1.00 112.71 ? 12  C   A OP2   1 
ATOM   237 O "O5'" . C   A 1 12 ? 11.289  -2.441  2.219   1.00 104.94 ? 12  C   A "O5'" 1 
ATOM   238 C "C5'" . C   A 1 12 ? 12.355  -3.286  1.786   1.00 98.19  ? 12  C   A "C5'" 1 
ATOM   239 C "C4'" . C   A 1 12 ? 12.045  -4.018  0.500   1.00 94.36  ? 12  C   A "C4'" 1 
ATOM   240 O "O4'" . C   A 1 12 ? 11.081  -5.077  0.737   1.00 97.09  ? 12  C   A "O4'" 1 
ATOM   241 C "C3'" . C   A 1 12 ? 11.427  -3.198  -0.620  1.00 85.47  ? 12  C   A "C3'" 1 
ATOM   242 O "O3'" . C   A 1 12 ? 12.379  -2.439  -1.335  1.00 77.75  ? 12  C   A "O3'" 1 
ATOM   243 C "C2'" . C   A 1 12 ? 10.740  -4.259  -1.461  1.00 84.15  ? 12  C   A "C2'" 1 
ATOM   244 O "O2'" . C   A 1 12 ? 11.694  -4.970  -2.235  1.00 81.81  ? 12  C   A "O2'" 1 
ATOM   245 C "C1'" . C   A 1 12 ? 10.216  -5.194  -0.376  1.00 89.75  ? 12  C   A "C1'" 1 
ATOM   246 N N1    . C   A 1 12 ? 8.846   -4.825  0.060   1.00 90.50  ? 12  C   A N1    1 
ATOM   247 C C2    . C   A 1 12 ? 7.743   -5.206  -0.709  1.00 82.72  ? 12  C   A C2    1 
ATOM   248 O O2    . C   A 1 12 ? 7.937   -5.848  -1.754  1.00 78.05  ? 12  C   A O2    1 
ATOM   249 N N3    . C   A 1 12 ? 6.497   -4.867  -0.299  1.00 78.85  ? 12  C   A N3    1 
ATOM   250 C C4    . C   A 1 12 ? 6.332   -4.180  0.827   1.00 81.07  ? 12  C   A C4    1 
ATOM   251 N N4    . C   A 1 12 ? 5.095   -3.867  1.209   1.00 79.60  ? 12  C   A N4    1 
ATOM   252 C C5    . C   A 1 12 ? 7.430   -3.776  1.625   1.00 90.78  ? 12  C   A C5    1 
ATOM   253 C C6    . C   A 1 12 ? 8.649   -4.119  1.212   1.00 92.62  ? 12  C   A C6    1 
ATOM   254 P P     . G   A 1 13 ? 12.033  -0.928  -1.750  1.00 91.77  ? 13  G   A P     1 
ATOM   255 O OP1   . G   A 1 13 ? 13.283  -0.315  -2.285  1.00 93.20  ? 13  G   A OP1   1 
ATOM   256 O OP2   . G   A 1 13 ? 11.280  -0.256  -0.655  1.00 79.62  ? 13  G   A OP2   1 
ATOM   257 O "O5'" . G   A 1 13 ? 11.017  -1.114  -2.958  1.00 81.45  ? 13  G   A "O5'" 1 
ATOM   258 C "C5'" . G   A 1 13 ? 11.335  -1.954  -4.058  1.00 72.52  ? 13  G   A "C5'" 1 
ATOM   259 C "C4'" . G   A 1 13 ? 10.123  -2.228  -4.913  1.00 66.70  ? 13  G   A "C4'" 1 
ATOM   260 O "O4'" . G   A 1 13 ? 9.216   -3.131  -4.225  1.00 67.82  ? 13  G   A "O4'" 1 
ATOM   261 C "C3'" . G   A 1 13 ? 9.250   -1.032  -5.252  1.00 56.96  ? 13  G   A "C3'" 1 
ATOM   262 O "O3'" . G   A 1 13 ? 9.769   -0.246  -6.304  1.00 56.03  ? 13  G   A "O3'" 1 
ATOM   263 C "C2'" . G   A 1 13 ? 7.938   -1.689  -5.611  1.00 57.48  ? 13  G   A "C2'" 1 
ATOM   264 O "O2'" . G   A 1 13 ? 8.032   -2.235  -6.907  1.00 63.74  ? 13  G   A "O2'" 1 
ATOM   265 C "C1'" . G   A 1 13 ? 7.888   -2.843  -4.607  1.00 65.65  ? 13  G   A "C1'" 1 
ATOM   266 N N9    . G   A 1 13 ? 7.091   -2.464  -3.425  1.00 66.99  ? 13  G   A N9    1 
ATOM   267 C C8    . G   A 1 13 ? 7.462   -2.080  -2.154  1.00 69.75  ? 13  G   A C8    1 
ATOM   268 N N7    . G   A 1 13 ? 6.445   -1.778  -1.387  1.00 62.52  ? 13  G   A N7    1 
ATOM   269 C C5    . G   A 1 13 ? 5.344   -1.958  -2.210  1.00 60.74  ? 13  G   A C5    1 
ATOM   270 C C6    . G   A 1 13 ? 3.962   -1.782  -1.955  1.00 54.54  ? 13  G   A C6    1 
ATOM   271 O O6    . G   A 1 13 ? 3.410   -1.424  -0.906  1.00 55.82  ? 13  G   A O6    1 
ATOM   272 N N1    . G   A 1 13 ? 3.213   -2.064  -3.089  1.00 52.05  ? 13  G   A N1    1 
ATOM   273 C C2    . G   A 1 13 ? 3.713   -2.478  -4.304  1.00 56.74  ? 13  G   A C2    1 
ATOM   274 N N2    . G   A 1 13 ? 2.838   -2.719  -5.284  1.00 56.68  ? 13  G   A N2    1 
ATOM   275 N N3    . G   A 1 13 ? 4.993   -2.654  -4.560  1.00 60.79  ? 13  G   A N3    1 
ATOM   276 C C4    . G   A 1 13 ? 5.733   -2.372  -3.467  1.00 62.96  ? 13  G   A C4    1 
ATOM   277 P P     . C   A 1 14 ? 9.280   1.270   -6.482  1.00 60.73  ? 14  C   A P     1 
ATOM   278 O OP1   . C   A 1 14 ? 10.044  1.956   -7.565  1.00 65.90  ? 14  C   A OP1   1 
ATOM   279 O OP2   . C   A 1 14 ? 9.243   1.878   -5.128  1.00 57.02  ? 14  C   A OP2   1 
ATOM   280 O "O5'" . C   A 1 14 ? 7.825   1.112   -7.106  1.00 59.75  ? 14  C   A "O5'" 1 
ATOM   281 C "C5'" . C   A 1 14 ? 7.670   0.500   -8.377  1.00 55.31  ? 14  C   A "C5'" 1 
ATOM   282 C "C4'" . C   A 1 14 ? 6.234   0.465   -8.832  1.00 51.50  ? 14  C   A "C4'" 1 
ATOM   283 O "O4'" . C   A 1 14 ? 5.447   -0.392  -7.964  1.00 54.26  ? 14  C   A "O4'" 1 
ATOM   284 C "C3'" . C   A 1 14 ? 5.499   1.785   -8.789  1.00 48.12  ? 14  C   A "C3'" 1 
ATOM   285 O "O3'" . C   A 1 14 ? 5.806   2.624   -9.878  1.00 46.47  ? 14  C   A "O3'" 1 
ATOM   286 C "C2'" . C   A 1 14 ? 4.049   1.343   -8.762  1.00 47.51  ? 14  C   A "C2'" 1 
ATOM   287 O "O2'" . C   A 1 14 ? 3.677   0.889   -10.047 1.00 44.94  ? 14  C   A "O2'" 1 
ATOM   288 C "C1'" . C   A 1 14 ? 4.133   0.126   -7.850  1.00 53.51  ? 14  C   A "C1'" 1 
ATOM   289 N N1    . C   A 1 14 ? 3.853   0.468   -6.429  1.00 52.95  ? 14  C   A N1    1 
ATOM   290 C C2    . C   A 1 14 ? 2.517   0.548   -5.988  1.00 51.33  ? 14  C   A C2    1 
ATOM   291 O O2    . C   A 1 14 ? 1.574   0.335   -6.773  1.00 50.79  ? 14  C   A O2    1 
ATOM   292 N N3    . C   A 1 14 ? 2.262   0.868   -4.698  1.00 53.24  ? 14  C   A N3    1 
ATOM   293 C C4    . C   A 1 14 ? 3.266   1.090   -3.855  1.00 51.62  ? 14  C   A C4    1 
ATOM   294 N N4    . C   A 1 14 ? 2.967   1.394   -2.594  1.00 45.76  ? 14  C   A N4    1 
ATOM   295 C C5    . C   A 1 14 ? 4.620   1.014   -4.276  1.00 50.69  ? 14  C   A C5    1 
ATOM   296 C C6    . C   A 1 14 ? 4.871   0.708   -5.550  1.00 49.06  ? 14  C   A C6    1 
ATOM   297 P P     . U   A 1 15 ? 5.701   4.212   -9.669  1.00 57.72  ? 15  U   A P     1 
ATOM   298 O OP1   . U   A 1 15 ? 6.059   4.935   -10.917 1.00 45.64  ? 15  U   A OP1   1 
ATOM   299 O OP2   . U   A 1 15 ? 6.373   4.491   -8.367  1.00 53.02  ? 15  U   A OP2   1 
ATOM   300 O "O5'" . U   A 1 15 ? 4.144   4.474   -9.477  1.00 48.43  ? 15  U   A "O5'" 1 
ATOM   301 C "C5'" . U   A 1 15 ? 3.235   4.142   -10.506 1.00 45.59  ? 15  U   A "C5'" 1 
ATOM   302 C "C4'" . U   A 1 15 ? 1.836   4.340   -10.030 1.00 46.91  ? 15  U   A "C4'" 1 
ATOM   303 O "O4'" . U   A 1 15 ? 1.620   3.524   -8.860  1.00 45.38  ? 15  U   A "O4'" 1 
ATOM   304 C "C3'" . U   A 1 15 ? 1.497   5.746   -9.555  1.00 42.07  ? 15  U   A "C3'" 1 
ATOM   305 O "O3'" . U   A 1 15 ? 1.195   6.621   -10.630 1.00 41.75  ? 15  U   A "O3'" 1 
ATOM   306 C "C2'" . U   A 1 15 ? 0.311   5.499   -8.651  1.00 40.28  ? 15  U   A "C2'" 1 
ATOM   307 O "O2'" . U   A 1 15 ? -0.846  5.315   -9.448  1.00 43.36  ? 15  U   A "O2'" 1 
ATOM   308 C "C1'" . U   A 1 15 ? 0.669   4.144   -8.029  1.00 43.49  ? 15  U   A "C1'" 1 
ATOM   309 N N1    . U   A 1 15 ? 1.219   4.267   -6.673  1.00 46.35  ? 15  U   A N1    1 
ATOM   310 C C2    . U   A 1 15 ? 0.312   4.437   -5.654  1.00 49.73  ? 15  U   A C2    1 
ATOM   311 O O2    . U   A 1 15 ? -0.889  4.485   -5.878  1.00 48.92  ? 15  U   A O2    1 
ATOM   312 N N3    . U   A 1 15 ? 0.836   4.554   -4.387  1.00 46.36  ? 15  U   A N3    1 
ATOM   313 C C4    . U   A 1 15 ? 2.166   4.481   -4.068  1.00 46.26  ? 15  U   A C4    1 
ATOM   314 O O4    . U   A 1 15 ? 2.524   4.573   -2.895  1.00 47.42  ? 15  U   A O4    1 
ATOM   315 C C5    . U   A 1 15 ? 3.030   4.295   -5.182  1.00 44.33  ? 15  U   A C5    1 
ATOM   316 C C6    . U   A 1 15 ? 2.550   4.195   -6.421  1.00 45.71  ? 15  U   A C6    1 
ATOM   317 P P     . A   A 1 16 ? 1.460   8.220   -10.517 1.00 55.79  ? 16  A   A P     1 
ATOM   318 O OP1   . A   A 1 16 ? 1.416   8.852   -11.863 1.00 59.66  ? 16  A   A OP1   1 
ATOM   319 O OP2   . A   A 1 16 ? 2.573   8.529   -9.569  1.00 46.20  ? 16  A   A OP2   1 
ATOM   320 O "O5'" . A   A 1 16 ? 0.155   8.754   -9.811  1.00 50.77  ? 16  A   A "O5'" 1 
ATOM   321 C "C5'" . A   A 1 16 ? 0.202   9.034   -8.434  1.00 44.11  ? 16  A   A "C5'" 1 
ATOM   322 C "C4'" . A   A 1 16 ? -1.160  9.248   -7.881  1.00 42.19  ? 16  A   A "C4'" 1 
ATOM   323 O "O4'" . A   A 1 16 ? -1.244  8.414   -6.711  1.00 48.14  ? 16  A   A "O4'" 1 
ATOM   324 C "C3'" . A   A 1 16 ? -1.357  10.673  -7.401  1.00 48.73  ? 16  A   A "C3'" 1 
ATOM   325 O "O3'" . A   A 1 16 ? -2.744  11.000  -7.369  1.00 52.18  ? 16  A   A "O3'" 1 
ATOM   326 C "C2'" . A   A 1 16 ? -0.774  10.630  -5.993  1.00 54.21  ? 16  A   A "C2'" 1 
ATOM   327 O "O2'" . A   A 1 16 ? -1.275  11.621  -5.101  1.00 55.55  ? 16  A   A "O2'" 1 
ATOM   328 C "C1'" . A   A 1 16 ? -1.117  9.202   -5.537  1.00 49.79  ? 16  A   A "C1'" 1 
ATOM   329 N N9    . A   A 1 16 ? -0.049  8.613   -4.722  1.00 46.53  ? 16  A   A N9    1 
ATOM   330 C C8    . A   A 1 16 ? 1.179   8.169   -5.152  1.00 43.96  ? 16  A   A C8    1 
ATOM   331 N N7    . A   A 1 16 ? 1.944   7.703   -4.201  1.00 39.94  ? 16  A   A N7    1 
ATOM   332 C C5    . A   A 1 16 ? 1.166   7.864   -3.072  1.00 41.79  ? 16  A   A C5    1 
ATOM   333 C C6    . A   A 1 16 ? 1.411   7.569   -1.738  1.00 43.11  ? 16  A   A C6    1 
ATOM   334 N N6    . A   A 1 16 ? 2.556   7.024   -1.322  1.00 44.21  ? 16  A   A N6    1 
ATOM   335 N N1    . A   A 1 16 ? 0.440   7.834   -0.844  1.00 43.56  ? 16  A   A N1    1 
ATOM   336 C C2    . A   A 1 16 ? -0.697  8.370   -1.284  1.00 48.31  ? 16  A   A C2    1 
ATOM   337 N N3    . A   A 1 16 ? -1.048  8.708   -2.516  1.00 46.14  ? 16  A   A N3    1 
ATOM   338 C C4    . A   A 1 16 ? -0.059  8.416   -3.369  1.00 45.09  ? 16  A   A C4    1 
ATOM   339 P P     . A   A 1 17 ? -3.332  12.133  -8.353  1.00 55.39  ? 17  A   A P     1 
ATOM   340 O OP1   . A   A 1 17 ? -3.362  11.629  -9.745  1.00 59.78  ? 17  A   A OP1   1 
ATOM   341 O OP2   . A   A 1 17 ? -2.597  13.400  -8.053  1.00 56.37  ? 17  A   A OP2   1 
ATOM   342 O "O5'" . A   A 1 17 ? -4.864  12.248  -7.893  1.00 54.02  ? 17  A   A "O5'" 1 
ATOM   343 C "C5'" . A   A 1 17 ? -5.935  11.995  -8.790  1.00 49.07  ? 17  A   A "C5'" 1 
ATOM   344 C "C4'" . A   A 1 17 ? -7.174  11.520  -8.056  1.00 51.77  ? 17  A   A "C4'" 1 
ATOM   345 O "O4'" . A   A 1 17 ? -6.986  10.146  -7.615  1.00 48.57  ? 17  A   A "O4'" 1 
ATOM   346 C "C3'" . A   A 1 17 ? -7.548  12.279  -6.787  1.00 53.12  ? 17  A   A "C3'" 1 
ATOM   347 O "O3'" . A   A 1 17 ? -8.304  13.453  -7.050  1.00 53.54  ? 17  A   A "O3'" 1 
ATOM   348 C "C2'" . A   A 1 17 ? -8.326  11.236  -5.992  1.00 53.05  ? 17  A   A "C2'" 1 
ATOM   349 O "O2'" . A   A 1 17 ? -9.656  11.120  -6.486  1.00 46.44  ? 17  A   A "O2'" 1 
ATOM   350 C "C1'" . A   A 1 17 ? -7.566  9.953   -6.347  1.00 49.25  ? 17  A   A "C1'" 1 
ATOM   351 N N9    . A   A 1 17 ? -6.476  9.678   -5.397  1.00 44.44  ? 17  A   A N9    1 
ATOM   352 C C8    . A   A 1 17 ? -5.135  9.792   -5.653  1.00 50.20  ? 17  A   A C8    1 
ATOM   353 N N7    . A   A 1 17 ? -4.363  9.516   -4.625  1.00 47.64  ? 17  A   A N7    1 
ATOM   354 C C5    . A   A 1 17 ? -5.264  9.188   -3.621  1.00 47.51  ? 17  A   A C5    1 
ATOM   355 C C6    . A   A 1 17 ? -5.073  8.777   -2.271  1.00 50.07  ? 17  A   A C6    1 
ATOM   356 N N6    . A   A 1 17 ? -3.877  8.613   -1.663  1.00 50.62  ? 17  A   A N6    1 
ATOM   357 N N1    . A   A 1 17 ? -6.181  8.530   -1.541  1.00 43.88  ? 17  A   A N1    1 
ATOM   358 C C2    . A   A 1 17 ? -7.363  8.692   -2.158  1.00 43.97  ? 17  A   A C2    1 
ATOM   359 N N3    . A   A 1 17 ? -7.674  9.055   -3.400  1.00 42.81  ? 17  A   A N3    1 
ATOM   360 C C4    . A   A 1 17 ? -6.564  9.293   -4.093  1.00 43.45  ? 17  A   A C4    1 
ATOM   361 P P     . G   A 1 18 ? -7.987  14.866  -6.313  1.00 60.12  ? 18  G   A P     1 
ATOM   362 O OP1   . G   A 1 18 ? -9.003  15.839  -6.825  1.00 59.30  ? 18  G   A OP1   1 
ATOM   363 O OP2   . G   A 1 18 ? -6.539  15.193  -6.403  1.00 56.68  ? 18  G   A OP2   1 
ATOM   364 O "O5'" . G   A 1 18 ? -8.293  14.612  -4.778  1.00 44.15  ? 18  G   A "O5'" 1 
ATOM   365 C "C5'" . G   A 1 18 ? -9.570  14.180  -4.359  1.00 46.20  ? 18  G   A "C5'" 1 
ATOM   366 C "C4'" . G   A 1 18 ? -9.510  13.662  -2.946  1.00 51.50  ? 18  G   A "C4'" 1 
ATOM   367 O "O4'" . G   A 1 18 ? -8.867  12.352  -2.901  1.00 54.59  ? 18  G   A "O4'" 1 
ATOM   368 C "C3'" . G   A 1 18 ? -8.694  14.499  -1.981  1.00 48.63  ? 18  G   A "C3'" 1 
ATOM   369 O "O3'" . G   A 1 18 ? -9.417  15.616  -1.503  1.00 51.42  ? 18  G   A "O3'" 1 
ATOM   370 C "C2'" . G   A 1 18 ? -8.363  13.490  -0.896  1.00 50.22  ? 18  G   A "C2'" 1 
ATOM   371 O "O2'" . G   A 1 18 ? -9.515  13.279  -0.094  1.00 46.13  ? 18  G   A "O2'" 1 
ATOM   372 C "C1'" . G   A 1 18 ? -8.088  12.240  -1.734  1.00 44.58  ? 18  G   A "C1'" 1 
ATOM   373 N N9    . G   A 1 18 ? -6.689  12.224  -2.176  1.00 44.71  ? 18  G   A N9    1 
ATOM   374 C C8    . G   A 1 18 ? -6.249  12.507  -3.440  1.00 48.45  ? 18  G   A C8    1 
ATOM   375 N N7    . G   A 1 18 ? -4.948  12.457  -3.567  1.00 48.15  ? 18  G   A N7    1 
ATOM   376 C C5    . G   A 1 18 ? -4.506  12.132  -2.299  1.00 46.73  ? 18  G   A C5    1 
ATOM   377 C C6    . G   A 1 18 ? -3.179  11.946  -1.828  1.00 49.11  ? 18  G   A C6    1 
ATOM   378 O O6    . G   A 1 18 ? -2.122  12.047  -2.484  1.00 51.52  ? 18  G   A O6    1 
ATOM   379 N N1    . G   A 1 18 ? -3.168  11.631  -0.466  1.00 47.55  ? 18  G   A N1    1 
ATOM   380 C C2    . G   A 1 18 ? -4.297  11.511  0.329   1.00 48.78  ? 18  G   A C2    1 
ATOM   381 N N2    . G   A 1 18 ? -4.110  11.216  1.626   1.00 38.94  ? 18  G   A N2    1 
ATOM   382 N N3    . G   A 1 18 ? -5.538  11.678  -0.115  1.00 48.95  ? 18  G   A N3    1 
ATOM   383 C C4    . G   A 1 18 ? -5.567  11.985  -1.429  1.00 47.00  ? 18  G   A C4    1 
ATOM   384 P P     . G   A 1 19 ? -8.666  16.958  -1.032  1.00 51.13  ? 19  G   A P     1 
ATOM   385 O OP1   . G   A 1 19 ? -9.745  17.737  -0.392  1.00 54.68  ? 19  G   A OP1   1 
ATOM   386 O OP2   . G   A 1 19 ? -7.932  17.582  -2.176  1.00 47.93  ? 19  G   A OP2   1 
ATOM   387 O "O5'" . G   A 1 19 ? -7.615  16.481  0.085   1.00 40.48  ? 19  G   A "O5'" 1 
ATOM   388 C "C5'" . G   A 1 19 ? -8.034  16.147  1.395   1.00 41.95  ? 19  G   A "C5'" 1 
ATOM   389 C "C4'" . G   A 1 19 ? -6.848  15.890  2.289   1.00 47.26  ? 19  G   A "C4'" 1 
ATOM   390 O "O4'" . G   A 1 19 ? -6.167  14.693  1.855   1.00 47.74  ? 19  G   A "O4'" 1 
ATOM   391 C "C3'" . G   A 1 19 ? -5.765  16.963  2.274   1.00 48.12  ? 19  G   A "C3'" 1 
ATOM   392 O "O3'" . G   A 1 19 ? -6.061  18.036  3.146   1.00 45.28  ? 19  G   A "O3'" 1 
ATOM   393 C "C2'" . G   A 1 19 ? -4.522  16.188  2.672   1.00 44.01  ? 19  G   A "C2'" 1 
ATOM   394 O "O2'" . G   A 1 19 ? -4.481  15.973  4.066   1.00 52.14  ? 19  G   A "O2'" 1 
ATOM   395 C "C1'" . G   A 1 19 ? -4.771  14.852  1.991   1.00 48.34  ? 19  G   A "C1'" 1 
ATOM   396 N N9    . G   A 1 19 ? -4.164  14.876  0.657   1.00 46.46  ? 19  G   A N9    1 
ATOM   397 C C8    . G   A 1 19 ? -4.771  15.079  -0.553  1.00 47.00  ? 19  G   A C8    1 
ATOM   398 N N7    . G   A 1 19 ? -3.914  15.128  -1.545  1.00 45.63  ? 19  G   A N7    1 
ATOM   399 C C5    . G   A 1 19 ? -2.681  14.956  -0.937  1.00 48.28  ? 19  G   A C5    1 
ATOM   400 C C6    . G   A 1 19 ? -1.388  14.902  -1.514  1.00 50.91  ? 19  G   A C6    1 
ATOM   401 O O6    . G   A 1 19 ? -1.102  14.993  -2.725  1.00 50.64  ? 19  G   A O6    1 
ATOM   402 N N1    . G   A 1 19 ? -0.406  14.720  -0.535  1.00 49.34  ? 19  G   A N1    1 
ATOM   403 C C2    . G   A 1 19 ? -0.646  14.602  0.814   1.00 47.79  ? 19  G   A C2    1 
ATOM   404 N N2    . G   A 1 19 ? 0.436   14.441  1.592   1.00 46.42  ? 19  G   A N2    1 
ATOM   405 N N3    . G   A 1 19 ? -1.856  14.642  1.358   1.00 45.14  ? 19  G   A N3    1 
ATOM   406 C C4    . G   A 1 19 ? -2.815  14.813  0.425   1.00 47.43  ? 19  G   A C4    1 
ATOM   407 P P     . A   A 1 20 ? -5.467  19.502  2.906   1.00 50.46  ? 20  A   A P     1 
ATOM   408 O OP1   . A   A 1 20 ? -5.958  20.254  4.080   1.00 57.96  ? 20  A   A OP1   1 
ATOM   409 O OP2   . A   A 1 20 ? -5.840  20.070  1.588   1.00 47.53  ? 20  A   A OP2   1 
ATOM   410 O "O5'" . A   A 1 20 ? -3.896  19.318  3.075   1.00 48.44  ? 20  A   A "O5'" 1 
ATOM   411 C "C5'" . A   A 1 20 ? -3.362  19.119  4.372   1.00 45.28  ? 20  A   A "C5'" 1 
ATOM   412 C "C4'" . A   A 1 20 ? -1.866  18.967  4.362   1.00 49.15  ? 20  A   A "C4'" 1 
ATOM   413 O "O4'" . A   A 1 20 ? -1.487  17.817  3.563   1.00 51.00  ? 20  A   A "O4'" 1 
ATOM   414 C "C3'" . A   A 1 20 ? -1.057  20.106  3.763   1.00 48.63  ? 20  A   A "C3'" 1 
ATOM   415 O "O3'" . A   A 1 20 ? -0.875  21.175  4.661   1.00 47.50  ? 20  A   A "O3'" 1 
ATOM   416 C "C2'" . A   A 1 20 ? 0.248   19.421  3.436   1.00 51.95  ? 20  A   A "C2'" 1 
ATOM   417 O "O2'" . A   A 1 20 ? 0.975   19.216  4.637   1.00 55.42  ? 20  A   A "O2'" 1 
ATOM   418 C "C1'" . A   A 1 20 ? -0.248  18.062  2.934   1.00 50.18  ? 20  A   A "C1'" 1 
ATOM   419 N N9    . A   A 1 20 ? -0.452  18.072  1.471   1.00 45.29  ? 20  A   A N9    1 
ATOM   420 C C8    . A   A 1 20 ? -1.646  18.160  0.816   1.00 45.53  ? 20  A   A C8    1 
ATOM   421 N N7    . A   A 1 20 ? -1.514  18.179  -0.492  1.00 48.28  ? 20  A   A N7    1 
ATOM   422 C C5    . A   A 1 20 ? -0.148  18.103  -0.713  1.00 47.93  ? 20  A   A C5    1 
ATOM   423 C C6    . A   A 1 20 ? 0.618   18.062  -1.901  1.00 46.31  ? 20  A   A C6    1 
ATOM   424 N N6    . A   A 1 20 ? 0.076   18.109  -3.110  1.00 46.09  ? 20  A   A N6    1 
ATOM   425 N N1    . A   A 1 20 ? 1.953   17.976  -1.821  1.00 41.92  ? 20  A   A N1    1 
ATOM   426 C C2    . A   A 1 20 ? 2.441   17.920  -0.581  1.00 47.06  ? 20  A   A C2    1 
ATOM   427 N N3    . A   A 1 20 ? 1.836   17.943  0.615   1.00 46.89  ? 20  A   A N3    1 
ATOM   428 C C4    . A   A 1 20 ? 0.513   18.038  0.488   1.00 45.45  ? 20  A   A C4    1 
ATOM   429 P P     . U   A 1 21 ? -1.037  22.690  4.164   1.00 54.47  ? 21  U   A P     1 
ATOM   430 O OP1   . U   A 1 21 ? -0.987  23.444  5.438   1.00 72.35  ? 21  U   A OP1   1 
ATOM   431 O OP2   . U   A 1 21 ? -2.160  22.858  3.202   1.00 54.21  ? 21  U   A OP2   1 
ATOM   432 O "O5'" . U   A 1 21 ? 0.290   22.999  3.337   1.00 54.56  ? 21  U   A "O5'" 1 
ATOM   433 C "C5'" . U   A 1 21 ? 1.564   22.804  3.932   1.00 53.38  ? 21  U   A "C5'" 1 
ATOM   434 C "C4'" . U   A 1 21 ? 2.666   22.805  2.906   1.00 48.45  ? 21  U   A "C4'" 1 
ATOM   435 O "O4'" . U   A 1 21 ? 2.602   21.591  2.114   1.00 52.58  ? 21  U   A "O4'" 1 
ATOM   436 C "C3'" . U   A 1 21 ? 2.626   23.917  1.878   1.00 50.56  ? 21  U   A "C3'" 1 
ATOM   437 O "O3'" . U   A 1 21 ? 3.153   25.136  2.371   1.00 51.83  ? 21  U   A "O3'" 1 
ATOM   438 C "C2'" . U   A 1 21 ? 3.434   23.329  0.735   1.00 50.13  ? 21  U   A "C2'" 1 
ATOM   439 O "O2'" . U   A 1 21 ? 4.817   23.426  1.009   1.00 53.20  ? 21  U   A "O2'" 1 
ATOM   440 C "C1'" . U   A 1 21 ? 3.041   21.854  0.802   1.00 48.45  ? 21  U   A "C1'" 1 
ATOM   441 N N1    . U   A 1 21 ? 1.947   21.567  -0.140  1.00 50.65  ? 21  U   A N1    1 
ATOM   442 C C2    . U   A 1 21 ? 2.316   21.355  -1.455  1.00 50.04  ? 21  U   A C2    1 
ATOM   443 O O2    . U   A 1 21 ? 3.487   21.362  -1.801  1.00 51.15  ? 21  U   A O2    1 
ATOM   444 N N3    . U   A 1 21 ? 1.284   21.124  -2.335  1.00 44.59  ? 21  U   A N3    1 
ATOM   445 C C4    . U   A 1 21 ? -0.059  21.103  -2.018  1.00 47.48  ? 21  U   A C4    1 
ATOM   446 O O4    . U   A 1 21 ? -0.908  20.882  -2.896  1.00 56.26  ? 21  U   A O4    1 
ATOM   447 C C5    . U   A 1 21 ? -0.339  21.336  -0.633  1.00 48.06  ? 21  U   A C5    1 
ATOM   448 C C6    . U   A 1 21 ? 0.636   21.560  0.249   1.00 47.98  ? 21  U   A C6    1 
ATOM   449 P P     . G   A 1 22 ? 2.479   26.541  1.961   1.00 57.12  ? 22  G   A P     1 
ATOM   450 O OP1   . G   A 1 22 ? 3.142   27.528  2.846   1.00 65.11  ? 22  G   A OP1   1 
ATOM   451 O OP2   . G   A 1 22 ? 1.005   26.480  1.782   1.00 47.51  ? 22  G   A OP2   1 
ATOM   452 O "O5'" . G   A 1 22 ? 3.005   26.825  0.489   1.00 62.63  ? 22  G   A "O5'" 1 
ATOM   453 C "C5'" . G   A 1 22 ? 4.397   26.868  0.228   1.00 58.55  ? 22  G   A "C5'" 1 
ATOM   454 C "C4'" . G   A 1 22 ? 4.691   26.670  -1.230  1.00 52.20  ? 22  G   A "C4'" 1 
ATOM   455 O "O4'" . G   A 1 22 ? 4.451   25.285  -1.591  1.00 57.42  ? 22  G   A "O4'" 1 
ATOM   456 C "C3'" . G   A 1 22 ? 3.818   27.440  -2.202  1.00 48.38  ? 22  G   A "C3'" 1 
ATOM   457 O "O3'" . G   A 1 22 ? 4.148   28.811  -2.316  1.00 55.18  ? 22  G   A "O3'" 1 
ATOM   458 C "C2'" . G   A 1 22 ? 4.008   26.647  -3.482  1.00 48.08  ? 22  G   A "C2'" 1 
ATOM   459 O "O2'" . G   A 1 22 ? 5.274   26.918  -4.056  1.00 50.77  ? 22  G   A "O2'" 1 
ATOM   460 C "C1'" . G   A 1 22 ? 4.010   25.217  -2.931  1.00 55.70  ? 22  G   A "C1'" 1 
ATOM   461 N N9    . G   A 1 22 ? 2.632   24.722  -2.968  1.00 53.55  ? 22  G   A N9    1 
ATOM   462 C C8    . G   A 1 22 ? 1.682   24.795  -1.981  1.00 55.55  ? 22  G   A C8    1 
ATOM   463 N N7    . G   A 1 22 ? 0.516   24.364  -2.377  1.00 53.78  ? 22  G   A N7    1 
ATOM   464 C C5    . G   A 1 22 ? 0.728   24.017  -3.704  1.00 52.41  ? 22  G   A C5    1 
ATOM   465 C C6    . G   A 1 22 ? -0.177  23.491  -4.644  1.00 51.87  ? 22  G   A C6    1 
ATOM   466 O O6    . G   A 1 22 ? -1.377  23.211  -4.457  1.00 60.05  ? 22  G   A O6    1 
ATOM   467 N N1    . G   A 1 22 ? 0.459   23.286  -5.870  1.00 49.64  ? 22  G   A N1    1 
ATOM   468 C C2    . G   A 1 22 ? 1.778   23.540  -6.160  1.00 46.77  ? 22  G   A C2    1 
ATOM   469 N N2    . G   A 1 22 ? 2.186   23.281  -7.412  1.00 44.13  ? 22  G   A N2    1 
ATOM   470 N N3    . G   A 1 22 ? 2.621   24.036  -5.286  1.00 49.28  ? 22  G   A N3    1 
ATOM   471 C C4    . G   A 1 22 ? 2.025   24.247  -4.094  1.00 51.66  ? 22  G   A C4    1 
ATOM   472 P P     . A   A 1 23 ? 2.969   29.914  -2.301  1.00 50.38  ? 23  A   A P     1 
ATOM   473 O OP1   . A   A 1 23 ? 3.606   31.186  -1.901  1.00 59.97  ? 23  A   A OP1   1 
ATOM   474 O OP2   . A   A 1 23 ? 1.818   29.357  -1.534  1.00 57.87  ? 23  A   A OP2   1 
ATOM   475 O "O5'" . A   A 1 23 ? 2.542   30.059  -3.818  1.00 42.33  ? 23  A   A "O5'" 1 
ATOM   476 C "C5'" . A   A 1 23 ? 1.198   30.252  -4.199  1.00 41.16  ? 23  A   A "C5'" 1 
ATOM   477 C "C4'" . A   A 1 23 ? 1.152   30.548  -5.667  1.00 44.53  ? 23  A   A "C4'" 1 
ATOM   478 O "O4'" . A   A 1 23 ? 2.248   31.443  -5.969  1.00 46.90  ? 23  A   A "O4'" 1 
ATOM   479 C "C3'" . A   A 1 23 ? 1.373   29.346  -6.565  1.00 45.38  ? 23  A   A "C3'" 1 
ATOM   480 O "O3'" . A   A 1 23 ? 0.145   28.723  -6.884  1.00 49.43  ? 23  A   A "O3'" 1 
ATOM   481 C "C2'" . A   A 1 23 ? 2.090   29.933  -7.783  1.00 50.17  ? 23  A   A "C2'" 1 
ATOM   482 O "O2'" . A   A 1 23 ? 1.164   30.498  -8.697  1.00 51.10  ? 23  A   A "O2'" 1 
ATOM   483 C "C1'" . A   A 1 23 ? 2.871   31.082  -7.170  1.00 43.09  ? 23  A   A "C1'" 1 
ATOM   484 N N9    . A   A 1 23 ? 4.288   30.793  -6.874  1.00 46.08  ? 23  A   A N9    1 
ATOM   485 C C8    . A   A 1 23 ? 4.866   30.805  -5.622  1.00 48.05  ? 23  A   A C8    1 
ATOM   486 N N7    . A   A 1 23 ? 6.163   30.565  -5.635  1.00 50.65  ? 23  A   A N7    1 
ATOM   487 C C5    . A   A 1 23 ? 6.448   30.420  -6.992  1.00 45.75  ? 23  A   A C5    1 
ATOM   488 C C6    . A   A 1 23 ? 7.646   30.181  -7.663  1.00 43.51  ? 23  A   A C6    1 
ATOM   489 N N6    . A   A 1 23 ? 8.805   30.030  -7.038  1.00 43.24  ? 23  A   A N6    1 
ATOM   490 N N1    . A   A 1 23 ? 7.622   30.093  -8.997  1.00 42.99  ? 23  A   A N1    1 
ATOM   491 C C2    . A   A 1 23 ? 6.442   30.250  -9.603  1.00 47.89  ? 23  A   A C2    1 
ATOM   492 N N3    . A   A 1 23 ? 5.240   30.484  -9.091  1.00 46.85  ? 23  A   A N3    1 
ATOM   493 C C4    . A   A 1 23 ? 5.313   30.551  -7.760  1.00 43.08  ? 23  A   A C4    1 
ATOM   494 P P     . A   A 1 24 ? -0.020  27.130  -6.791  1.00 55.91  ? 24  A   A P     1 
ATOM   495 O OP1   . A   A 1 24 ? -1.447  26.839  -7.120  1.00 53.56  ? 24  A   A OP1   1 
ATOM   496 O OP2   . A   A 1 24 ? 0.595   26.650  -5.509  1.00 43.13  ? 24  A   A OP2   1 
ATOM   497 O "O5'" . A   A 1 24 ? 0.801   26.600  -8.059  1.00 53.29  ? 24  A   A "O5'" 1 
ATOM   498 C "C5'" . A   A 1 24 ? 0.265   26.698  -9.376  1.00 49.21  ? 24  A   A "C5'" 1 
ATOM   499 C "C4'" . A   A 1 24 ? 1.362   26.739  -10.407 1.00 48.59  ? 24  A   A "C4'" 1 
ATOM   500 O "O4'" . A   A 1 24 ? 2.388   27.633  -9.925  1.00 47.66  ? 24  A   A "O4'" 1 
ATOM   501 C "C3'" . A   A 1 24 ? 2.092   25.430  -10.665 1.00 43.45  ? 24  A   A "C3'" 1 
ATOM   502 O "O3'" . A   A 1 24 ? 1.432   24.652  -11.643 1.00 47.46  ? 24  A   A "O3'" 1 
ATOM   503 C "C2'" . A   A 1 24 ? 3.470   25.889  -11.110 1.00 45.01  ? 24  A   A "C2'" 1 
ATOM   504 O "O2'" . A   A 1 24 ? 3.450   26.286  -12.473 1.00 44.02  ? 24  A   A "O2'" 1 
ATOM   505 C "C1'" . A   A 1 24 ? 3.655   27.156  -10.285 1.00 44.17  ? 24  A   A "C1'" 1 
ATOM   506 N N9    . A   A 1 24 ? 4.437   26.976  -9.056  1.00 43.57  ? 24  A   A N9    1 
ATOM   507 C C8    . A   A 1 24 ? 4.027   26.862  -7.743  1.00 46.97  ? 24  A   A C8    1 
ATOM   508 N N7    . A   A 1 24 ? 5.026   26.787  -6.881  1.00 44.88  ? 24  A   A N7    1 
ATOM   509 C C5    . A   A 1 24 ? 6.151   26.862  -7.698  1.00 43.75  ? 24  A   A C5    1 
ATOM   510 C C6    . A   A 1 24 ? 7.537   26.824  -7.448  1.00 43.28  ? 24  A   A C6    1 
ATOM   511 N N6    . A   A 1 24 ? 8.101   26.711  -6.242  1.00 37.51  ? 24  A   A N6    1 
ATOM   512 N N1    . A   A 1 24 ? 8.363   26.919  -8.522  1.00 44.29  ? 24  A   A N1    1 
ATOM   513 C C2    . A   A 1 24 ? 7.838   27.038  -9.746  1.00 43.65  ? 24  A   A C2    1 
ATOM   514 N N3    . A   A 1 24 ? 6.562   27.085  -10.104 1.00 43.07  ? 24  A   A N3    1 
ATOM   515 C C4    . A   A 1 24 ? 5.786   26.991  -9.027  1.00 41.22  ? 24  A   A C4    1 
ATOM   516 P P     . A   A 1 25 ? 1.291   23.056  -11.467 1.00 50.81  ? 25  A   A P     1 
ATOM   517 O OP1   . A   A 1 25 ? 0.438   22.631  -12.589 1.00 51.09  ? 25  A   A OP1   1 
ATOM   518 O OP2   . A   A 1 25 ? 0.911   22.684  -10.053 1.00 42.36  ? 25  A   A OP2   1 
ATOM   519 O "O5'" . A   A 1 25 ? 2.758   22.517  -11.791 1.00 48.98  ? 25  A   A "O5'" 1 
ATOM   520 C "C5'" . A   A 1 25 ? 3.199   22.351  -13.125 1.00 43.68  ? 25  A   A "C5'" 1 
ATOM   521 C "C4'" . A   A 1 25 ? 4.699   22.355  -13.197 1.00 44.85  ? 25  A   A "C4'" 1 
ATOM   522 O "O4'" . A   A 1 25 ? 5.200   23.538  -12.522 1.00 43.59  ? 25  A   A "O4'" 1 
ATOM   523 C "C3'" . A   A 1 25 ? 5.413   21.200  -12.497 1.00 49.40  ? 25  A   A "C3'" 1 
ATOM   524 O "O3'" . A   A 1 25 ? 5.493   20.011  -13.272 1.00 51.63  ? 25  A   A "O3'" 1 
ATOM   525 C "C2'" . A   A 1 25 ? 6.771   21.804  -12.217 1.00 47.44  ? 25  A   A "C2'" 1 
ATOM   526 O "O2'" . A   A 1 25 ? 7.504   21.899  -13.433 1.00 46.61  ? 25  A   A "O2'" 1 
ATOM   527 C "C1'" . A   A 1 25 ? 6.368   23.217  -11.798 1.00 46.53  ? 25  A   A "C1'" 1 
ATOM   528 N N9    . A   A 1 25 ? 6.068   23.260  -10.348 1.00 46.85  ? 25  A   A N9    1 
ATOM   529 C C8    . A   A 1 25 ? 4.853   23.060  -9.740  1.00 42.71  ? 25  A   A C8    1 
ATOM   530 N N7    . A   A 1 25 ? 4.899   23.119  -8.440  1.00 39.40  ? 25  A   A N7    1 
ATOM   531 C C5    . A   A 1 25 ? 6.215   23.391  -8.161  1.00 36.59  ? 25  A   A C5    1 
ATOM   532 C C6    . A   A 1 25 ? 6.872   23.574  -6.941  1.00 42.42  ? 25  A   A C6    1 
ATOM   533 N N6    . A   A 1 25 ? 6.248   23.504  -5.753  1.00 40.77  ? 25  A   A N6    1 
ATOM   534 N N1    . A   A 1 25 ? 8.216   23.797  -6.983  1.00 42.39  ? 25  A   A N1    1 
ATOM   535 C C2    . A   A 1 25 ? 8.804   23.835  -8.197  1.00 41.76  ? 25  A   A C2    1 
ATOM   536 N N3    . A   A 1 25 ? 8.283   23.690  -9.413  1.00 36.49  ? 25  A   A N3    1 
ATOM   537 C C4    . A   A 1 25 ? 6.965   23.459  -9.317  1.00 39.22  ? 25  A   A C4    1 
ATOM   538 P P     . G   A 1 26 ? 4.811   18.667  -12.737 1.00 52.47  ? 26  G   A P     1 
ATOM   539 O OP1   . G   A 1 26 ? 4.933   17.620  -13.766 1.00 54.67  ? 26  G   A OP1   1 
ATOM   540 O OP2   . G   A 1 26 ? 3.476   19.051  -12.183 1.00 52.48  ? 26  G   A OP2   1 
ATOM   541 O "O5'" . G   A 1 26 ? 5.630   18.244  -11.445 1.00 46.09  ? 26  G   A "O5'" 1 
ATOM   542 C "C5'" . G   A 1 26 ? 7.011   17.973  -11.494 1.00 43.22  ? 26  G   A "C5'" 1 
ATOM   543 C "C4'" . G   A 1 26 ? 7.686   18.384  -10.208 1.00 52.27  ? 26  G   A "C4'" 1 
ATOM   544 O "O4'" . G   A 1 26 ? 7.121   19.630  -9.736  1.00 55.18  ? 26  G   A "O4'" 1 
ATOM   545 C "C3'" . G   A 1 26 ? 7.556   17.450  -9.016  1.00 44.48  ? 26  G   A "C3'" 1 
ATOM   546 O "O3'" . G   A 1 26 ? 8.528   16.428  -9.053  1.00 50.85  ? 26  G   A "O3'" 1 
ATOM   547 C "C2'" . G   A 1 26 ? 7.822   18.374  -7.852  1.00 46.87  ? 26  G   A "C2'" 1 
ATOM   548 O "O2'" . G   A 1 26 ? 9.218   18.582  -7.764  1.00 49.10  ? 26  G   A "O2'" 1 
ATOM   549 C "C1'" . G   A 1 26 ? 7.185   19.674  -8.330  1.00 46.77  ? 26  G   A "C1'" 1 
ATOM   550 N N9    . G   A 1 26 ? 5.831   19.860  -7.806  1.00 46.78  ? 26  G   A N9    1 
ATOM   551 C C8    . G   A 1 26 ? 4.651   19.789  -8.502  1.00 46.29  ? 26  G   A C8    1 
ATOM   552 N N7    . G   A 1 26 ? 3.609   20.017  -7.752  1.00 43.88  ? 26  G   A N7    1 
ATOM   553 C C5    . G   A 1 26 ? 4.142   20.257  -6.480  1.00 48.14  ? 26  G   A C5    1 
ATOM   554 C C6    . G   A 1 26 ? 3.512   20.586  -5.239  1.00 46.76  ? 26  G   A C6    1 
ATOM   555 O O6    . G   A 1 26 ? 2.310   20.742  -4.966  1.00 46.85  ? 26  G   A O6    1 
ATOM   556 N N1    . G   A 1 26 ? 4.453   20.743  -4.231  1.00 47.85  ? 26  G   A N1    1 
ATOM   557 C C2    . G   A 1 26 ? 5.808   20.632  -4.377  1.00 44.34  ? 26  G   A C2    1 
ATOM   558 N N2    . G   A 1 26 ? 6.510   20.836  -3.264  1.00 43.92  ? 26  G   A N2    1 
ATOM   559 N N3    . G   A 1 26 ? 6.423   20.333  -5.514  1.00 45.80  ? 26  G   A N3    1 
ATOM   560 C C4    . G   A 1 26 ? 5.526   20.165  -6.510  1.00 48.38  ? 26  G   A C4    1 
ATOM   561 P P     . U   A 1 27 ? 8.234   14.985  -8.421  1.00 44.05  ? 27  U   A P     1 
ATOM   562 O OP1   . U   A 1 27 ? 9.426   14.173  -8.769  1.00 48.50  ? 27  U   A OP1   1 
ATOM   563 O OP2   . U   A 1 27 ? 6.848   14.572  -8.822  1.00 47.39  ? 27  U   A OP2   1 
ATOM   564 O "O5'" . U   A 1 27 ? 8.293   15.192  -6.848  1.00 43.44  ? 27  U   A "O5'" 1 
ATOM   565 C "C5'" . U   A 1 27 ? 9.548   15.399  -6.235  1.00 44.11  ? 27  U   A "C5'" 1 
ATOM   566 C "C4'" . U   A 1 27 ? 9.390   15.864  -4.824  1.00 44.63  ? 27  U   A "C4'" 1 
ATOM   567 O "O4'" . U   A 1 27 ? 8.559   17.051  -4.765  1.00 43.70  ? 27  U   A "O4'" 1 
ATOM   568 C "C3'" . U   A 1 27 ? 8.686   14.882  -3.938  1.00 44.33  ? 27  U   A "C3'" 1 
ATOM   569 O "O3'" . U   A 1 27 ? 9.574   13.891  -3.488  1.00 47.68  ? 27  U   A "O3'" 1 
ATOM   570 C "C2'" . U   A 1 27 ? 8.149   15.761  -2.825  1.00 46.91  ? 27  U   A "C2'" 1 
ATOM   571 O "O2'" . U   A 1 27 ? 9.184   16.062  -1.900  1.00 45.44  ? 27  U   A "O2'" 1 
ATOM   572 C "C1'" . U   A 1 27 ? 7.784   17.028  -3.594  1.00 40.63  ? 27  U   A "C1'" 1 
ATOM   573 N N1    . U   A 1 27 ? 6.367   17.070  -3.997  1.00 46.62  ? 27  U   A N1    1 
ATOM   574 C C2    . U   A 1 27 ? 5.444   17.430  -3.035  1.00 47.92  ? 27  U   A C2    1 
ATOM   575 O O2    . U   A 1 27 ? 5.787   17.676  -1.899  1.00 46.35  ? 27  U   A O2    1 
ATOM   576 N N3    . U   A 1 27 ? 4.128   17.493  -3.449  1.00 49.74  ? 27  U   A N3    1 
ATOM   577 C C4    . U   A 1 27 ? 3.665   17.240  -4.732  1.00 50.19  ? 27  U   A C4    1 
ATOM   578 O O4    . U   A 1 27 ? 2.461   17.346  -4.996  1.00 45.31  ? 27  U   A O4    1 
ATOM   579 C C5    . U   A 1 27 ? 4.694   16.884  -5.668  1.00 46.13  ? 27  U   A C5    1 
ATOM   580 C C6    . U   A 1 27 ? 5.976   16.812  -5.287  1.00 47.30  ? 27  U   A C6    1 
ATOM   581 P P     . C   A 1 28 ? 9.043   12.397  -3.261  1.00 42.85  ? 28  C   A P     1 
ATOM   582 O OP1   . C   A 1 28 ? 10.246  11.530  -3.091  1.00 58.27  ? 28  C   A OP1   1 
ATOM   583 O OP2   . C   A 1 28 ? 8.081   12.051  -4.340  1.00 48.02  ? 28  C   A OP2   1 
ATOM   584 O "O5'" . C   A 1 28 ? 8.199   12.519  -1.913  1.00 48.00  ? 28  C   A "O5'" 1 
ATOM   585 C "C5'" . C   A 1 28 ? 8.803   12.915  -0.695  1.00 38.91  ? 28  C   A "C5'" 1 
ATOM   586 C "C4'" . C   A 1 28 ? 7.775   13.114  0.386   1.00 38.96  ? 28  C   A "C4'" 1 
ATOM   587 O "O4'" . C   A 1 28 ? 6.946   14.245  0.054   1.00 44.06  ? 28  C   A "O4'" 1 
ATOM   588 C "C3'" . C   A 1 28 ? 6.772   12.002  0.596   1.00 39.25  ? 28  C   A "C3'" 1 
ATOM   589 O "O3'" . C   A 1 28 ? 7.285   10.970  1.380   1.00 44.36  ? 28  C   A "O3'" 1 
ATOM   590 C "C2'" . C   A 1 28 ? 5.654   12.712  1.303   1.00 41.16  ? 28  C   A "C2'" 1 
ATOM   591 O "O2'" . C   A 1 28 ? 6.039   12.924  2.649   1.00 47.47  ? 28  C   A "O2'" 1 
ATOM   592 C "C1'" . C   A 1 28 ? 5.667   14.061  0.601   1.00 43.31  ? 28  C   A "C1'" 1 
ATOM   593 N N1    . C   A 1 28 ? 4.691   14.146  -0.494  1.00 43.34  ? 28  C   A N1    1 
ATOM   594 C C2    . C   A 1 28 ? 3.364   14.392  -0.175  1.00 48.10  ? 28  C   A C2    1 
ATOM   595 O O2    . C   A 1 28 ? 3.073   14.493  1.018   1.00 51.43  ? 28  C   A O2    1 
ATOM   596 N N3    . C   A 1 28 ? 2.442   14.508  -1.152  1.00 47.57  ? 28  C   A N3    1 
ATOM   597 C C4    . C   A 1 28 ? 2.848   14.386  -2.410  1.00 44.42  ? 28  C   A C4    1 
ATOM   598 N N4    . C   A 1 28 ? 1.940   14.495  -3.365  1.00 42.54  ? 28  C   A N4    1 
ATOM   599 C C5    . C   A 1 28 ? 4.199   14.134  -2.759  1.00 46.21  ? 28  C   A C5    1 
ATOM   600 C C6    . C   A 1 28 ? 5.094   14.028  -1.777  1.00 43.34  ? 28  C   A C6    1 
ATOM   601 P P     . U   A 1 29 ? 6.815   9.477   1.095   1.00 49.56  ? 29  U   A P     1 
ATOM   602 O OP1   . U   A 1 29 ? 7.582   8.620   2.029   1.00 50.84  ? 29  U   A OP1   1 
ATOM   603 O OP2   . U   A 1 29 ? 6.879   9.225   -0.388  1.00 49.78  ? 29  U   A OP2   1 
ATOM   604 O "O5'" . U   A 1 29 ? 5.289   9.505   1.548   1.00 47.00  ? 29  U   A "O5'" 1 
ATOM   605 C "C5'" . U   A 1 29 ? 4.955   9.649   2.912   1.00 45.10  ? 29  U   A "C5'" 1 
ATOM   606 C "C4'" . U   A 1 29 ? 3.477   9.811   3.071   1.00 47.06  ? 29  U   A "C4'" 1 
ATOM   607 O "O4'" . U   A 1 29 ? 3.040   10.984  2.345   1.00 51.99  ? 29  U   A "O4'" 1 
ATOM   608 C "C3'" . U   A 1 29 ? 2.622   8.701   2.500   1.00 47.24  ? 29  U   A "C3'" 1 
ATOM   609 O "O3'" . U   A 1 29 ? 2.518   7.618   3.391   1.00 46.64  ? 29  U   A "O3'" 1 
ATOM   610 C "C2'" . U   A 1 29 ? 1.291   9.387   2.329   1.00 45.94  ? 29  U   A "C2'" 1 
ATOM   611 O "O2'" . U   A 1 29 ? 0.696   9.476   3.608   1.00 48.70  ? 29  U   A "O2'" 1 
ATOM   612 C "C1'" . U   A 1 29 ? 1.718   10.793  1.894   1.00 45.99  ? 29  U   A "C1'" 1 
ATOM   613 N N1    . U   A 1 29 ? 1.677   10.953  0.420   1.00 49.03  ? 29  U   A N1    1 
ATOM   614 C C2    . U   A 1 29 ? 0.473   11.276  -0.159  1.00 49.01  ? 29  U   A C2    1 
ATOM   615 O O2    . U   A 1 29 ? -0.530  11.457  0.492   1.00 52.54  ? 29  U   A O2    1 
ATOM   616 N N3    . U   A 1 29 ? 0.451   11.383  -1.522  1.00 47.36  ? 29  U   A N3    1 
ATOM   617 C C4    . U   A 1 29 ? 1.501   11.201  -2.374  1.00 46.32  ? 29  U   A C4    1 
ATOM   618 O O4    . U   A 1 29 ? 1.324   11.331  -3.592  1.00 49.08  ? 29  U   A O4    1 
ATOM   619 C C5    . U   A 1 29 ? 2.719   10.869  -1.711  1.00 44.23  ? 29  U   A C5    1 
ATOM   620 C C6    . U   A 1 29 ? 2.774   10.757  -0.377  1.00 47.44  ? 29  U   A C6    1 
ATOM   621 P P     . A   A 1 30 ? 2.487   6.117   2.836   1.00 46.63  ? 30  A   A P     1 
ATOM   622 O OP1   . A   A 1 30 ? 2.901   5.210   3.938   1.00 48.30  ? 30  A   A OP1   1 
ATOM   623 O OP2   . A   A 1 30 ? 3.260   6.115   1.574   1.00 46.99  ? 30  A   A OP2   1 
ATOM   624 O "O5'" . A   A 1 30 ? 0.960   5.846   2.455   1.00 51.21  ? 30  A   A "O5'" 1 
ATOM   625 C "C5'" . A   A 1 30 ? -0.108  6.213   3.324   1.00 47.36  ? 30  A   A "C5'" 1 
ATOM   626 C "C4'" . A   A 1 30 ? -1.360  5.393   3.075   1.00 45.84  ? 30  A   A "C4'" 1 
ATOM   627 O "O4'" . A   A 1 30 ? -1.928  5.719   1.775   1.00 45.90  ? 30  A   A "O4'" 1 
ATOM   628 C "C3'" . A   A 1 30 ? -1.177  3.877   3.090   1.00 47.63  ? 30  A   A "C3'" 1 
ATOM   629 O "O3'" . A   A 1 30 ? -2.336  3.261   3.645   1.00 49.77  ? 30  A   A "O3'" 1 
ATOM   630 C "C2'" . A   A 1 30 ? -1.147  3.531   1.608   1.00 47.21  ? 30  A   A "C2'" 1 
ATOM   631 O "O2'" . A   A 1 30 ? -1.557  2.213   1.337   1.00 47.71  ? 30  A   A "O2'" 1 
ATOM   632 C "C1'" . A   A 1 30 ? -2.153  4.528   1.056   1.00 44.36  ? 30  A   A "C1'" 1 
ATOM   633 N N9    . A   A 1 30 ? -2.045  4.796   -0.378  1.00 43.50  ? 30  A   A N9    1 
ATOM   634 C C8    . A   A 1 30 ? -0.945  4.821   -1.184  1.00 45.80  ? 30  A   A C8    1 
ATOM   635 N N7    . A   A 1 30 ? -1.207  5.089   -2.439  1.00 44.31  ? 30  A   A N7    1 
ATOM   636 C C5    . A   A 1 30 ? -2.583  5.247   -2.469  1.00 45.44  ? 30  A   A C5    1 
ATOM   637 C C6    . A   A 1 30 ? -3.497  5.561   -3.502  1.00 46.36  ? 30  A   A C6    1 
ATOM   638 N N6    . A   A 1 30 ? -3.173  5.801   -4.779  1.00 43.00  ? 30  A   A N6    1 
ATOM   639 N N1    . A   A 1 30 ? -4.803  5.651   -3.169  1.00 47.20  ? 30  A   A N1    1 
ATOM   640 C C2    . A   A 1 30 ? -5.139  5.426   -1.895  1.00 45.26  ? 30  A   A C2    1 
ATOM   641 N N3    . A   A 1 30 ? -4.374  5.131   -0.845  1.00 41.40  ? 30  A   A N3    1 
ATOM   642 C C4    . A   A 1 30 ? -3.096  5.060   -1.206  1.00 42.25  ? 30  A   A C4    1 
ATOM   643 P P     . U   A 1 31 ? -2.600  3.241   5.231   1.00 55.82  ? 31  U   A P     1 
ATOM   644 O OP1   . U   A 1 31 ? -2.241  4.530   5.882   1.00 53.20  ? 31  U   A OP1   1 
ATOM   645 O OP2   . U   A 1 31 ? -2.064  1.936   5.729   1.00 49.02  ? 31  U   A OP2   1 
ATOM   646 O "O5'" . U   A 1 31 ? -4.182  3.226   5.312   1.00 44.33  ? 31  U   A "O5'" 1 
ATOM   647 C "C5'" . U   A 1 31 ? -4.887  2.053   4.940   1.00 47.23  ? 31  U   A "C5'" 1 
ATOM   648 C "C4'" . U   A 1 31 ? -6.068  2.368   4.075   1.00 43.72  ? 31  U   A "C4'" 1 
ATOM   649 O "O4'" . U   A 1 31 ? -6.880  3.375   4.724   1.00 46.79  ? 31  U   A "O4'" 1 
ATOM   650 C "C3'" . U   A 1 31 ? -5.725  2.921   2.700   1.00 47.65  ? 31  U   A "C3'" 1 
ATOM   651 O "O3'" . U   A 1 31 ? -6.703  2.474   1.795   1.00 45.18  ? 31  U   A "O3'" 1 
ATOM   652 C "C2'" . U   A 1 31 ? -5.928  4.416   2.860   1.00 47.20  ? 31  U   A "C2'" 1 
ATOM   653 O "O2'" . U   A 1 31 ? -6.286  5.044   1.647   1.00 47.63  ? 31  U   A "O2'" 1 
ATOM   654 C "C1'" . U   A 1 31 ? -7.090  4.451   3.839   1.00 49.95  ? 31  U   A "C1'" 1 
ATOM   655 N N1    . U   A 1 31 ? -7.181  5.685   4.625   1.00 50.20  ? 31  U   A N1    1 
ATOM   656 C C2    . U   A 1 31 ? -8.302  6.490   4.445   1.00 52.15  ? 31  U   A C2    1 
ATOM   657 O O2    . U   A 1 31 ? -9.205  6.221   3.680   1.00 49.64  ? 31  U   A O2    1 
ATOM   658 N N3    . U   A 1 31 ? -8.371  7.637   5.195   1.00 53.53  ? 31  U   A N3    1 
ATOM   659 C C4    . U   A 1 31 ? -7.429  8.049   6.106   1.00 54.44  ? 31  U   A C4    1 
ATOM   660 O O4    . U   A 1 31 ? -7.621  9.101   6.711   1.00 59.11  ? 31  U   A O4    1 
ATOM   661 C C5    . U   A 1 31 ? -6.296  7.169   6.243   1.00 60.10  ? 31  U   A C5    1 
ATOM   662 C C6    . U   A 1 31 ? -6.199  6.036   5.516   1.00 54.73  ? 31  U   A C6    1 
ATOM   663 P P     . G   A 1 32 ? -6.779  0.941   1.416   1.00 41.34  ? 32  G   A P     1 
ATOM   664 O OP1   . G   A 1 32 ? -8.104  0.458   1.867   1.00 50.52  ? 32  G   A OP1   1 
ATOM   665 O OP2   . G   A 1 32 ? -5.551  0.246   1.864   1.00 47.80  ? 32  G   A OP2   1 
ATOM   666 O "O5'" . G   A 1 32 ? -6.771  0.992   -0.166  1.00 50.03  ? 32  G   A "O5'" 1 
ATOM   667 C "C5'" . G   A 1 32 ? -7.742  1.735   -0.880  1.00 42.20  ? 32  G   A "C5'" 1 
ATOM   668 C "C4'" . G   A 1 32 ? -7.463  1.628   -2.355  1.00 43.16  ? 32  G   A "C4'" 1 
ATOM   669 O "O4'" . G   A 1 32 ? -6.412  2.560   -2.717  1.00 41.48  ? 32  G   A "O4'" 1 
ATOM   670 C "C3'" . G   A 1 32 ? -6.934  0.271   -2.770  1.00 44.94  ? 32  G   A "C3'" 1 
ATOM   671 O "O3'" . G   A 1 32 ? -7.970  -0.658  -3.036  1.00 46.23  ? 32  G   A "O3'" 1 
ATOM   672 C "C2'" . G   A 1 32 ? -6.039  0.579   -3.960  1.00 42.00  ? 32  G   A "C2'" 1 
ATOM   673 O "O2'" . G   A 1 32 ? -6.804  0.701   -5.154  1.00 40.73  ? 32  G   A "O2'" 1 
ATOM   674 C "C1'" . G   A 1 32 ? -5.485  1.945   -3.574  1.00 45.51  ? 32  G   A "C1'" 1 
ATOM   675 N N9    . G   A 1 32 ? -4.215  1.864   -2.835  1.00 45.16  ? 32  G   A N9    1 
ATOM   676 C C8    . G   A 1 32 ? -4.032  2.032   -1.494  1.00 40.77  ? 32  G   A C8    1 
ATOM   677 N N7    . G   A 1 32 ? -2.781  1.943   -1.157  1.00 41.24  ? 32  G   A N7    1 
ATOM   678 C C5    . G   A 1 32 ? -2.108  1.722   -2.341  1.00 42.54  ? 32  G   A C5    1 
ATOM   679 C C6    . G   A 1 32 ? -0.734  1.550   -2.616  1.00 45.61  ? 32  G   A C6    1 
ATOM   680 O O6    . G   A 1 32 ? 0.228   1.542   -1.833  1.00 47.22  ? 32  G   A O6    1 
ATOM   681 N N1    . G   A 1 32 ? -0.509  1.360   -3.973  1.00 45.06  ? 32  G   A N1    1 
ATOM   682 C C2    . G   A 1 32 ? -1.480  1.318   -4.938  1.00 46.08  ? 32  G   A C2    1 
ATOM   683 N N2    . G   A 1 32 ? -1.109  1.097   -6.219  1.00 48.21  ? 32  G   A N2    1 
ATOM   684 N N3    . G   A 1 32 ? -2.748  1.481   -4.673  1.00 45.08  ? 32  G   A N3    1 
ATOM   685 C C4    . G   A 1 32 ? -2.981  1.680   -3.378  1.00 43.26  ? 32  G   A C4    1 
ATOM   686 P P     . C   A 1 33 ? -7.615  -2.224  -3.022  1.00 47.72  ? 33  C   A P     1 
ATOM   687 O OP1   . C   A 1 33 ? -8.814  -2.982  -3.473  1.00 47.78  ? 33  C   A OP1   1 
ATOM   688 O OP2   . C   A 1 33 ? -6.972  -2.537  -1.723  1.00 40.10  ? 33  C   A OP2   1 
ATOM   689 O "O5'" . C   A 1 33 ? -6.471  -2.322  -4.139  1.00 45.78  ? 33  C   A "O5'" 1 
ATOM   690 C "C5'" . C   A 1 33 ? -5.557  -3.401  -4.202  1.00 45.20  ? 33  C   A "C5'" 1 
ATOM   691 C "C4'" . C   A 1 33 ? -4.478  -3.108  -5.203  1.00 43.83  ? 33  C   A "C4'" 1 
ATOM   692 O "O4'" . C   A 1 33 ? -3.817  -1.880  -4.831  1.00 48.39  ? 33  C   A "O4'" 1 
ATOM   693 C "C3'" . C   A 1 33 ? -3.352  -4.116  -5.296  1.00 41.90  ? 33  C   A "C3'" 1 
ATOM   694 O "O3'" . C   A 1 33 ? -3.691  -5.202  -6.114  1.00 44.47  ? 33  C   A "O3'" 1 
ATOM   695 C "C2'" . C   A 1 33 ? -2.214  -3.288  -5.861  1.00 48.53  ? 33  C   A "C2'" 1 
ATOM   696 O "O2'" . C   A 1 33 ? -2.364  -3.080  -7.261  1.00 48.46  ? 33  C   A "O2'" 1 
ATOM   697 C "C1'" . C   A 1 33 ? -2.447  -1.958  -5.154  1.00 48.87  ? 33  C   A "C1'" 1 
ATOM   698 N N1    . C   A 1 33 ? -1.683  -1.875  -3.898  1.00 46.03  ? 33  C   A N1    1 
ATOM   699 C C2    . C   A 1 33 ? -0.292  -1.837  -3.983  1.00 44.87  ? 33  C   A C2    1 
ATOM   700 O O2    . C   A 1 33 ? 0.250   -1.859  -5.103  1.00 48.02  ? 33  C   A O2    1 
ATOM   701 N N3    . C   A 1 33 ? 0.405   -1.752  -2.829  1.00 46.12  ? 33  C   A N3    1 
ATOM   702 C C4    . C   A 1 33 ? -0.223  -1.716  -1.652  1.00 43.76  ? 33  C   A C4    1 
ATOM   703 N N4    . C   A 1 33 ? 0.534   -1.635  -0.562  1.00 44.33  ? 33  C   A N4    1 
ATOM   704 C C5    . C   A 1 33 ? -1.645  -1.745  -1.542  1.00 40.65  ? 33  C   A C5    1 
ATOM   705 C C6    . C   A 1 33 ? -2.334  -1.831  -2.688  1.00 44.86  ? 33  C   A C6    1 
ATOM   706 P P     . G   A 1 34 ? -3.683  -6.690  -5.529  1.00 47.17  ? 34  G   A P     1 
ATOM   707 O OP1   . G   A 1 34 ? -4.692  -7.378  -6.351  1.00 41.94  ? 34  G   A OP1   1 
ATOM   708 O OP2   . G   A 1 34 ? -3.822  -6.689  -4.041  1.00 50.85  ? 34  G   A OP2   1 
ATOM   709 O "O5'" . G   A 1 34 ? -2.244  -7.225  -5.939  1.00 47.49  ? 34  G   A "O5'" 1 
ATOM   710 C "C5'" . G   A 1 34 ? -1.872  -7.241  -7.302  1.00 44.93  ? 34  G   A "C5'" 1 
ATOM   711 C "C4'" . G   A 1 34 ? -0.385  -7.229  -7.441  1.00 50.53  ? 34  G   A "C4'" 1 
ATOM   712 O "O4'" . G   A 1 34 ? 0.147   -5.995  -6.914  1.00 50.72  ? 34  G   A "O4'" 1 
ATOM   713 C "C3'" . G   A 1 34 ? 0.365   -8.288  -6.663  1.00 56.32  ? 34  G   A "C3'" 1 
ATOM   714 O "O3'" . G   A 1 34 ? 0.323   -9.561  -7.266  1.00 59.03  ? 34  G   A "O3'" 1 
ATOM   715 C "C2'" . G   A 1 34 ? 1.758   -7.709  -6.615  1.00 55.51  ? 34  G   A "C2'" 1 
ATOM   716 O "O2'" . G   A 1 34 ? 2.361   -7.865  -7.885  1.00 53.89  ? 34  G   A "O2'" 1 
ATOM   717 C "C1'" . G   A 1 34 ? 1.447   -6.230  -6.411  1.00 58.00  ? 34  G   A "C1'" 1 
ATOM   718 N N9    . G   A 1 34 ? 1.490   -5.864  -4.988  1.00 56.67  ? 34  G   A N9    1 
ATOM   719 C C8    . G   A 1 34 ? 0.437   -5.584  -4.167  1.00 55.01  ? 34  G   A C8    1 
ATOM   720 N N7    . G   A 1 34 ? 0.803   -5.293  -2.950  1.00 54.13  ? 34  G   A N7    1 
ATOM   721 C C5    . G   A 1 34 ? 2.188   -5.383  -2.987  1.00 56.48  ? 34  G   A C5    1 
ATOM   722 C C6    . G   A 1 34 ? 3.136   -5.174  -1.963  1.00 57.46  ? 34  G   A C6    1 
ATOM   723 O O6    . G   A 1 34 ? 2.935   -4.852  -0.785  1.00 60.80  ? 34  G   A O6    1 
ATOM   724 N N1    . G   A 1 34 ? 4.418   -5.382  -2.429  1.00 59.72  ? 34  G   A N1    1 
ATOM   725 C C2    . G   A 1 34 ? 4.739   -5.746  -3.710  1.00 61.80  ? 34  G   A C2    1 
ATOM   726 N N2    . G   A 1 34 ? 6.038   -5.908  -3.979  1.00 67.43  ? 34  G   A N2    1 
ATOM   727 N N3    . G   A 1 34 ? 3.868   -5.943  -4.670  1.00 56.48  ? 34  G   A N3    1 
ATOM   728 C C4    . G   A 1 34 ? 2.622   -5.742  -4.235  1.00 54.83  ? 34  G   A C4    1 
ATOM   729 P P     . A   A 1 35 ? 0.500   -10.865 -6.354  1.00 58.91  ? 35  A   A P     1 
ATOM   730 O OP1   . A   A 1 35 ? 0.219   -12.040 -7.208  1.00 62.22  ? 35  A   A OP1   1 
ATOM   731 O OP2   . A   A 1 35 ? -0.305  -10.704 -5.117  1.00 57.43  ? 35  A   A OP2   1 
ATOM   732 O "O5'" . A   A 1 35 ? 2.049   -10.839 -5.964  1.00 62.30  ? 35  A   A "O5'" 1 
ATOM   733 C "C5'" . A   A 1 35 ? 3.050   -10.992 -6.959  1.00 60.72  ? 35  A   A "C5'" 1 
ATOM   734 C "C4'" . A   A 1 35 ? 4.436   -10.880 -6.376  1.00 74.35  ? 35  A   A "C4'" 1 
ATOM   735 O "O4'" . A   A 1 35 ? 4.632   -9.562  -5.800  1.00 75.48  ? 35  A   A "O4'" 1 
ATOM   736 C "C3'" . A   A 1 35 ? 4.768   -11.828 -5.235  1.00 79.38  ? 35  A   A "C3'" 1 
ATOM   737 O "O3'" . A   A 1 35 ? 5.109   -13.131 -5.677  1.00 80.61  ? 35  A   A "O3'" 1 
ATOM   738 C "C2'" . A   A 1 35 ? 5.901   -11.099 -4.528  1.00 80.35  ? 35  A   A "C2'" 1 
ATOM   739 O "O2'" . A   A 1 35 ? 7.113   -11.228 -5.259  1.00 82.97  ? 35  A   A "O2'" 1 
ATOM   740 C "C1'" . A   A 1 35 ? 5.430   -9.656  -4.641  1.00 72.71  ? 35  A   A "C1'" 1 
ATOM   741 N N9    . A   A 1 35 ? 4.597   -9.280  -3.497  1.00 70.68  ? 35  A   A N9    1 
ATOM   742 C C8    . A   A 1 35 ? 3.231   -9.295  -3.422  1.00 68.52  ? 35  A   A C8    1 
ATOM   743 N N7    . A   A 1 35 ? 2.774   -8.896  -2.261  1.00 68.51  ? 35  A   A N7    1 
ATOM   744 C C5    . A   A 1 35 ? 3.922   -8.611  -1.538  1.00 71.75  ? 35  A   A C5    1 
ATOM   745 C C6    . A   A 1 35 ? 4.114   -8.153  -0.236  1.00 76.74  ? 35  A   A C6    1 
ATOM   746 N N6    . A   A 1 35 ? 3.104   -7.888  0.592   1.00 81.63  ? 35  A   A N6    1 
ATOM   747 N N1    . A   A 1 35 ? 5.383   -7.976  0.180   1.00 78.90  ? 35  A   A N1    1 
ATOM   748 C C2    . A   A 1 35 ? 6.377   -8.253  -0.663  1.00 81.89  ? 35  A   A C2    1 
ATOM   749 N N3    . A   A 1 35 ? 6.325   -8.695  -1.913  1.00 77.99  ? 35  A   A N3    1 
ATOM   750 C C4    . A   A 1 35 ? 5.051   -8.851  -2.286  1.00 73.80  ? 35  A   A C4    1 
ATOM   751 P P     . C   A 1 36 ? 4.746   -14.416 -4.777  1.00 81.35  ? 36  C   A P     1 
ATOM   752 O OP1   . C   A 1 36 ? 5.173   -15.586 -5.579  1.00 89.26  ? 36  C   A OP1   1 
ATOM   753 O OP2   . C   A 1 36 ? 3.352   -14.364 -4.244  1.00 70.84  ? 36  C   A OP2   1 
ATOM   754 O "O5'" . C   A 1 36 ? 5.695   -14.268 -3.510  1.00 88.74  ? 36  C   A "O5'" 1 
ATOM   755 C "C5'" . C   A 1 36 ? 7.105   -14.192 -3.640  1.00 88.92  ? 36  C   A "C5'" 1 
ATOM   756 C "C4'" . C   A 1 36 ? 7.734   -13.848 -2.316  1.00 96.36  ? 36  C   A "C4'" 1 
ATOM   757 O "O4'" . C   A 1 36 ? 7.324   -12.518 -1.913  1.00 100.26 ? 36  C   A "O4'" 1 
ATOM   758 C "C3'" . C   A 1 36 ? 7.299   -14.725 -1.160  1.00 107.02 ? 36  C   A "C3'" 1 
ATOM   759 O "O3'" . C   A 1 36 ? 7.969   -15.972 -1.122  1.00 118.67 ? 36  C   A "O3'" 1 
ATOM   760 C "C2'" . C   A 1 36 ? 7.535   -13.830 0.051   1.00 103.83 ? 36  C   A "C2'" 1 
ATOM   761 O "O2'" . C   A 1 36 ? 8.910   -13.787 0.398   1.00 111.36 ? 36  C   A "O2'" 1 
ATOM   762 C "C1'" . C   A 1 36 ? 7.143   -12.469 -0.511  1.00 101.66 ? 36  C   A "C1'" 1 
ATOM   763 N N1    . C   A 1 36 ? 5.730   -12.129 -0.219  1.00 99.67  ? 36  C   A N1    1 
ATOM   764 C C2    . C   A 1 36 ? 5.467   -11.461 0.976   1.00 96.84  ? 36  C   A C2    1 
ATOM   765 O O2    . C   A 1 36 ? 6.419   -11.199 1.714   1.00 99.92  ? 36  C   A O2    1 
ATOM   766 N N3    . C   A 1 36 ? 4.201   -11.119 1.296   1.00 98.33  ? 36  C   A N3    1 
ATOM   767 C C4    . C   A 1 36 ? 3.199   -11.422 0.463   1.00 99.52  ? 36  C   A C4    1 
ATOM   768 N N4    . C   A 1 36 ? 1.953   -11.068 0.815   1.00 100.22 ? 36  C   A N4    1 
ATOM   769 C C5    . C   A 1 36 ? 3.437   -12.105 -0.772  1.00 91.59  ? 36  C   A C5    1 
ATOM   770 C C6    . C   A 1 36 ? 4.702   -12.436 -1.072  1.00 92.88  ? 36  C   A C6    1 
ATOM   771 P P     . A   A 1 37 ? 7.236   -17.238 -0.464  1.00 123.83 ? 37  A   A P     1 
ATOM   772 O OP1   . A   A 1 37 ? 7.872   -18.467 -1.013  1.00 120.79 ? 37  A   A OP1   1 
ATOM   773 O OP2   . A   A 1 37 ? 5.762   -17.104 -0.624  1.00 119.41 ? 37  A   A OP2   1 
ATOM   774 O "O5'" . A   A 1 37 ? 7.540   -17.038 1.089   1.00 115.63 ? 37  A   A "O5'" 1 
ATOM   775 C "C5'" . A   A 1 37 ? 6.490   -17.082 2.035   1.00 114.63 ? 37  A   A "C5'" 1 
ATOM   776 C "C4'" . A   A 1 37 ? 6.686   -16.072 3.131   1.00 117.06 ? 37  A   A "C4'" 1 
ATOM   777 O "O4'" . A   A 1 37 ? 6.259   -14.773 2.660   1.00 109.38 ? 37  A   A "O4'" 1 
ATOM   778 C "C3'" . A   A 1 37 ? 5.841   -16.317 4.370   1.00 128.97 ? 37  A   A "C3'" 1 
ATOM   779 O "O3'" . A   A 1 37 ? 6.443   -17.223 5.271   1.00 140.38 ? 37  A   A "O3'" 1 
ATOM   780 C "C2'" . A   A 1 37 ? 5.645   -14.922 4.934   1.00 121.70 ? 37  A   A "C2'" 1 
ATOM   781 O "O2'" . A   A 1 37 ? 6.806   -14.483 5.616   1.00 122.48 ? 37  A   A "O2'" 1 
ATOM   782 C "C1'" . A   A 1 37 ? 5.506   -14.119 3.654   1.00 115.95 ? 37  A   A "C1'" 1 
ATOM   783 N N9    . A   A 1 37 ? 4.108   -14.103 3.208   1.00 122.35 ? 37  A   A N9    1 
ATOM   784 C C8    . A   A 1 37 ? 3.561   -14.680 2.082   1.00 120.19 ? 37  A   A C8    1 
ATOM   785 N N7    . A   A 1 37 ? 2.264   -14.489 1.971   1.00 123.35 ? 37  A   A N7    1 
ATOM   786 C C5    . A   A 1 37 ? 1.945   -13.741 3.107   1.00 129.25 ? 37  A   A C5    1 
ATOM   787 C C6    . A   A 1 37 ? 0.731   -13.204 3.592   1.00 134.08 ? 37  A   A C6    1 
ATOM   788 N N6    . A   A 1 37 ? -0.447  -13.338 2.977   1.00 137.04 ? 37  A   A N6    1 
ATOM   789 N N1    . A   A 1 37 ? 0.771   -12.513 4.755   1.00 134.86 ? 37  A   A N1    1 
ATOM   790 C C2    . A   A 1 37 ? 1.948   -12.377 5.386   1.00 132.78 ? 37  A   A C2    1 
ATOM   791 N N3    . A   A 1 37 ? 3.153   -12.824 5.037   1.00 126.60 ? 37  A   A N3    1 
ATOM   792 C C4    . A   A 1 37 ? 3.075   -13.503 3.878   1.00 125.27 ? 37  A   A C4    1 
ATOM   793 P P     . U   A 1 38 ? 5.711   -18.609 5.605   1.00 138.54 ? 38  U   A P     1 
ATOM   794 O OP1   . U   A 1 38 ? 6.586   -19.723 5.129   1.00 132.20 ? 38  U   A OP1   1 
ATOM   795 O OP2   . U   A 1 38 ? 4.296   -18.490 5.163   1.00 126.78 ? 38  U   A OP2   1 
ATOM   796 O "O5'" . U   A 1 38 ? 5.654   -18.623 7.189   1.00 137.72 ? 38  U   A "O5'" 1 
ATOM   797 C "C5'" . U   A 1 38 ? 4.470   -19.026 7.841   1.00 141.03 ? 38  U   A "C5'" 1 
ATOM   798 C "C4'" . U   A 1 38 ? 3.886   -17.914 8.669   1.00 143.09 ? 38  U   A "C4'" 1 
ATOM   799 O "O4'" . U   A 1 38 ? 3.685   -16.722 7.861   1.00 136.49 ? 38  U   A "O4'" 1 
ATOM   800 C "C3'" . U   A 1 38 ? 2.508   -18.197 9.238   1.00 150.83 ? 38  U   A "C3'" 1 
ATOM   801 O "O3'" . U   A 1 38 ? 2.531   -19.061 10.355  1.00 155.75 ? 38  U   A "O3'" 1 
ATOM   802 C "C2'" . U   A 1 38 ? 1.977   -16.801 9.515   1.00 148.25 ? 38  U   A "C2'" 1 
ATOM   803 O "O2'" . U   A 1 38 ? 2.554   -16.260 10.695  1.00 152.60 ? 38  U   A "O2'" 1 
ATOM   804 C "C1'" . U   A 1 38 ? 2.522   -16.041 8.303   1.00 139.99 ? 38  U   A "C1'" 1 
ATOM   805 N N1    . U   A 1 38 ? 1.547   -16.019 7.189   1.00 137.78 ? 38  U   A N1    1 
ATOM   806 C C2    . U   A 1 38 ? 0.297   -15.432 7.380   1.00 142.83 ? 38  U   A C2    1 
ATOM   807 O O2    . U   A 1 38 ? -0.076  -14.916 8.423   1.00 146.23 ? 38  U   A O2    1 
ATOM   808 N N3    . U   A 1 38 ? -0.533  -15.467 6.285   1.00 140.18 ? 38  U   A N3    1 
ATOM   809 C C4    . U   A 1 38 ? -0.248  -16.009 5.048   1.00 142.26 ? 38  U   A C4    1 
ATOM   810 O O4    . U   A 1 38 ? -1.102  -15.958 4.160   1.00 142.73 ? 38  U   A O4    1 
ATOM   811 C C5    . U   A 1 38 ? 1.057   -16.593 4.933   1.00 138.39 ? 38  U   A C5    1 
ATOM   812 C C6    . U   A 1 38 ? 1.890   -16.578 5.980   1.00 135.17 ? 38  U   A C6    1 
ATOM   813 P P     . U   A 1 39 ? 2.352   -20.638 10.118  1.00 160.20 ? 39  U   A P     1 
ATOM   814 O OP1   . U   A 1 39 ? 3.689   -21.288 10.252  1.00 154.27 ? 39  U   A OP1   1 
ATOM   815 O OP2   . U   A 1 39 ? 1.588   -20.820 8.855   1.00 152.88 ? 39  U   A OP2   1 
ATOM   816 O "O5'" . U   A 1 39 ? 1.384   -21.087 11.297  1.00 161.68 ? 39  U   A "O5'" 1 
ATOM   817 C "C5'" . U   A 1 39 ? 0.070   -21.532 11.011  1.00 155.34 ? 39  U   A "C5'" 1 
ATOM   818 C "C4'" . U   A 1 39 ? -0.947  -20.441 11.218  1.00 152.34 ? 39  U   A "C4'" 1 
ATOM   819 O "O4'" . U   A 1 39 ? -0.635  -19.288 10.394  1.00 148.98 ? 39  U   A "O4'" 1 
ATOM   820 C "C3'" . U   A 1 39 ? -2.359  -20.802 10.807  1.00 153.57 ? 39  U   A "C3'" 1 
ATOM   821 O "O3'" . U   A 1 39 ? -3.015  -21.612 11.753  1.00 157.21 ? 39  U   A "O3'" 1 
ATOM   822 C "C2'" . U   A 1 39 ? -3.000  -19.443 10.586  1.00 151.56 ? 39  U   A "C2'" 1 
ATOM   823 O "O2'" . U   A 1 39 ? -3.334  -18.837 11.825  1.00 150.10 ? 39  U   A "O2'" 1 
ATOM   824 C "C1'" . U   A 1 39 ? -1.836  -18.675 9.956   1.00 151.66 ? 39  U   A "C1'" 1 
ATOM   825 N N1    . U   A 1 39 ? -1.887  -18.722 8.472   1.00 149.92 ? 39  U   A N1    1 
ATOM   826 C C2    . U   A 1 39 ? -2.901  -18.038 7.816   1.00 148.36 ? 39  U   A C2    1 
ATOM   827 O O2    . U   A 1 39 ? -3.761  -17.389 8.383   1.00 149.89 ? 39  U   A O2    1 
ATOM   828 N N3    . U   A 1 39 ? -2.884  -18.135 6.447   1.00 147.16 ? 39  U   A N3    1 
ATOM   829 C C4    . U   A 1 39 ? -1.974  -18.829 5.679   1.00 149.19 ? 39  U   A C4    1 
ATOM   830 O O4    . U   A 1 39 ? -2.089  -18.820 4.453   1.00 150.38 ? 39  U   A O4    1 
ATOM   831 C C5    . U   A 1 39 ? -0.955  -19.510 6.421   1.00 148.24 ? 39  U   A C5    1 
ATOM   832 C C6    . U   A 1 39 ? -0.949  -19.434 7.757   1.00 148.99 ? 39  U   A C6    1 
ATOM   833 P P     . A   A 1 40 ? -3.344  -23.129 11.365  1.00 158.82 ? 40  A   A P     1 
ATOM   834 O OP1   . A   A 1 40 ? -3.468  -23.902 12.626  1.00 165.56 ? 40  A   A OP1   1 
ATOM   835 O OP2   . A   A 1 40 ? -2.379  -23.556 10.314  1.00 151.89 ? 40  A   A OP2   1 
ATOM   836 O "O5'" . A   A 1 40 ? -4.785  -23.030 10.709  1.00 149.88 ? 40  A   A "O5'" 1 
ATOM   837 C "C5'" . A   A 1 40 ? -5.831  -22.356 11.386  1.00 150.39 ? 40  A   A "C5'" 1 
ATOM   838 C "C4'" . A   A 1 40 ? -6.997  -22.140 10.466  1.00 154.25 ? 40  A   A "C4'" 1 
ATOM   839 O "O4'" . A   A 1 40 ? -6.795  -20.922 9.695   1.00 154.56 ? 40  A   A "O4'" 1 
ATOM   840 C "C3'" . A   A 1 40 ? -7.193  -23.208 9.401   1.00 153.37 ? 40  A   A "C3'" 1 
ATOM   841 O "O3'" . A   A 1 40 ? -7.793  -24.405 9.874   1.00 153.45 ? 40  A   A "O3'" 1 
ATOM   842 C "C2'" . A   A 1 40 ? -7.990  -22.455 8.348   1.00 151.65 ? 40  A   A "C2'" 1 
ATOM   843 O "O2'" . A   A 1 40 ? -9.332  -22.259 8.769   1.00 149.79 ? 40  A   A "O2'" 1 
ATOM   844 C "C1'" . A   A 1 40 ? -7.272  -21.110 8.375   1.00 151.72 ? 40  A   A "C1'" 1 
ATOM   845 N N9    . A   A 1 40 ? -6.107  -21.140 7.477   1.00 150.22 ? 40  A   A N9    1 
ATOM   846 C C8    . A   A 1 40 ? -4.785  -21.251 7.827   1.00 151.21 ? 40  A   A C8    1 
ATOM   847 N N7    . A   A 1 40 ? -3.971  -21.275 6.802   1.00 151.38 ? 40  A   A N7    1 
ATOM   848 C C5    . A   A 1 40 ? -4.813  -21.185 5.701   1.00 151.53 ? 40  A   A C5    1 
ATOM   849 C C6    . A   A 1 40 ? -4.565  -21.159 4.314   1.00 150.71 ? 40  A   A C6    1 
ATOM   850 N N6    . A   A 1 40 ? -3.344  -21.227 3.774   1.00 149.99 ? 40  A   A N6    1 
ATOM   851 N N1    . A   A 1 40 ? -5.633  -21.062 3.489   1.00 149.15 ? 40  A   A N1    1 
ATOM   852 C C2    . A   A 1 40 ? -6.858  -20.999 4.029   1.00 148.81 ? 40  A   A C2    1 
ATOM   853 N N3    . A   A 1 40 ? -7.218  -21.014 5.312   1.00 149.48 ? 40  A   A N3    1 
ATOM   854 C C4    . A   A 1 40 ? -6.136  -21.109 6.104   1.00 150.73 ? 40  A   A C4    1 
ATOM   855 P P     . U   A 1 41 ? -7.190  -25.837 9.441   1.00 150.74 ? 41  U   A P     1 
ATOM   856 O OP1   . U   A 1 41 ? -7.203  -26.751 10.609  1.00 154.11 ? 41  U   A OP1   1 
ATOM   857 O OP2   . U   A 1 41 ? -5.884  -25.611 8.774   1.00 150.29 ? 41  U   A OP2   1 
ATOM   858 O "O5'" . U   A 1 41 ? -8.245  -26.371 8.371   1.00 144.83 ? 41  U   A "O5'" 1 
ATOM   859 C "C5'" . U   A 1 41 ? -9.626  -26.072 8.512   1.00 143.45 ? 41  U   A "C5'" 1 
ATOM   860 C "C4'" . U   A 1 41 ? -10.241 -25.664 7.198   1.00 145.03 ? 41  U   A "C4'" 1 
ATOM   861 O "O4'" . U   A 1 41 ? -9.633  -24.433 6.717   1.00 145.59 ? 41  U   A "O4'" 1 
ATOM   862 C "C3'" . U   A 1 41 ? -10.040 -26.633 6.048   1.00 146.54 ? 41  U   A "C3'" 1 
ATOM   863 O "O3'" . U   A 1 41 ? -10.901 -27.750 6.089   1.00 148.99 ? 41  U   A "O3'" 1 
ATOM   864 C "C2'" . U   A 1 41 ? -10.231 -25.739 4.832   1.00 147.37 ? 41  U   A "C2'" 1 
ATOM   865 O "O2'" . U   A 1 41 ? -11.607 -25.450 4.624   1.00 143.25 ? 41  U   A "O2'" 1 
ATOM   866 C "C1'" . U   A 1 41 ? -9.526  -24.469 5.305   1.00 147.74 ? 41  U   A "C1'" 1 
ATOM   867 N N1    . U   A 1 41 ? -8.085  -24.489 4.939   1.00 148.35 ? 41  U   A N1    1 
ATOM   868 C C2    . U   A 1 41 ? -7.726  -24.305 3.611   1.00 145.53 ? 41  U   A C2    1 
ATOM   869 O O2    . U   A 1 41 ? -8.532  -24.112 2.716   1.00 145.35 ? 41  U   A O2    1 
ATOM   870 N N3    . U   A 1 41 ? -6.376  -24.351 3.359   1.00 144.11 ? 41  U   A N3    1 
ATOM   871 C C4    . U   A 1 41 ? -5.359  -24.558 4.266   1.00 146.87 ? 41  U   A C4    1 
ATOM   872 O O4    . U   A 1 41 ? -4.184  -24.571 3.882   1.00 148.37 ? 41  U   A O4    1 
ATOM   873 C C5    . U   A 1 41 ? -5.807  -24.745 5.608   1.00 148.04 ? 41  U   A C5    1 
ATOM   874 C C6    . U   A 1 41 ? -7.113  -24.708 5.888   1.00 147.21 ? 41  U   A C6    1 
ATOM   875 P P     . C   A 1 42 ? -10.282 -29.216 5.888   1.00 148.58 ? 42  C   A P     1 
ATOM   876 O OP1   . C   A 1 42 ? -11.302 -30.171 6.388   1.00 153.44 ? 42  C   A OP1   1 
ATOM   877 O OP2   . C   A 1 42 ? -8.908  -29.219 6.464   1.00 138.62 ? 42  C   A OP2   1 
ATOM   878 O "O5'" . C   A 1 42 ? -10.171 -29.379 4.303   1.00 142.35 ? 42  C   A "O5'" 1 
ATOM   879 C "C5'" . C   A 1 42 ? -11.325 -29.279 3.477   1.00 140.83 ? 42  C   A "C5'" 1 
ATOM   880 C "C4'" . C   A 1 42 ? -10.972 -28.946 2.045   1.00 138.50 ? 42  C   A "C4'" 1 
ATOM   881 O "O4'" . C   A 1 42 ? -10.212 -27.708 1.993   1.00 142.13 ? 42  C   A "O4'" 1 
ATOM   882 C "C3'" . C   A 1 42 ? -10.092 -29.947 1.313   1.00 134.60 ? 42  C   A "C3'" 1 
ATOM   883 O "O3'" . C   A 1 42 ? -10.814 -31.066 0.832   1.00 118.67 ? 42  C   A "O3'" 1 
ATOM   884 C "C2'" . C   A 1 42 ? -9.467  -29.101 0.209   1.00 136.50 ? 42  C   A "C2'" 1 
ATOM   885 O "O2'" . C   A 1 42 ? -10.372 -28.936 -0.877  1.00 117.99 ? 42  C   A "O2'" 1 
ATOM   886 C "C1'" . C   A 1 42 ? -9.291  -27.753 0.920   1.00 140.69 ? 42  C   A "C1'" 1 
ATOM   887 N N1    . C   A 1 42 ? -7.912  -27.560 1.450   1.00 143.33 ? 42  C   A N1    1 
ATOM   888 C C2    . C   A 1 42 ? -6.952  -26.961 0.620   1.00 142.29 ? 42  C   A C2    1 
ATOM   889 O O2    . C   A 1 42 ? -7.280  -26.612 -0.524  1.00 141.94 ? 42  C   A O2    1 
ATOM   890 N N3    . C   A 1 42 ? -5.688  -26.775 1.073   1.00 142.09 ? 42  C   A N3    1 
ATOM   891 C C4    . C   A 1 42 ? -5.353  -27.161 2.304   1.00 141.07 ? 42  C   A C4    1 
ATOM   892 N N4    . C   A 1 42 ? -4.092  -26.954 2.696   1.00 140.56 ? 42  C   A N4    1 
ATOM   893 C C5    . C   A 1 42 ? -6.301  -27.770 3.180   1.00 140.65 ? 42  C   A C5    1 
ATOM   894 C C6    . C   A 1 42 ? -7.550  -27.948 2.717   1.00 141.67 ? 42  C   A C6    1 
HETATM 895 S S     . SO4 B 2 .  ? 0.047   18.935  -7.877  0.60 64.17  ? 101 SO4 A S     1 
HETATM 896 O O1    . SO4 B 2 .  ? -0.449  19.705  -6.716  0.60 45.86  ? 101 SO4 A O1    1 
HETATM 897 O O2    . SO4 B 2 .  ? 0.964   19.786  -8.672  0.60 41.69  ? 101 SO4 A O2    1 
HETATM 898 O O3    . SO4 B 2 .  ? -1.070  18.481  -8.716  0.60 43.47  ? 101 SO4 A O3    1 
HETATM 899 O O4    . SO4 B 2 .  ? 0.748   17.718  -7.404  0.60 49.75  ? 101 SO4 A O4    1 
HETATM 900 O O     . HOH C 3 .  ? -2.704  13.338  -4.875  1.00 48.69  ? 201 HOH A O     1 
HETATM 901 O O     . HOH C 3 .  ? 9.401   -0.541  6.464   1.00 96.08  ? 202 HOH A O     1 
HETATM 902 O O     . HOH C 3 .  ? -1.113  27.134  -3.613  1.00 52.39  ? 203 HOH A O     1 
HETATM 903 O O     . HOH C 3 .  ? 9.653   19.869  -5.339  1.00 45.04  ? 204 HOH A O     1 
HETATM 904 O O     . HOH C 3 .  ? 7.993   -1.953  16.559  1.00 135.36 ? 205 HOH A O     1 
HETATM 905 O O     . HOH C 3 .  ? -3.613  24.382  -2.096  1.00 61.08  ? 206 HOH A O     1 
HETATM 906 O O     . HOH C 3 .  ? 5.064   -3.237  -10.041 1.00 55.73  ? 207 HOH A O     1 
HETATM 907 O O     . HOH C 3 .  ? 5.965   6.148   -2.797  1.00 64.07  ? 208 HOH A O     1 
HETATM 908 O O     . HOH C 3 .  ? -9.797  21.221  2.786   1.00 57.25  ? 209 HOH A O     1 
HETATM 909 O O     . HOH C 3 .  ? 5.681   0.998   1.879   1.00 61.56  ? 210 HOH A O     1 
# 
